data_2EXH
#
_entry.id   2EXH
#
_cell.length_a   140.027
_cell.length_b   140.027
_cell.length_c   231.599
_cell.angle_alpha   90.00
_cell.angle_beta   90.00
_cell.angle_gamma   90.00
#
_symmetry.space_group_name_H-M   'P 43 21 2'
#
loop_
_entity.id
_entity.type
_entity.pdbx_description
1 polymer beta-D-xylosidase
2 non-polymer 'CALCIUM ION'
3 non-polymer '2-(N-MORPHOLINO)-ETHANESULFONIC ACID'
4 non-polymer GLYCEROL
5 water water
#
_entity_poly.entity_id   1
_entity_poly.type   'polypeptide(L)'
_entity_poly.pdbx_seq_one_letter_code
;MSKIKNPILTGFHPDPSICRVGDDYYIAVSTFEWFPGVRIYHSKDLKNWRLVARPLNRLSQLNMIGNPDSGGVWAPHLSY
SDGKFWLIYTDVKVVEGQWKDGHNYLVTCDTIDGAWSDPIYLNSSGFDPSLFHDEDGRKYLVNMYWDHRVDHHPFYGIVL
QEYSVEQKKLVGEPKIIFKGTDLRITEGPHLYKINGYYYLLTAEGGTRYNHAATIARSTSLYGPYEVHPDNPLLTSWPYP
RNPLQKAGHASIVHTHTDEWFLVHLTGRPLPREGQPLLEHRGYCPLGRETAIQRLEWKDGWPYVVGGNGPSLEIDGPSVE
EVSWEKDYDEKDDFDGDTLNHHFQTLRIPLGEDIATLKARPGHLRLYGRESLTSRFTQAFVARRWQHFHFVAETKVSFRP
TTFQQSAGLVNYYNTQNWTTLQITWHEEKGRILELMTCDHLVVDQPLRGREIVVPDDIEYVYLRVTVQATTYKYSYSFDG
MNWIDLPVTFESYKLSDDYIKSRAAFTGAFVGMHCRDGSGQNNYADFDYFLYKEL
;
_entity_poly.pdbx_strand_id   A,B,C,D
#
loop_
_chem_comp.id
_chem_comp.type
_chem_comp.name
_chem_comp.formula
CA non-polymer 'CALCIUM ION' 'Ca 2'
GOL non-polymer GLYCEROL 'C3 H8 O3'
MES non-polymer '2-(N-MORPHOLINO)-ETHANESULFONIC ACID' 'C6 H13 N O4 S'
#
# COMPACT_ATOMS: atom_id res chain seq x y z
N LYS A 3 -7.91 25.24 41.01
CA LYS A 3 -8.66 26.45 40.54
C LYS A 3 -8.69 26.55 39.01
N ILE A 4 -7.59 26.16 38.36
CA ILE A 4 -7.54 26.15 36.89
C ILE A 4 -7.71 24.73 36.35
N LYS A 5 -8.74 24.52 35.52
CA LYS A 5 -9.00 23.23 34.90
C LYS A 5 -8.49 23.19 33.46
N ASN A 6 -7.69 22.18 33.15
CA ASN A 6 -7.12 22.01 31.82
C ASN A 6 -8.05 21.25 30.86
N PRO A 7 -7.90 21.47 29.54
CA PRO A 7 -7.12 22.53 28.89
C PRO A 7 -7.70 23.92 29.08
N ILE A 8 -6.83 24.93 29.09
CA ILE A 8 -7.29 26.32 29.21
C ILE A 8 -7.79 26.87 27.88
N LEU A 9 -7.24 26.36 26.78
CA LEU A 9 -7.75 26.65 25.43
C LEU A 9 -8.09 25.32 24.77
N THR A 10 -9.36 25.14 24.44
CA THR A 10 -9.87 23.84 23.94
C THR A 10 -10.10 23.84 22.43
N GLY A 11 -10.04 22.66 21.84
CA GLY A 11 -9.94 22.55 20.40
C GLY A 11 -8.58 23.02 19.93
N PHE A 12 -8.39 22.98 18.62
CA PHE A 12 -7.12 23.30 17.94
C PHE A 12 -6.39 24.56 18.46
N HIS A 13 -5.41 24.33 19.34
CA HIS A 13 -4.62 25.39 19.99
C HIS A 13 -3.23 24.86 20.38
N PRO A 14 -2.40 24.50 19.38
CA PRO A 14 -1.08 23.94 19.68
C PRO A 14 0.01 24.98 19.91
N ASP A 15 1.14 24.53 20.45
CA ASP A 15 2.37 25.31 20.58
C ASP A 15 2.16 26.66 21.27
N PRO A 16 1.63 26.64 22.51
CA PRO A 16 1.38 27.91 23.18
C PRO A 16 2.69 28.63 23.50
N SER A 17 2.75 29.91 23.11
CA SER A 17 3.87 30.78 23.42
C SER A 17 3.36 31.85 24.37
N ILE A 18 3.78 31.81 25.63
CA ILE A 18 3.26 32.74 26.62
C ILE A 18 4.14 33.98 26.75
N CYS A 19 3.51 35.10 27.05
CA CYS A 19 4.19 36.38 27.12
C CYS A 19 3.54 37.23 28.19
N ARG A 20 4.37 37.74 29.10
CA ARG A 20 3.92 38.64 30.15
C ARG A 20 4.27 40.08 29.80
N VAL A 21 3.30 40.97 29.99
CA VAL A 21 3.53 42.41 29.90
C VAL A 21 2.84 42.97 31.12
N GLY A 22 3.63 43.24 32.16
CA GLY A 22 3.09 43.74 33.42
C GLY A 22 2.24 42.71 34.12
N ASP A 23 0.96 43.05 34.33
CA ASP A 23 -0.02 42.12 34.89
C ASP A 23 -0.90 41.47 33.80
N ASP A 24 -0.56 41.74 32.54
CA ASP A 24 -1.27 41.15 31.40
C ASP A 24 -0.51 39.94 30.87
N TYR A 25 -1.27 38.89 30.53
CA TYR A 25 -0.68 37.66 30.01
C TYR A 25 -1.26 37.30 28.66
N TYR A 26 -0.39 36.91 27.74
CA TYR A 26 -0.80 36.57 26.38
C TYR A 26 -0.26 35.21 25.98
N ILE A 27 -1.08 34.44 25.27
CA ILE A 27 -0.62 33.19 24.63
C ILE A 27 -0.87 33.24 23.13
N ALA A 28 0.18 32.99 22.35
CA ALA A 28 0.09 32.83 20.89
C ALA A 28 0.16 31.34 20.49
N VAL A 29 -0.78 30.90 19.66
CA VAL A 29 -0.81 29.51 19.22
C VAL A 29 -0.69 29.39 17.69
N SER A 30 -0.27 28.21 17.23
CA SER A 30 -0.06 27.97 15.80
C SER A 30 -1.41 27.77 15.10
N THR A 31 -1.48 28.13 13.82
CA THR A 31 -2.75 28.06 13.07
C THR A 31 -2.65 27.33 11.73
N PHE A 32 -1.43 27.02 11.30
CA PHE A 32 -1.15 26.22 10.08
C PHE A 32 -1.78 26.80 8.83
N GLU A 33 -2.65 26.06 8.13
CA GLU A 33 -3.26 26.54 6.88
C GLU A 33 -4.45 27.46 7.08
N TRP A 34 -4.92 27.60 8.32
CA TRP A 34 -6.09 28.41 8.61
C TRP A 34 -5.76 29.89 8.67
N PHE A 35 -6.57 30.70 7.96
CA PHE A 35 -6.34 32.15 7.83
C PHE A 35 -7.38 32.99 8.57
N PRO A 36 -6.97 34.11 9.22
CA PRO A 36 -5.63 34.69 9.33
C PRO A 36 -4.72 33.91 10.28
N GLY A 37 -3.42 34.15 10.16
CA GLY A 37 -2.41 33.45 10.93
C GLY A 37 -2.29 33.92 12.35
N VAL A 38 -2.11 32.95 13.25
CA VAL A 38 -1.87 33.13 14.68
C VAL A 38 -3.11 33.63 15.43
N ARG A 39 -3.36 33.00 16.59
CA ARG A 39 -4.40 33.46 17.48
C ARG A 39 -3.77 33.81 18.82
N ILE A 40 -4.02 35.03 19.27
CA ILE A 40 -3.46 35.49 20.54
C ILE A 40 -4.59 35.71 21.53
N TYR A 41 -4.46 35.07 22.69
CA TYR A 41 -5.43 35.16 23.77
C TYR A 41 -4.86 35.98 24.94
N HIS A 42 -5.72 36.68 25.65
CA HIS A 42 -5.30 37.53 26.77
C HIS A 42 -5.98 37.06 28.06
N SER A 43 -5.22 37.10 29.15
CA SER A 43 -5.75 36.77 30.48
C SER A 43 -5.12 37.63 31.56
N LYS A 44 -5.89 37.82 32.63
CA LYS A 44 -5.42 38.47 33.85
C LYS A 44 -5.06 37.45 34.93
N ASP A 45 -5.82 36.36 34.98
CA ASP A 45 -5.70 35.35 36.04
C ASP A 45 -5.10 34.00 35.58
N LEU A 46 -4.87 33.86 34.27
CA LEU A 46 -4.35 32.63 33.65
C LEU A 46 -5.33 31.46 33.65
N LYS A 47 -6.56 31.73 34.07
CA LYS A 47 -7.64 30.75 34.08
C LYS A 47 -8.56 31.05 32.90
N ASN A 48 -9.00 32.30 32.81
CA ASN A 48 -9.99 32.73 31.82
C ASN A 48 -9.32 33.44 30.65
N TRP A 49 -9.64 33.03 29.43
CA TRP A 49 -8.92 33.49 28.26
C TRP A 49 -9.84 34.01 27.17
N ARG A 50 -9.43 35.12 26.54
CA ARG A 50 -10.23 35.76 25.51
C ARG A 50 -9.39 36.05 24.27
N LEU A 51 -9.96 35.82 23.10
CA LEU A 51 -9.22 36.07 21.87
C LEU A 51 -9.17 37.58 21.64
N VAL A 52 -7.96 38.11 21.46
CA VAL A 52 -7.75 39.56 21.33
C VAL A 52 -6.98 39.99 20.08
N ALA A 53 -6.27 39.06 19.43
CA ALA A 53 -5.54 39.38 18.21
C ALA A 53 -5.50 38.23 17.21
N ARG A 54 -5.51 38.60 15.94
CA ARG A 54 -5.29 37.67 14.84
C ARG A 54 -4.32 38.39 13.91
N PRO A 55 -3.03 38.40 14.27
CA PRO A 55 -2.02 39.32 13.77
C PRO A 55 -1.70 39.21 12.27
N LEU A 56 -1.64 37.99 11.76
CA LEU A 56 -1.23 37.80 10.39
C LEU A 56 -2.44 37.78 9.47
N ASN A 57 -2.93 38.98 9.13
CA ASN A 57 -4.16 39.16 8.35
C ASN A 57 -3.99 39.81 6.97
N ARG A 58 -2.75 40.12 6.60
CA ARG A 58 -2.41 40.70 5.30
C ARG A 58 -1.63 39.73 4.42
N LEU A 59 -1.94 39.70 3.12
CA LEU A 59 -1.18 38.89 2.15
C LEU A 59 0.32 39.17 2.19
N SER A 60 0.67 40.42 2.50
CA SER A 60 2.07 40.82 2.59
C SER A 60 2.78 40.11 3.74
N GLN A 61 2.03 39.76 4.80
CA GLN A 61 2.56 39.03 5.95
C GLN A 61 2.51 37.50 5.79
N LEU A 62 1.42 37.00 5.20
CA LEU A 62 1.19 35.55 5.13
C LEU A 62 0.38 35.20 3.91
N ASN A 63 1.05 34.51 2.98
CA ASN A 63 0.48 34.17 1.69
C ASN A 63 0.57 32.66 1.51
N MET A 64 -0.48 31.97 1.90
CA MET A 64 -0.44 30.52 1.99
C MET A 64 -1.21 29.80 0.89
N ILE A 65 -1.57 30.47 -0.20
CA ILE A 65 -2.29 29.77 -1.28
C ILE A 65 -1.47 28.56 -1.77
N GLY A 66 -2.14 27.42 -1.95
CA GLY A 66 -1.44 26.20 -2.35
C GLY A 66 -0.72 25.44 -1.25
N ASN A 67 -0.61 26.03 -0.06
CA ASN A 67 0.14 25.40 1.03
C ASN A 67 -0.39 23.99 1.30
N PRO A 68 0.52 23.05 1.65
CA PRO A 68 0.04 21.71 1.95
C PRO A 68 -0.81 21.74 3.22
N ASP A 69 -1.68 20.75 3.39
CA ASP A 69 -2.37 20.58 4.65
C ASP A 69 -1.34 20.46 5.76
N SER A 70 -1.58 21.17 6.87
CA SER A 70 -0.67 21.22 8.04
C SER A 70 0.68 21.88 7.73
N GLY A 71 0.72 22.64 6.64
CA GLY A 71 1.80 23.56 6.36
C GLY A 71 1.46 24.92 6.93
N GLY A 72 2.14 25.96 6.45
CA GLY A 72 1.86 27.31 6.92
C GLY A 72 2.45 27.65 8.26
N VAL A 73 1.59 28.18 9.15
CA VAL A 73 2.03 28.75 10.43
C VAL A 73 2.14 27.70 11.53
N TRP A 74 3.37 27.19 11.70
CA TRP A 74 3.72 26.28 12.78
C TRP A 74 3.94 27.07 14.08
N ALA A 75 4.60 26.50 15.08
CA ALA A 75 4.74 27.17 16.38
C ALA A 75 5.21 28.61 16.18
N PRO A 76 4.45 29.59 16.71
CA PRO A 76 4.89 30.99 16.73
C PRO A 76 5.64 31.32 18.01
N HIS A 77 6.35 32.44 18.02
CA HIS A 77 6.89 32.93 19.29
C HIS A 77 6.55 34.40 19.53
N LEU A 78 5.84 34.65 20.62
CA LEU A 78 5.49 36.00 21.05
C LEU A 78 6.31 36.45 22.25
N SER A 79 6.81 37.68 22.18
CA SER A 79 7.54 38.29 23.28
C SER A 79 7.36 39.82 23.25
N TYR A 80 7.79 40.47 24.33
CA TYR A 80 7.69 41.92 24.44
C TYR A 80 9.03 42.46 24.92
N SER A 81 9.50 43.50 24.24
CA SER A 81 10.77 44.16 24.57
C SER A 81 10.86 45.51 23.89
N ASP A 82 11.55 46.45 24.54
CA ASP A 82 11.75 47.81 24.03
C ASP A 82 10.43 48.46 23.60
N GLY A 83 9.41 48.29 24.43
CA GLY A 83 8.11 48.91 24.21
C GLY A 83 7.28 48.37 23.06
N LYS A 84 7.58 47.16 22.60
CA LYS A 84 6.80 46.57 21.50
C LYS A 84 6.71 45.05 21.58
N PHE A 85 5.71 44.50 20.88
CA PHE A 85 5.55 43.05 20.77
C PHE A 85 6.37 42.54 19.60
N TRP A 86 6.91 41.35 19.74
CA TRP A 86 7.74 40.72 18.72
C TRP A 86 7.12 39.37 18.43
N LEU A 87 6.69 39.14 17.19
CA LEU A 87 6.06 37.87 16.82
C LEU A 87 6.87 37.19 15.73
N ILE A 88 7.37 35.99 16.04
CA ILE A 88 8.16 35.22 15.09
C ILE A 88 7.32 34.05 14.59
N TYR A 89 7.34 33.82 13.27
CA TYR A 89 6.50 32.78 12.68
C TYR A 89 7.12 32.17 11.43
N THR A 90 6.61 31.01 11.04
CA THR A 90 7.14 30.31 9.88
C THR A 90 6.02 30.24 8.86
N ASP A 91 6.40 30.17 7.58
CA ASP A 91 5.50 29.70 6.54
C ASP A 91 6.13 28.42 5.98
N VAL A 92 5.61 27.26 6.42
CA VAL A 92 6.21 25.97 6.04
C VAL A 92 5.57 25.47 4.74
N LYS A 93 6.40 25.22 3.73
CA LYS A 93 5.92 24.91 2.39
C LYS A 93 5.90 23.42 2.08
N VAL A 94 6.84 22.68 2.68
CA VAL A 94 6.98 21.22 2.46
C VAL A 94 6.87 20.51 3.81
N VAL A 95 5.92 19.56 3.90
CA VAL A 95 5.64 18.90 5.16
C VAL A 95 5.76 17.37 5.11
N GLU A 96 6.24 16.84 3.99
CA GLU A 96 6.44 15.40 3.84
C GLU A 96 7.73 15.10 3.09
N GLY A 97 8.41 14.04 3.51
CA GLY A 97 9.62 13.58 2.84
C GLY A 97 10.88 13.98 3.58
N GLN A 98 11.98 14.06 2.84
CA GLN A 98 13.28 14.40 3.42
C GLN A 98 13.42 15.88 3.77
N TRP A 99 12.66 16.73 3.11
CA TRP A 99 12.77 18.18 3.36
C TRP A 99 11.57 18.76 4.12
N LYS A 100 11.77 19.95 4.68
CA LYS A 100 10.72 20.66 5.41
C LYS A 100 10.77 22.15 5.08
N ASP A 101 10.98 22.45 3.79
CA ASP A 101 11.14 23.80 3.28
C ASP A 101 10.19 24.78 3.97
N GLY A 102 10.75 25.83 4.58
CA GLY A 102 9.97 26.76 5.37
C GLY A 102 10.77 28.00 5.70
N HIS A 103 10.07 29.11 5.91
CA HIS A 103 10.76 30.40 6.08
C HIS A 103 10.34 31.08 7.37
N ASN A 104 11.31 31.71 8.04
CA ASN A 104 11.08 32.32 9.34
C ASN A 104 11.03 33.86 9.25
N TYR A 105 10.01 34.45 9.86
CA TYR A 105 9.75 35.90 9.74
C TYR A 105 9.50 36.56 11.07
N LEU A 106 9.80 37.86 11.14
CA LEU A 106 9.53 38.68 12.31
C LEU A 106 8.57 39.83 11.97
N VAL A 107 7.53 39.99 12.78
CA VAL A 107 6.65 41.18 12.75
C VAL A 107 6.55 41.78 14.13
N THR A 108 6.24 43.08 14.20
CA THR A 108 6.10 43.76 15.48
C THR A 108 4.87 44.65 15.50
N CYS A 109 4.42 44.97 16.72
CA CYS A 109 3.38 45.95 16.92
C CYS A 109 3.55 46.56 18.30
N ASP A 110 3.31 47.88 18.40
CA ASP A 110 3.31 48.59 19.67
C ASP A 110 2.25 48.06 20.64
N THR A 111 1.19 47.48 20.09
CA THR A 111 0.07 46.94 20.87
C THR A 111 -0.26 45.51 20.40
N ILE A 112 -1.01 44.75 21.20
CA ILE A 112 -1.29 43.35 20.85
C ILE A 112 -2.26 43.21 19.65
N ASP A 113 -3.15 44.19 19.51
CA ASP A 113 -4.28 44.13 18.58
C ASP A 113 -4.31 45.23 17.52
N GLY A 114 -3.15 45.82 17.22
CA GLY A 114 -3.07 46.88 16.22
C GLY A 114 -2.67 46.34 14.87
N ALA A 115 -2.09 47.20 14.04
CA ALA A 115 -1.59 46.80 12.73
C ALA A 115 -0.13 46.37 12.84
N TRP A 116 0.08 45.06 12.85
CA TRP A 116 1.43 44.51 12.89
C TRP A 116 2.20 44.86 11.62
N SER A 117 3.52 44.99 11.75
CA SER A 117 4.36 45.38 10.60
C SER A 117 4.31 44.37 9.46
N ASP A 118 4.83 44.77 8.30
CA ASP A 118 5.17 43.83 7.25
C ASP A 118 6.40 43.02 7.73
N PRO A 119 6.54 41.77 7.25
CA PRO A 119 7.56 40.86 7.78
C PRO A 119 9.02 41.19 7.44
N ILE A 120 9.90 40.91 8.38
CA ILE A 120 11.34 40.94 8.15
C ILE A 120 11.78 39.47 8.02
N TYR A 121 12.44 39.13 6.92
CA TYR A 121 12.85 37.75 6.69
C TYR A 121 14.07 37.43 7.55
N LEU A 122 14.03 36.29 8.24
CA LEU A 122 15.10 35.92 9.16
C LEU A 122 16.03 34.87 8.53
N ASN A 123 15.58 33.62 8.51
CA ASN A 123 16.32 32.53 7.89
C ASN A 123 15.34 31.44 7.43
N SER A 124 15.89 30.31 7.01
CA SER A 124 15.08 29.19 6.53
C SER A 124 15.57 27.84 7.06
N SER A 125 16.58 27.87 7.95
CA SER A 125 17.32 26.68 8.36
C SER A 125 16.52 25.63 9.15
N GLY A 126 15.36 26.05 9.68
CA GLY A 126 14.46 25.13 10.35
C GLY A 126 13.36 25.88 11.08
N PHE A 127 12.28 25.16 11.38
CA PHE A 127 11.11 25.74 12.06
C PHE A 127 11.34 25.99 13.56
N ASP A 128 10.25 26.31 14.26
CA ASP A 128 10.23 26.68 15.68
C ASP A 128 11.16 27.83 16.06
N PRO A 129 11.10 28.95 15.32
CA PRO A 129 11.97 30.08 15.65
C PRO A 129 11.49 30.80 16.91
N SER A 130 12.45 31.29 17.68
CA SER A 130 12.15 32.00 18.92
C SER A 130 13.17 33.14 19.07
N LEU A 131 12.69 34.33 19.43
CA LEU A 131 13.57 35.48 19.65
C LEU A 131 13.86 35.69 21.13
N PHE A 132 15.14 35.84 21.45
CA PHE A 132 15.57 36.03 22.83
C PHE A 132 16.09 37.45 22.99
N HIS A 133 15.60 38.14 24.03
CA HIS A 133 16.04 39.49 24.34
C HIS A 133 17.00 39.45 25.53
N ASP A 134 18.30 39.53 25.26
CA ASP A 134 19.27 39.41 26.34
C ASP A 134 19.32 40.68 27.22
N GLU A 135 19.85 40.54 28.43
CA GLU A 135 19.84 41.59 29.45
C GLU A 135 20.71 42.80 29.09
N ASP A 136 21.52 42.66 28.04
CA ASP A 136 22.41 43.73 27.57
C ASP A 136 21.88 44.45 26.31
N GLY A 137 20.67 44.11 25.90
CA GLY A 137 20.03 44.75 24.76
C GLY A 137 20.21 44.05 23.42
N ARG A 138 21.02 43.00 23.41
CA ARG A 138 21.26 42.23 22.18
C ARG A 138 20.19 41.15 22.01
N LYS A 139 19.88 40.83 20.75
CA LYS A 139 18.80 39.89 20.44
C LYS A 139 19.33 38.67 19.72
N TYR A 140 18.78 37.51 20.06
CA TYR A 140 19.22 36.24 19.49
C TYR A 140 18.05 35.41 19.03
N LEU A 141 18.16 34.88 17.82
CA LEU A 141 17.18 33.94 17.27
C LEU A 141 17.67 32.52 17.45
N VAL A 142 16.81 31.69 18.01
CA VAL A 142 17.03 30.25 18.06
C VAL A 142 15.93 29.53 17.26
N ASN A 143 16.32 28.51 16.50
CA ASN A 143 15.38 27.62 15.83
C ASN A 143 15.99 26.24 15.69
N MET A 144 15.20 25.27 15.23
CA MET A 144 15.75 23.96 14.94
C MET A 144 16.53 24.00 13.62
N TYR A 145 17.49 23.09 13.48
CA TYR A 145 18.30 23.04 12.28
C TYR A 145 18.03 21.72 11.57
N TRP A 146 17.52 21.80 10.35
CA TRP A 146 16.98 20.64 9.62
C TRP A 146 18.02 19.89 8.79
N ASP A 147 18.12 18.59 9.05
CA ASP A 147 19.00 17.70 8.31
C ASP A 147 18.20 16.77 7.41
N HIS A 148 18.37 16.90 6.10
CA HIS A 148 17.57 16.17 5.11
C HIS A 148 18.20 14.85 4.65
N ARG A 149 19.40 14.56 5.12
CA ARG A 149 20.18 13.46 4.56
C ARG A 149 19.62 12.12 4.96
N VAL A 150 19.71 11.17 4.04
CA VAL A 150 19.12 9.83 4.19
C VAL A 150 19.71 9.10 5.41
N ASP A 151 21.02 9.19 5.60
CA ASP A 151 21.69 8.48 6.69
C ASP A 151 21.67 9.24 8.02
N HIS A 152 20.77 10.22 8.14
CA HIS A 152 20.82 11.16 9.26
C HIS A 152 19.45 11.43 9.88
N HIS A 153 19.44 11.64 11.19
CA HIS A 153 18.24 12.09 11.89
C HIS A 153 18.00 13.56 11.54
N PRO A 154 16.73 13.92 11.23
CA PRO A 154 16.47 15.27 10.69
C PRO A 154 16.69 16.42 11.67
N PHE A 155 16.61 16.12 12.96
CA PHE A 155 16.67 17.16 13.99
C PHE A 155 18.09 17.42 14.48
N TYR A 156 18.86 18.12 13.63
CA TYR A 156 20.29 18.39 13.83
C TYR A 156 20.62 19.11 15.14
N GLY A 157 19.60 19.58 15.85
CA GLY A 157 19.77 20.31 17.10
C GLY A 157 19.28 21.74 17.00
N ILE A 158 19.73 22.57 17.95
CA ILE A 158 19.28 23.96 18.05
C ILE A 158 20.38 24.92 17.57
N VAL A 159 20.01 25.82 16.65
CA VAL A 159 20.93 26.81 16.14
C VAL A 159 20.61 28.19 16.73
N LEU A 160 21.67 28.99 16.89
CA LEU A 160 21.54 30.35 17.40
C LEU A 160 22.33 31.31 16.50
N GLN A 161 21.76 32.49 16.28
CA GLN A 161 22.43 33.56 15.56
C GLN A 161 21.90 34.88 16.09
N GLU A 162 22.78 35.88 16.21
CA GLU A 162 22.37 37.20 16.68
C GLU A 162 21.46 37.88 15.66
N TYR A 163 20.44 38.56 16.16
CA TYR A 163 19.58 39.40 15.32
C TYR A 163 19.87 40.89 15.57
N SER A 164 20.26 41.58 14.50
CA SER A 164 20.49 43.02 14.55
C SER A 164 19.21 43.80 14.27
N VAL A 165 18.67 44.43 15.31
CA VAL A 165 17.48 45.28 15.22
C VAL A 165 17.66 46.37 14.17
N GLU A 166 18.81 47.04 14.24
CA GLU A 166 19.12 48.16 13.37
C GLU A 166 19.29 47.74 11.91
N GLN A 167 19.96 46.61 11.70
CA GLN A 167 20.20 46.13 10.34
C GLN A 167 19.03 45.34 9.77
N LYS A 168 18.09 44.95 10.63
CA LYS A 168 16.91 44.16 10.26
C LYS A 168 17.30 42.84 9.58
N LYS A 169 18.25 42.15 10.21
CA LYS A 169 18.75 40.87 9.69
C LYS A 169 19.62 40.20 10.75
N LEU A 170 19.84 38.90 10.56
CA LEU A 170 20.78 38.15 11.38
C LEU A 170 22.20 38.47 10.93
N VAL A 171 23.08 38.67 11.91
CA VAL A 171 24.48 39.00 11.65
C VAL A 171 25.40 38.00 12.34
N GLY A 172 26.66 37.98 11.93
CA GLY A 172 27.62 36.98 12.40
C GLY A 172 27.34 35.62 11.79
N GLU A 173 27.83 34.56 12.43
CA GLU A 173 27.67 33.20 11.92
C GLU A 173 26.73 32.37 12.80
N PRO A 174 25.88 31.54 12.18
CA PRO A 174 24.99 30.67 12.97
C PRO A 174 25.77 29.56 13.69
N LYS A 175 25.37 29.23 14.90
CA LYS A 175 26.06 28.23 15.70
C LYS A 175 25.11 27.26 16.41
N ILE A 176 25.38 25.96 16.29
CA ILE A 176 24.62 24.94 17.02
C ILE A 176 25.07 24.97 18.48
N ILE A 177 24.09 25.12 19.37
CA ILE A 177 24.36 25.29 20.79
C ILE A 177 23.91 24.10 21.62
N PHE A 178 23.22 23.14 21.00
CA PHE A 178 22.58 22.04 21.70
C PHE A 178 22.10 20.98 20.72
N LYS A 179 22.46 19.72 20.97
CA LYS A 179 22.06 18.62 20.08
C LYS A 179 20.80 17.89 20.58
N GLY A 180 20.41 18.16 21.83
CA GLY A 180 19.29 17.47 22.45
C GLY A 180 19.71 16.21 23.19
N THR A 181 18.75 15.60 23.88
CA THR A 181 18.97 14.34 24.58
C THR A 181 18.70 13.15 23.64
N ASP A 182 18.66 11.94 24.20
CA ASP A 182 18.49 10.74 23.38
C ASP A 182 17.05 10.53 22.89
N LEU A 183 16.10 11.31 23.42
CA LEU A 183 14.74 11.32 22.87
C LEU A 183 14.72 11.88 21.44
N ARG A 184 15.70 12.73 21.14
CA ARG A 184 15.86 13.39 19.82
C ARG A 184 14.57 14.14 19.41
N ILE A 185 14.40 14.38 18.11
CA ILE A 185 13.30 15.21 17.62
C ILE A 185 13.31 16.54 18.39
N THR A 186 14.52 17.10 18.53
CA THR A 186 14.75 18.33 19.30
C THR A 186 14.22 19.54 18.54
N GLU A 187 13.23 20.18 19.13
CA GLU A 187 12.54 21.34 18.53
C GLU A 187 12.06 22.32 19.60
N GLY A 188 11.22 23.27 19.21
CA GLY A 188 10.64 24.24 20.14
C GLY A 188 11.57 24.97 21.11
N PRO A 189 12.73 25.45 20.62
CA PRO A 189 13.71 26.09 21.52
C PRO A 189 13.24 27.45 22.07
N HIS A 190 13.44 27.66 23.37
CA HIS A 190 13.17 28.96 24.00
C HIS A 190 14.26 29.27 25.04
N LEU A 191 14.88 30.44 24.92
CA LEU A 191 15.92 30.87 25.87
C LEU A 191 15.39 31.79 26.96
N TYR A 192 15.88 31.58 28.19
CA TYR A 192 15.50 32.39 29.34
C TYR A 192 16.73 32.65 30.20
N LYS A 193 16.99 33.93 30.50
CA LYS A 193 18.04 34.27 31.46
C LYS A 193 17.44 34.35 32.86
N ILE A 194 17.76 33.37 33.70
CA ILE A 194 17.21 33.26 35.05
C ILE A 194 18.33 33.08 36.08
N ASN A 195 18.26 33.85 37.16
CA ASN A 195 19.31 33.89 38.18
C ASN A 195 20.65 34.28 37.56
N GLY A 196 21.44 33.29 37.15
CA GLY A 196 22.72 33.55 36.48
C GLY A 196 22.97 32.62 35.31
N TYR A 197 21.98 31.80 34.98
CA TYR A 197 22.07 30.84 33.88
C TYR A 197 21.20 31.24 32.70
N TYR A 198 21.66 30.90 31.50
CA TYR A 198 20.76 30.82 30.35
C TYR A 198 20.11 29.45 30.39
N TYR A 199 18.78 29.43 30.50
CA TYR A 199 18.02 28.18 30.39
C TYR A 199 17.47 28.04 28.97
N LEU A 200 17.71 26.87 28.39
CA LEU A 200 17.20 26.50 27.08
C LEU A 200 16.16 25.38 27.24
N LEU A 201 14.91 25.72 26.93
CA LEU A 201 13.80 24.79 26.96
C LEU A 201 13.55 24.31 25.53
N THR A 202 13.50 22.99 25.34
CA THR A 202 13.21 22.41 24.04
C THR A 202 12.04 21.41 24.11
N ALA A 203 11.46 21.11 22.95
CA ALA A 203 10.53 20.00 22.84
C ALA A 203 11.27 18.82 22.24
N GLU A 204 11.01 17.62 22.76
CA GLU A 204 11.66 16.42 22.25
C GLU A 204 10.68 15.25 22.21
N GLY A 205 11.04 14.21 21.46
CA GLY A 205 10.23 12.99 21.38
C GLY A 205 9.15 13.02 20.30
N GLY A 206 8.96 14.16 19.65
CA GLY A 206 7.91 14.31 18.63
C GLY A 206 6.57 14.62 19.25
N THR A 207 5.70 15.28 18.51
CA THR A 207 4.44 15.81 19.05
C THR A 207 3.32 14.76 19.17
N ARG A 208 3.70 13.49 19.12
CA ARG A 208 2.73 12.42 19.32
C ARG A 208 2.78 11.97 20.79
N TYR A 209 2.69 10.68 21.07
CA TYR A 209 2.56 10.25 22.47
C TYR A 209 3.86 10.22 23.26
N ASN A 210 4.99 10.34 22.55
CA ASN A 210 6.29 10.35 23.21
C ASN A 210 6.76 11.77 23.56
N HIS A 211 5.87 12.76 23.36
CA HIS A 211 6.20 14.18 23.53
C HIS A 211 6.74 14.53 24.91
N ALA A 212 7.76 15.39 24.93
CA ALA A 212 8.35 15.86 26.18
C ALA A 212 8.84 17.30 26.07
N ALA A 213 8.95 17.94 27.23
CA ALA A 213 9.62 19.23 27.36
C ALA A 213 10.95 18.97 28.06
N THR A 214 12.04 19.31 27.37
CA THR A 214 13.40 19.15 27.89
C THR A 214 13.98 20.52 28.24
N ILE A 215 14.58 20.64 29.43
CA ILE A 215 15.25 21.88 29.82
C ILE A 215 16.72 21.65 30.16
N ALA A 216 17.54 22.65 29.82
CA ALA A 216 18.97 22.62 30.05
C ALA A 216 19.43 24.03 30.43
N ARG A 217 20.63 24.14 30.99
CA ARG A 217 21.16 25.45 31.39
C ARG A 217 22.66 25.60 31.12
N SER A 218 23.09 26.84 30.98
CA SER A 218 24.50 27.16 30.77
C SER A 218 24.77 28.57 31.29
N THR A 219 25.99 28.83 31.72
CA THR A 219 26.38 30.19 32.11
C THR A 219 26.75 30.99 30.86
N SER A 220 26.99 30.29 29.76
CA SER A 220 27.21 30.93 28.46
C SER A 220 26.05 30.64 27.50
N LEU A 221 25.70 31.65 26.71
CA LEU A 221 24.61 31.58 25.74
C LEU A 221 24.84 30.50 24.68
N TYR A 222 26.11 30.30 24.33
CA TYR A 222 26.49 29.32 23.32
C TYR A 222 26.81 27.95 23.94
N GLY A 223 26.54 27.80 25.23
CA GLY A 223 26.79 26.57 25.97
C GLY A 223 28.26 26.20 26.09
N PRO A 224 28.57 24.90 26.24
CA PRO A 224 27.63 23.76 26.28
C PRO A 224 26.56 23.83 27.38
N TYR A 225 25.39 23.25 27.09
CA TYR A 225 24.26 23.24 28.02
C TYR A 225 24.19 21.94 28.82
N GLU A 226 23.90 22.05 30.11
CA GLU A 226 23.75 20.89 30.97
C GLU A 226 22.28 20.56 31.19
N VAL A 227 21.92 19.29 31.02
CA VAL A 227 20.52 18.84 31.04
C VAL A 227 19.99 18.65 32.46
N HIS A 228 18.78 19.15 32.69
CA HIS A 228 18.01 18.88 33.91
C HIS A 228 18.28 17.45 34.37
N PRO A 229 18.65 17.27 35.66
CA PRO A 229 19.02 15.94 36.17
C PRO A 229 17.84 14.97 36.27
N ASP A 230 16.62 15.51 36.25
CA ASP A 230 15.41 14.71 36.30
C ASP A 230 14.54 14.99 35.07
N ASN A 231 15.21 15.22 33.94
CA ASN A 231 14.56 15.40 32.66
C ASN A 231 13.81 14.12 32.27
N PRO A 232 12.71 14.24 31.51
CA PRO A 232 12.06 15.46 30.98
C PRO A 232 11.40 16.30 32.07
N LEU A 233 11.39 17.63 31.87
CA LEU A 233 10.65 18.53 32.75
C LEU A 233 9.17 18.18 32.74
N LEU A 234 8.66 17.84 31.55
CA LEU A 234 7.26 17.55 31.38
C LEU A 234 7.07 16.52 30.26
N THR A 235 6.31 15.46 30.55
CA THR A 235 5.99 14.41 29.57
C THR A 235 4.74 13.60 29.97
N SER A 236 4.04 13.08 28.98
CA SER A 236 2.84 12.24 29.24
C SER A 236 3.13 10.76 29.01
N TRP A 237 4.24 10.46 28.35
CA TRP A 237 4.59 9.10 27.93
C TRP A 237 4.47 8.01 29.01
N PRO A 238 5.04 8.25 30.23
CA PRO A 238 4.90 7.21 31.26
C PRO A 238 3.54 7.19 31.97
N TYR A 239 2.61 8.05 31.54
CA TYR A 239 1.30 8.12 32.20
C TYR A 239 0.14 7.80 31.24
N PRO A 240 -0.03 6.51 30.89
CA PRO A 240 -1.00 6.14 29.85
C PRO A 240 -2.46 6.31 30.25
N ARG A 241 -2.72 6.50 31.55
CA ARG A 241 -4.07 6.65 32.06
C ARG A 241 -4.46 8.12 32.24
N ASN A 242 -3.50 9.00 32.01
CA ASN A 242 -3.70 10.45 32.07
C ASN A 242 -4.62 10.93 30.95
N PRO A 243 -5.69 11.68 31.29
CA PRO A 243 -6.59 12.23 30.27
C PRO A 243 -5.90 13.26 29.38
N LEU A 244 -4.73 13.72 29.81
CA LEU A 244 -3.90 14.67 29.05
C LEU A 244 -2.65 14.01 28.53
N GLN A 245 -2.66 13.75 27.22
CA GLN A 245 -1.55 13.09 26.57
C GLN A 245 -0.73 14.10 25.77
N LYS A 246 0.44 13.67 25.28
CA LYS A 246 1.30 14.45 24.38
C LYS A 246 1.81 15.75 25.00
N ALA A 247 2.07 15.74 26.30
CA ALA A 247 2.53 16.95 27.00
C ALA A 247 3.94 17.32 26.58
N GLY A 248 4.04 18.49 25.95
CA GLY A 248 5.29 18.98 25.41
C GLY A 248 5.12 20.33 24.75
N HIS A 249 6.18 20.77 24.05
CA HIS A 249 6.25 22.10 23.44
C HIS A 249 5.77 23.20 24.38
N ALA A 250 6.49 23.38 25.47
CA ALA A 250 6.11 24.30 26.53
C ALA A 250 6.71 25.69 26.36
N SER A 251 6.14 26.65 27.10
CA SER A 251 6.78 27.95 27.31
C SER A 251 6.58 28.37 28.77
N ILE A 252 7.56 29.12 29.30
CA ILE A 252 7.59 29.46 30.72
C ILE A 252 7.21 30.91 30.98
N VAL A 253 6.34 31.13 31.96
CA VAL A 253 6.01 32.45 32.43
C VAL A 253 6.43 32.66 33.90
N HIS A 254 7.01 33.82 34.17
CA HIS A 254 7.25 34.29 35.53
C HIS A 254 6.26 35.40 35.80
N THR A 255 5.28 35.14 36.66
CA THR A 255 4.19 36.09 36.92
C THR A 255 4.65 37.31 37.73
N HIS A 256 3.77 38.31 37.81
CA HIS A 256 4.01 39.53 38.60
C HIS A 256 3.78 39.27 40.10
N THR A 257 3.56 38.02 40.45
CA THR A 257 3.36 37.61 41.84
C THR A 257 4.48 36.68 42.27
N ASP A 258 5.55 36.66 41.48
CA ASP A 258 6.73 35.81 41.72
C ASP A 258 6.37 34.32 41.76
N GLU A 259 5.52 33.92 40.82
CA GLU A 259 5.10 32.52 40.65
C GLU A 259 5.52 32.06 39.26
N TRP A 260 5.67 30.74 39.10
CA TRP A 260 6.14 30.18 37.85
C TRP A 260 5.17 29.17 37.25
N PHE A 261 4.91 29.31 35.95
CA PHE A 261 4.03 28.38 35.25
C PHE A 261 4.62 27.91 33.92
N LEU A 262 4.03 26.85 33.40
CA LEU A 262 4.50 26.24 32.16
C LEU A 262 3.28 25.88 31.32
N VAL A 263 3.03 26.67 30.27
CA VAL A 263 1.96 26.31 29.32
C VAL A 263 2.51 25.31 28.30
N HIS A 264 1.65 24.40 27.84
CA HIS A 264 2.10 23.33 26.94
C HIS A 264 0.95 22.83 26.10
N LEU A 265 1.24 22.18 24.97
CA LEU A 265 0.19 21.53 24.19
C LEU A 265 -0.12 20.18 24.80
N THR A 266 -1.34 19.70 24.55
CA THR A 266 -1.77 18.38 25.01
C THR A 266 -2.86 17.83 24.10
N GLY A 267 -2.89 16.52 23.92
CA GLY A 267 -3.97 15.86 23.21
C GLY A 267 -4.89 15.12 24.17
N ARG A 268 -6.19 15.23 23.92
CA ARG A 268 -7.23 14.59 24.71
C ARG A 268 -7.85 13.45 23.90
N PRO A 269 -7.35 12.21 24.05
CA PRO A 269 -7.91 11.12 23.25
C PRO A 269 -9.40 10.88 23.54
N LEU A 270 -10.14 10.41 22.53
CA LEU A 270 -11.54 10.00 22.72
C LEU A 270 -11.61 8.80 23.68
N PRO A 271 -12.80 8.56 24.30
CA PRO A 271 -12.97 7.39 25.18
C PRO A 271 -12.65 6.09 24.45
N ARG A 272 -11.78 5.28 25.04
CA ARG A 272 -11.37 3.99 24.47
C ARG A 272 -11.49 2.88 25.52
N GLU A 273 -12.61 2.86 26.22
CA GLU A 273 -12.90 1.81 27.20
C GLU A 273 -12.95 0.46 26.49
N GLY A 274 -12.29 -0.52 27.08
CA GLY A 274 -12.27 -1.88 26.54
C GLY A 274 -11.16 -2.12 25.54
N GLN A 275 -10.34 -1.10 25.30
CA GLN A 275 -9.24 -1.19 24.35
C GLN A 275 -7.89 -1.33 25.08
N PRO A 276 -6.90 -1.96 24.43
CA PRO A 276 -5.61 -2.18 25.09
C PRO A 276 -4.90 -0.86 25.38
N LEU A 277 -4.46 -0.69 26.63
CA LEU A 277 -3.92 0.58 27.11
C LEU A 277 -2.76 1.14 26.28
N LEU A 278 -1.83 0.27 25.89
CA LEU A 278 -0.59 0.73 25.27
C LEU A 278 -0.49 0.47 23.76
N GLU A 279 -1.44 -0.29 23.22
CA GLU A 279 -1.42 -0.66 21.81
C GLU A 279 -1.54 0.57 20.91
N HIS A 280 -2.64 1.30 21.06
CA HIS A 280 -2.84 2.59 20.42
C HIS A 280 -3.44 3.56 21.45
N ARG A 281 -2.73 4.64 21.71
CA ARG A 281 -3.05 5.49 22.86
C ARG A 281 -4.15 6.54 22.63
N GLY A 282 -4.70 6.57 21.42
CA GLY A 282 -5.95 7.31 21.21
C GLY A 282 -6.03 8.20 19.99
N TYR A 283 -7.23 8.73 19.77
CA TYR A 283 -7.54 9.60 18.65
C TYR A 283 -8.11 10.90 19.19
N CYS A 284 -7.52 12.02 18.76
CA CYS A 284 -7.85 13.33 19.30
C CYS A 284 -8.46 14.26 18.23
N PRO A 285 -9.80 14.32 18.14
CA PRO A 285 -10.47 15.17 17.13
C PRO A 285 -10.36 16.67 17.46
N LEU A 286 -10.14 16.98 18.74
CA LEU A 286 -9.95 18.35 19.16
C LEU A 286 -8.50 18.78 18.92
N GLY A 287 -7.71 17.89 18.33
CA GLY A 287 -6.33 18.18 17.97
C GLY A 287 -5.46 18.40 19.19
N ARG A 288 -4.49 19.30 19.08
CA ARG A 288 -3.61 19.64 20.19
C ARG A 288 -4.09 20.94 20.82
N GLU A 289 -4.36 20.89 22.13
CA GLU A 289 -4.97 21.97 22.88
C GLU A 289 -3.95 22.53 23.86
N THR A 290 -4.27 23.69 24.46
CA THR A 290 -3.35 24.35 25.39
C THR A 290 -3.71 24.10 26.85
N ALA A 291 -2.72 23.63 27.61
CA ALA A 291 -2.83 23.44 29.04
C ALA A 291 -1.76 24.24 29.79
N ILE A 292 -1.90 24.33 31.10
CA ILE A 292 -0.96 25.08 31.95
C ILE A 292 -0.57 24.27 33.20
N GLN A 293 0.73 24.24 33.49
CA GLN A 293 1.24 23.54 34.67
C GLN A 293 1.93 24.52 35.60
N ARG A 294 1.94 24.20 36.90
CA ARG A 294 2.64 25.03 37.88
C ARG A 294 4.09 24.59 38.01
N LEU A 295 4.97 25.55 38.27
CA LEU A 295 6.39 25.27 38.44
C LEU A 295 6.86 25.60 39.85
N GLU A 296 7.96 24.95 40.26
CA GLU A 296 8.63 25.21 41.53
C GLU A 296 10.13 25.01 41.31
N TRP A 297 10.96 25.68 42.11
CA TRP A 297 12.40 25.64 41.88
C TRP A 297 13.16 24.85 42.95
N LYS A 298 14.08 23.99 42.48
CA LYS A 298 14.86 23.15 43.37
C LYS A 298 16.29 22.96 42.84
N ASP A 299 17.22 23.62 43.51
CA ASP A 299 18.65 23.63 43.17
C ASP A 299 18.97 24.20 41.77
N GLY A 300 18.32 25.31 41.45
CA GLY A 300 18.54 26.01 40.18
C GLY A 300 17.83 25.34 39.03
N TRP A 301 16.81 24.54 39.34
CA TRP A 301 16.06 23.79 38.35
C TRP A 301 14.56 23.88 38.59
N PRO A 302 13.78 24.15 37.51
CA PRO A 302 12.33 24.18 37.66
C PRO A 302 11.75 22.76 37.69
N TYR A 303 10.66 22.59 38.42
CA TYR A 303 10.00 21.31 38.56
C TYR A 303 8.50 21.49 38.39
N VAL A 304 7.89 20.66 37.54
CA VAL A 304 6.45 20.68 37.38
C VAL A 304 5.83 20.12 38.66
N VAL A 305 4.93 20.89 39.25
CA VAL A 305 4.27 20.51 40.50
C VAL A 305 3.41 19.25 40.30
N GLY A 306 3.72 18.21 41.07
CA GLY A 306 2.97 16.95 41.03
C GLY A 306 3.48 15.98 39.99
N GLY A 307 4.80 15.73 40.01
CA GLY A 307 5.44 14.84 39.05
C GLY A 307 5.57 15.49 37.67
N ASN A 308 6.43 14.94 36.83
CA ASN A 308 6.67 15.52 35.51
C ASN A 308 5.58 15.21 34.48
N GLY A 309 4.46 14.68 34.96
CA GLY A 309 3.28 14.45 34.14
C GLY A 309 2.31 15.60 34.30
N PRO A 310 1.47 15.87 33.28
CA PRO A 310 0.53 16.98 33.37
C PRO A 310 -0.59 16.69 34.36
N SER A 311 -0.88 17.65 35.23
CA SER A 311 -2.02 17.55 36.12
C SER A 311 -3.24 18.18 35.45
N LEU A 312 -4.43 17.63 35.74
CA LEU A 312 -5.67 18.10 35.13
C LEU A 312 -6.10 19.45 35.69
N GLU A 313 -5.89 19.62 37.00
CA GLU A 313 -6.28 20.84 37.70
C GLU A 313 -5.10 21.35 38.51
N ILE A 314 -4.80 22.63 38.36
CA ILE A 314 -3.70 23.26 39.09
C ILE A 314 -4.22 24.39 39.96
N ASP A 315 -3.34 24.96 40.78
CA ASP A 315 -3.65 26.16 41.56
C ASP A 315 -3.26 27.41 40.78
N GLY A 316 -4.24 28.27 40.50
CA GLY A 316 -4.00 29.54 39.82
C GLY A 316 -3.02 30.45 40.55
N PRO A 317 -2.48 31.46 39.85
CA PRO A 317 -1.59 32.42 40.51
C PRO A 317 -2.36 33.32 41.48
N SER A 318 -1.65 33.85 42.47
CA SER A 318 -2.25 34.66 43.53
C SER A 318 -2.74 36.02 43.04
N VAL A 319 -3.85 36.01 42.30
CA VAL A 319 -4.51 37.22 41.81
C VAL A 319 -6.03 37.06 41.89
N GLU A 320 -6.76 38.15 41.71
CA GLU A 320 -8.22 38.12 41.66
C GLU A 320 -8.64 37.54 40.31
N GLU A 321 -9.67 36.72 40.32
CA GLU A 321 -10.18 36.10 39.08
C GLU A 321 -10.91 37.12 38.22
N VAL A 322 -10.54 37.18 36.94
CA VAL A 322 -11.21 38.05 35.97
C VAL A 322 -11.74 37.20 34.81
N SER A 323 -13.06 37.01 34.78
CA SER A 323 -13.72 36.28 33.71
C SER A 323 -14.18 37.26 32.62
N TRP A 324 -14.41 36.72 31.43
CA TRP A 324 -14.75 37.53 30.27
C TRP A 324 -16.15 37.21 29.78
N GLU A 325 -16.81 38.20 29.18
CA GLU A 325 -18.13 37.99 28.57
C GLU A 325 -17.99 37.11 27.32
N LYS A 326 -19.06 36.39 26.99
CA LYS A 326 -19.03 35.48 25.84
C LYS A 326 -18.83 36.27 24.55
N ASP A 327 -17.83 35.88 23.76
CA ASP A 327 -17.46 36.65 22.57
C ASP A 327 -18.03 36.11 21.25
N TYR A 328 -19.03 35.24 21.36
CA TYR A 328 -19.83 34.83 20.22
C TYR A 328 -21.24 34.46 20.64
N ASP A 329 -22.17 34.54 19.69
CA ASP A 329 -23.55 34.11 19.92
C ASP A 329 -23.67 32.62 19.65
N GLU A 330 -24.36 31.91 20.54
CA GLU A 330 -24.73 30.51 20.34
C GLU A 330 -25.38 30.34 18.95
N LYS A 331 -26.37 31.19 18.66
CA LYS A 331 -26.97 31.29 17.34
C LYS A 331 -26.52 32.61 16.68
N ASP A 332 -25.45 32.53 15.91
CA ASP A 332 -24.92 33.69 15.22
C ASP A 332 -25.82 33.95 14.01
N ASP A 333 -26.62 35.01 14.09
CA ASP A 333 -27.52 35.37 12.98
C ASP A 333 -26.90 36.24 11.89
N PHE A 334 -25.57 36.42 11.95
CA PHE A 334 -24.83 37.20 10.95
C PHE A 334 -25.32 38.66 10.88
N ASP A 335 -25.35 39.32 12.04
CA ASP A 335 -25.87 40.68 12.18
C ASP A 335 -24.79 41.74 12.01
N GLY A 336 -23.58 41.43 12.44
CA GLY A 336 -22.48 42.39 12.37
C GLY A 336 -22.13 42.70 10.93
N ASP A 337 -21.22 43.63 10.70
CA ASP A 337 -20.75 43.81 9.34
C ASP A 337 -19.43 43.04 9.14
N THR A 338 -19.10 42.23 10.12
CA THR A 338 -17.89 41.41 10.14
C THR A 338 -18.25 40.03 10.68
N LEU A 339 -17.60 38.99 10.15
CA LEU A 339 -17.75 37.63 10.69
C LEU A 339 -17.08 37.48 12.05
N ASN A 340 -17.74 36.77 12.94
CA ASN A 340 -17.20 36.53 14.27
C ASN A 340 -15.79 35.94 14.22
N HIS A 341 -14.91 36.41 15.11
CA HIS A 341 -13.51 36.06 15.06
C HIS A 341 -13.18 34.59 15.32
N HIS A 342 -14.17 33.79 15.69
CA HIS A 342 -13.95 32.35 15.78
C HIS A 342 -14.00 31.64 14.42
N PHE A 343 -14.56 32.30 13.41
CA PHE A 343 -14.57 31.79 12.04
C PHE A 343 -13.25 32.05 11.34
N GLN A 344 -12.70 31.03 10.68
CA GLN A 344 -11.52 31.22 9.84
C GLN A 344 -11.77 30.68 8.45
N THR A 345 -10.86 31.00 7.55
CA THR A 345 -10.97 30.55 6.16
C THR A 345 -9.75 29.69 5.85
N LEU A 346 -9.82 28.92 4.75
CA LEU A 346 -8.65 28.13 4.36
C LEU A 346 -7.63 28.93 3.57
N ARG A 347 -6.42 29.07 4.14
CA ARG A 347 -5.22 29.57 3.45
C ARG A 347 -5.21 31.05 3.11
N ILE A 348 -6.33 31.55 2.60
CA ILE A 348 -6.39 32.90 2.06
C ILE A 348 -7.56 33.68 2.66
N PRO A 349 -7.45 35.03 2.69
CA PRO A 349 -8.62 35.81 3.05
C PRO A 349 -9.63 35.69 1.94
N LEU A 350 -10.91 35.70 2.29
CA LEU A 350 -11.95 35.70 1.27
C LEU A 350 -12.52 37.11 1.18
N GLY A 351 -12.40 37.69 -0.01
CA GLY A 351 -12.95 39.01 -0.28
C GLY A 351 -14.46 38.95 -0.42
N GLU A 352 -15.06 40.11 -0.65
CA GLU A 352 -16.53 40.23 -0.76
C GLU A 352 -17.04 39.59 -2.05
N ASP A 353 -16.13 39.29 -2.98
CA ASP A 353 -16.50 38.55 -4.19
C ASP A 353 -16.79 37.07 -3.88
N ILE A 354 -16.33 36.61 -2.72
CA ILE A 354 -16.52 35.20 -2.34
C ILE A 354 -17.39 35.04 -1.10
N ALA A 355 -17.12 35.83 -0.07
CA ALA A 355 -17.87 35.76 1.18
C ALA A 355 -18.30 37.16 1.59
N THR A 356 -19.60 37.37 1.74
CA THR A 356 -20.11 38.70 2.02
C THR A 356 -21.36 38.73 2.91
N LEU A 357 -21.39 39.70 3.81
CA LEU A 357 -22.57 39.96 4.63
C LEU A 357 -23.41 41.10 4.04
N LYS A 358 -22.91 41.69 2.95
CA LYS A 358 -23.53 42.85 2.31
C LYS A 358 -24.52 42.56 1.19
N ALA A 359 -24.46 41.35 0.63
CA ALA A 359 -25.27 41.01 -0.53
C ALA A 359 -26.72 40.72 -0.16
N ARG A 360 -26.90 40.05 0.98
CA ARG A 360 -28.24 39.78 1.53
C ARG A 360 -28.22 40.01 3.02
N PRO A 361 -28.94 41.05 3.50
CA PRO A 361 -28.84 41.43 4.91
C PRO A 361 -29.14 40.29 5.87
N GLY A 362 -28.37 40.22 6.95
CA GLY A 362 -28.50 39.17 7.95
C GLY A 362 -28.16 37.77 7.45
N HIS A 363 -27.44 37.69 6.32
CA HIS A 363 -27.02 36.42 5.75
C HIS A 363 -25.55 36.49 5.39
N LEU A 364 -24.84 35.40 5.61
CA LEU A 364 -23.55 35.20 4.99
C LEU A 364 -23.82 34.60 3.61
N ARG A 365 -23.42 35.32 2.57
CA ARG A 365 -23.50 34.76 1.21
C ARG A 365 -22.14 34.23 0.82
N LEU A 366 -22.13 32.99 0.32
CA LEU A 366 -20.92 32.37 -0.17
C LEU A 366 -21.09 32.08 -1.65
N TYR A 367 -20.28 32.75 -2.47
CA TYR A 367 -20.25 32.51 -3.90
C TYR A 367 -19.37 31.29 -4.14
N GLY A 368 -19.94 30.27 -4.76
CA GLY A 368 -19.26 28.97 -4.88
C GLY A 368 -17.91 28.99 -5.58
N ARG A 369 -16.92 28.35 -4.98
CA ARG A 369 -15.63 28.21 -5.64
C ARG A 369 -15.28 26.73 -5.76
N GLU A 370 -14.05 26.36 -5.40
CA GLU A 370 -13.55 25.02 -5.75
C GLU A 370 -14.03 23.95 -4.76
N SER A 371 -13.66 22.68 -4.99
CA SER A 371 -14.08 21.57 -4.12
C SER A 371 -13.43 21.62 -2.75
N LEU A 372 -13.95 20.80 -1.86
CA LEU A 372 -13.37 20.58 -0.53
C LEU A 372 -11.98 19.95 -0.58
N THR A 373 -11.57 19.46 -1.75
CA THR A 373 -10.23 18.90 -1.89
C THR A 373 -9.16 19.90 -2.38
N SER A 374 -9.55 21.14 -2.59
CA SER A 374 -8.64 22.16 -3.13
C SER A 374 -7.81 22.89 -2.07
N ARG A 375 -6.50 22.94 -2.33
CA ARG A 375 -5.57 23.72 -1.50
C ARG A 375 -5.42 25.16 -2.00
N PHE A 376 -6.41 25.62 -2.78
CA PHE A 376 -6.33 26.92 -3.44
C PHE A 376 -7.41 27.88 -2.97
N THR A 377 -8.56 27.91 -3.66
CA THR A 377 -9.65 28.83 -3.33
C THR A 377 -10.95 28.09 -2.98
N GLN A 378 -11.24 28.02 -1.68
CA GLN A 378 -12.49 27.42 -1.20
C GLN A 378 -13.37 28.46 -0.51
N ALA A 379 -14.63 28.50 -0.92
CA ALA A 379 -15.64 29.34 -0.28
C ALA A 379 -16.14 28.59 0.94
N PHE A 380 -15.39 28.72 2.03
CA PHE A 380 -15.55 27.89 3.22
C PHE A 380 -15.23 28.77 4.42
N VAL A 381 -16.17 28.82 5.37
CA VAL A 381 -16.04 29.61 6.60
C VAL A 381 -16.35 28.67 7.75
N ALA A 382 -15.39 28.47 8.64
CA ALA A 382 -15.48 27.39 9.62
C ALA A 382 -14.93 27.77 10.98
N ARG A 383 -15.40 27.05 12.01
CA ARG A 383 -14.92 27.23 13.37
C ARG A 383 -14.50 25.89 14.00
N ARG A 384 -13.62 25.95 14.99
CA ARG A 384 -13.08 24.76 15.64
C ARG A 384 -14.15 23.96 16.37
N TRP A 385 -14.05 22.63 16.32
CA TRP A 385 -14.68 21.80 17.33
C TRP A 385 -13.93 22.16 18.59
N GLN A 386 -14.67 22.54 19.63
CA GLN A 386 -14.02 22.92 20.87
C GLN A 386 -14.51 22.09 22.06
N HIS A 387 -15.37 21.11 21.77
CA HIS A 387 -15.97 20.24 22.78
C HIS A 387 -16.24 18.85 22.21
N PHE A 388 -16.28 17.85 23.08
CA PHE A 388 -16.58 16.47 22.69
C PHE A 388 -18.06 16.26 22.40
N HIS A 389 -18.92 17.03 23.06
CA HIS A 389 -20.35 16.91 22.86
C HIS A 389 -20.92 18.26 22.44
N PHE A 390 -21.43 18.33 21.22
CA PHE A 390 -22.02 19.57 20.73
C PHE A 390 -22.99 19.38 19.57
N VAL A 391 -23.76 20.43 19.33
CA VAL A 391 -24.65 20.54 18.17
C VAL A 391 -24.24 21.77 17.37
N ALA A 392 -24.15 21.63 16.05
CA ALA A 392 -23.93 22.78 15.17
C ALA A 392 -24.96 22.74 14.07
N GLU A 393 -25.39 23.92 13.63
CA GLU A 393 -26.56 24.01 12.76
C GLU A 393 -26.50 25.23 11.85
N THR A 394 -26.97 25.06 10.62
CA THR A 394 -27.15 26.20 9.72
C THR A 394 -28.44 26.15 8.92
N LYS A 395 -28.85 27.29 8.39
CA LYS A 395 -30.07 27.42 7.62
C LYS A 395 -29.69 28.14 6.33
N VAL A 396 -29.96 27.50 5.20
CA VAL A 396 -29.40 27.95 3.92
C VAL A 396 -30.38 27.95 2.75
N SER A 397 -30.26 28.99 1.94
CA SER A 397 -30.99 29.11 0.69
C SER A 397 -30.03 28.86 -0.46
N PHE A 398 -30.36 27.89 -1.29
CA PHE A 398 -29.47 27.47 -2.37
C PHE A 398 -30.26 26.81 -3.49
N ARG A 399 -30.01 27.23 -4.73
CA ARG A 399 -30.68 26.68 -5.90
C ARG A 399 -29.64 26.22 -6.93
N PRO A 400 -29.12 24.99 -6.76
CA PRO A 400 -28.14 24.46 -7.72
C PRO A 400 -28.81 24.07 -9.03
N THR A 401 -28.12 24.31 -10.14
CA THR A 401 -28.64 24.01 -11.48
C THR A 401 -27.91 22.81 -12.10
N THR A 402 -26.91 22.31 -11.37
CA THR A 402 -26.04 21.22 -11.81
C THR A 402 -25.42 20.51 -10.61
N PHE A 403 -25.00 19.26 -10.80
CA PHE A 403 -24.29 18.49 -9.77
C PHE A 403 -22.91 19.07 -9.52
N GLN A 404 -22.47 19.99 -10.38
CA GLN A 404 -21.20 20.69 -10.17
C GLN A 404 -21.28 21.71 -9.04
N GLN A 405 -22.50 21.98 -8.56
CA GLN A 405 -22.70 22.98 -7.51
C GLN A 405 -23.18 22.31 -6.23
N SER A 406 -22.70 22.81 -5.08
CA SER A 406 -23.15 22.31 -3.79
C SER A 406 -23.07 23.38 -2.72
N ALA A 407 -23.85 23.23 -1.66
CA ALA A 407 -23.67 24.01 -0.45
C ALA A 407 -24.03 23.14 0.74
N GLY A 408 -23.28 23.27 1.83
CA GLY A 408 -23.59 22.43 2.96
C GLY A 408 -22.89 22.72 4.26
N LEU A 409 -23.16 21.84 5.21
CA LEU A 409 -22.55 21.85 6.53
C LEU A 409 -21.44 20.82 6.47
N VAL A 410 -20.23 21.23 6.83
CA VAL A 410 -19.06 20.38 6.69
C VAL A 410 -18.35 20.20 8.03
N ASN A 411 -17.96 18.97 8.32
CA ASN A 411 -17.05 18.68 9.41
C ASN A 411 -15.72 18.25 8.81
N TYR A 412 -14.68 18.98 9.14
CA TYR A 412 -13.52 19.05 8.26
C TYR A 412 -12.22 18.95 9.04
N TYR A 413 -11.33 18.06 8.58
CA TYR A 413 -9.97 18.03 9.11
C TYR A 413 -8.99 18.67 8.12
N ASN A 414 -8.85 18.06 6.94
CA ASN A 414 -8.05 18.63 5.86
C ASN A 414 -8.69 18.33 4.49
N THR A 415 -8.02 18.73 3.41
CA THR A 415 -8.57 18.60 2.07
C THR A 415 -8.94 17.17 1.68
N GLN A 416 -8.36 16.19 2.36
CA GLN A 416 -8.57 14.78 2.04
C GLN A 416 -9.37 14.04 3.09
N ASN A 417 -9.81 14.76 4.12
CA ASN A 417 -10.51 14.16 5.26
C ASN A 417 -11.59 15.05 5.81
N TRP A 418 -12.84 14.69 5.53
CA TRP A 418 -13.99 15.52 5.88
C TRP A 418 -15.29 14.78 5.60
N THR A 419 -16.38 15.27 6.18
CA THR A 419 -17.71 14.78 5.83
C THR A 419 -18.63 15.98 5.69
N THR A 420 -19.73 15.80 4.95
CA THR A 420 -20.66 16.89 4.72
C THR A 420 -22.08 16.44 4.45
N LEU A 421 -23.03 17.22 4.95
CA LEU A 421 -24.42 17.17 4.54
C LEU A 421 -24.60 18.36 3.59
N GLN A 422 -24.88 18.07 2.33
CA GLN A 422 -24.88 19.13 1.32
C GLN A 422 -26.10 19.10 0.40
N ILE A 423 -26.45 20.27 -0.11
CA ILE A 423 -27.50 20.44 -1.11
C ILE A 423 -26.82 20.40 -2.48
N THR A 424 -27.35 19.60 -3.40
CA THR A 424 -26.86 19.60 -4.79
C THR A 424 -28.02 19.36 -5.76
N TRP A 425 -27.71 19.02 -7.00
CA TRP A 425 -28.74 18.83 -8.04
C TRP A 425 -28.51 17.48 -8.70
N HIS A 426 -29.61 16.82 -9.05
CA HIS A 426 -29.59 15.51 -9.67
C HIS A 426 -30.50 15.52 -10.91
N GLU A 427 -30.06 14.86 -11.97
CA GLU A 427 -30.75 14.89 -13.26
C GLU A 427 -32.24 14.54 -13.18
N GLU A 428 -32.54 13.51 -12.39
CA GLU A 428 -33.90 12.97 -12.24
C GLU A 428 -34.62 13.67 -11.10
N LYS A 429 -33.93 13.78 -9.98
CA LYS A 429 -34.53 14.22 -8.72
C LYS A 429 -34.56 15.74 -8.52
N GLY A 430 -33.82 16.48 -9.35
CA GLY A 430 -33.67 17.93 -9.19
C GLY A 430 -32.79 18.26 -7.98
N ARG A 431 -33.12 19.34 -7.29
CA ARG A 431 -32.43 19.74 -6.07
C ARG A 431 -32.56 18.63 -5.01
N ILE A 432 -31.44 18.25 -4.39
CA ILE A 432 -31.39 17.14 -3.45
C ILE A 432 -30.46 17.41 -2.27
N LEU A 433 -30.72 16.71 -1.16
CA LEU A 433 -29.77 16.61 -0.05
C LEU A 433 -29.08 15.26 -0.09
N GLU A 434 -27.80 15.24 0.28
CA GLU A 434 -27.00 14.02 0.25
C GLU A 434 -25.88 14.10 1.28
N LEU A 435 -25.36 12.94 1.67
CA LEU A 435 -24.14 12.89 2.47
C LEU A 435 -22.98 12.62 1.54
N MET A 436 -21.81 13.13 1.92
CA MET A 436 -20.58 12.83 1.21
C MET A 436 -19.41 12.84 2.19
N THR A 437 -18.57 11.82 2.11
CA THR A 437 -17.38 11.75 2.95
C THR A 437 -16.14 11.59 2.13
N CYS A 438 -15.02 12.08 2.67
CA CYS A 438 -13.73 11.89 2.05
C CYS A 438 -12.82 11.39 3.14
N ASP A 439 -12.16 10.26 2.86
CA ASP A 439 -11.25 9.60 3.79
C ASP A 439 -9.96 9.29 3.05
N HIS A 440 -8.91 10.05 3.38
CA HIS A 440 -7.65 9.97 2.66
C HIS A 440 -7.89 10.02 1.14
N LEU A 441 -8.71 10.98 0.73
CA LEU A 441 -9.02 11.28 -0.69
C LEU A 441 -10.08 10.34 -1.31
N VAL A 442 -10.35 9.21 -0.66
CA VAL A 442 -11.38 8.28 -1.14
C VAL A 442 -12.76 8.75 -0.71
N VAL A 443 -13.66 8.95 -1.69
CA VAL A 443 -14.98 9.53 -1.45
C VAL A 443 -16.08 8.47 -1.40
N ASP A 444 -16.98 8.61 -0.42
CA ASP A 444 -18.18 7.78 -0.33
C ASP A 444 -19.38 8.71 -0.36
N GLN A 445 -20.48 8.23 -0.95
CA GLN A 445 -21.77 8.91 -0.90
C GLN A 445 -22.78 7.95 -0.27
N PRO A 446 -22.89 7.98 1.06
CA PRO A 446 -23.69 7.02 1.85
C PRO A 446 -25.16 6.91 1.47
N LEU A 447 -25.72 7.95 0.84
CA LEU A 447 -27.13 7.97 0.46
C LEU A 447 -27.36 7.82 -1.05
N ARG A 448 -26.37 7.33 -1.77
CA ARG A 448 -26.45 7.22 -3.23
C ARG A 448 -27.68 6.41 -3.65
N GLY A 449 -28.48 6.97 -4.56
CA GLY A 449 -29.76 6.39 -4.96
C GLY A 449 -30.91 6.62 -3.99
N ARG A 450 -30.56 7.07 -2.78
CA ARG A 450 -31.49 7.31 -1.69
C ARG A 450 -31.56 8.80 -1.30
N GLU A 451 -31.18 9.69 -2.22
CA GLU A 451 -31.00 11.11 -1.89
C GLU A 451 -32.32 11.79 -1.54
N ILE A 452 -32.26 12.79 -0.67
CA ILE A 452 -33.48 13.46 -0.21
C ILE A 452 -33.92 14.54 -1.20
N VAL A 453 -35.11 14.36 -1.77
CA VAL A 453 -35.68 15.35 -2.70
C VAL A 453 -36.15 16.58 -1.94
N VAL A 454 -35.64 17.74 -2.32
CA VAL A 454 -36.07 19.00 -1.73
C VAL A 454 -37.14 19.59 -2.65
N PRO A 455 -38.35 19.80 -2.11
CA PRO A 455 -39.44 20.39 -2.88
C PRO A 455 -39.10 21.80 -3.33
N ASP A 456 -39.64 22.17 -4.50
CA ASP A 456 -39.38 23.47 -5.10
C ASP A 456 -39.81 24.65 -4.23
N ASP A 457 -40.82 24.45 -3.40
CA ASP A 457 -41.37 25.55 -2.61
C ASP A 457 -40.60 25.83 -1.32
N ILE A 458 -39.54 25.06 -1.08
CA ILE A 458 -38.73 25.21 0.12
C ILE A 458 -37.65 26.28 -0.09
N GLU A 459 -37.74 27.37 0.65
CA GLU A 459 -36.75 28.43 0.57
C GLU A 459 -35.47 28.04 1.29
N TYR A 460 -35.60 27.56 2.53
CA TYR A 460 -34.45 27.25 3.36
C TYR A 460 -34.37 25.78 3.73
N VAL A 461 -33.17 25.21 3.59
CA VAL A 461 -32.91 23.89 4.12
C VAL A 461 -32.08 24.07 5.36
N TYR A 462 -32.54 23.46 6.45
CA TYR A 462 -31.86 23.51 7.72
C TYR A 462 -30.97 22.28 7.83
N LEU A 463 -29.71 22.48 8.22
CA LEU A 463 -28.72 21.39 8.30
C LEU A 463 -28.10 21.34 9.69
N ARG A 464 -28.07 20.15 10.27
CA ARG A 464 -27.62 19.99 11.66
C ARG A 464 -26.62 18.85 11.81
N VAL A 465 -25.63 19.04 12.66
CA VAL A 465 -24.79 17.95 13.13
C VAL A 465 -24.81 17.90 14.67
N THR A 466 -24.91 16.68 15.21
CA THR A 466 -24.90 16.46 16.65
C THR A 466 -23.73 15.52 16.99
N VAL A 467 -22.74 16.07 17.69
CA VAL A 467 -21.53 15.30 17.99
C VAL A 467 -21.60 14.79 19.43
N GLN A 468 -21.55 13.47 19.59
CA GLN A 468 -21.59 12.83 20.90
C GLN A 468 -20.31 12.03 21.08
N ALA A 469 -19.21 12.75 21.31
CA ALA A 469 -17.89 12.13 21.53
C ALA A 469 -17.39 11.24 20.36
N THR A 470 -17.46 9.91 20.49
CA THR A 470 -16.91 9.02 19.47
C THR A 470 -17.71 8.96 18.17
N THR A 471 -18.97 9.40 18.21
CA THR A 471 -19.85 9.38 17.04
C THR A 471 -20.57 10.70 16.83
N TYR A 472 -21.02 10.95 15.60
CA TYR A 472 -21.91 12.08 15.31
C TYR A 472 -22.90 11.75 14.20
N LYS A 473 -23.98 12.52 14.12
CA LYS A 473 -25.02 12.31 13.11
C LYS A 473 -25.50 13.62 12.52
N TYR A 474 -25.80 13.59 11.23
CA TYR A 474 -26.43 14.71 10.57
C TYR A 474 -27.95 14.56 10.58
N SER A 475 -28.64 15.70 10.62
CA SER A 475 -30.08 15.72 10.43
C SER A 475 -30.44 16.95 9.62
N TYR A 476 -31.65 16.95 9.06
CA TYR A 476 -32.13 18.05 8.23
C TYR A 476 -33.57 18.39 8.56
N SER A 477 -34.01 19.54 8.04
CA SER A 477 -35.36 20.05 8.19
C SER A 477 -35.65 21.00 7.03
N PHE A 478 -36.91 21.05 6.60
CA PHE A 478 -37.34 21.99 5.56
C PHE A 478 -38.09 23.19 6.14
N ASP A 479 -38.49 23.09 7.40
CA ASP A 479 -39.33 24.12 7.99
C ASP A 479 -38.77 24.72 9.27
N GLY A 480 -37.67 24.15 9.77
CA GLY A 480 -37.04 24.64 10.98
C GLY A 480 -37.56 24.02 12.27
N MET A 481 -38.58 23.18 12.14
CA MET A 481 -39.30 22.66 13.31
C MET A 481 -39.24 21.15 13.34
N ASN A 482 -39.52 20.53 12.19
CA ASN A 482 -39.56 19.09 12.04
C ASN A 482 -38.28 18.56 11.42
N TRP A 483 -37.52 17.80 12.22
CA TRP A 483 -36.21 17.30 11.83
C TRP A 483 -36.25 15.81 11.48
N ILE A 484 -35.38 15.39 10.57
CA ILE A 484 -35.19 13.98 10.26
C ILE A 484 -33.70 13.65 10.28
N ASP A 485 -33.33 12.65 11.08
CA ASP A 485 -31.97 12.15 11.09
C ASP A 485 -31.68 11.38 9.81
N LEU A 486 -30.50 11.62 9.25
CA LEU A 486 -30.03 10.80 8.14
C LEU A 486 -29.44 9.52 8.72
N PRO A 487 -29.85 8.36 8.18
CA PRO A 487 -29.57 7.07 8.81
C PRO A 487 -28.12 6.57 8.66
N VAL A 488 -27.15 7.42 9.00
CA VAL A 488 -25.73 7.09 8.92
C VAL A 488 -25.02 7.62 10.16
N THR A 489 -24.32 6.75 10.88
CA THR A 489 -23.57 7.15 12.05
C THR A 489 -22.11 7.36 11.68
N PHE A 490 -21.59 8.55 11.94
CA PHE A 490 -20.19 8.87 11.63
C PHE A 490 -19.29 8.73 12.85
N GLU A 491 -18.01 8.53 12.61
CA GLU A 491 -17.06 8.32 13.68
C GLU A 491 -16.08 9.48 13.76
N SER A 492 -16.03 10.09 14.94
CA SER A 492 -15.23 11.29 15.15
C SER A 492 -13.73 11.05 15.02
N TYR A 493 -13.28 9.82 15.23
CA TYR A 493 -11.86 9.50 15.17
C TYR A 493 -11.28 9.70 13.77
N LYS A 494 -12.15 9.72 12.77
CA LYS A 494 -11.73 9.92 11.39
C LYS A 494 -11.42 11.39 11.06
N LEU A 495 -11.83 12.29 11.95
CA LEU A 495 -11.49 13.71 11.86
C LEU A 495 -10.44 14.09 12.92
N SER A 496 -9.46 13.21 13.14
CA SER A 496 -8.49 13.41 14.22
C SER A 496 -7.05 13.40 13.73
N ASP A 497 -6.17 14.07 14.48
CA ASP A 497 -4.75 14.09 14.21
C ASP A 497 -4.25 12.68 13.96
N ASP A 498 -4.59 11.79 14.90
CA ASP A 498 -4.00 10.46 14.98
C ASP A 498 -4.43 9.52 13.86
N TYR A 499 -5.52 9.86 13.19
CA TYR A 499 -6.02 9.05 12.08
C TYR A 499 -5.32 9.31 10.75
N ILE A 500 -4.71 10.49 10.59
CA ILE A 500 -4.11 10.90 9.32
C ILE A 500 -2.77 10.20 9.06
N LYS A 501 -2.70 9.43 7.97
CA LYS A 501 -1.54 8.55 7.72
C LYS A 501 -0.26 9.29 7.27
N SER A 502 -0.38 10.58 6.99
CA SER A 502 0.74 11.38 6.48
C SER A 502 1.78 11.73 7.54
N ARG A 503 1.37 11.71 8.81
CA ARG A 503 2.13 12.27 9.93
C ARG A 503 2.00 13.80 10.03
N ALA A 504 1.88 14.47 8.88
CA ALA A 504 1.63 15.91 8.83
C ALA A 504 0.18 16.21 9.16
N ALA A 505 -0.13 16.12 10.45
CA ALA A 505 -1.49 16.24 10.95
C ALA A 505 -1.43 17.02 12.24
N PHE A 506 -1.44 18.34 12.10
CA PHE A 506 -1.12 19.25 13.19
C PHE A 506 -2.26 20.24 13.51
N THR A 507 -3.46 19.97 12.99
CA THR A 507 -4.57 20.90 13.22
C THR A 507 -5.65 20.40 14.19
N GLY A 508 -6.80 20.01 13.65
CA GLY A 508 -7.97 19.62 14.46
C GLY A 508 -9.26 19.76 13.66
N ALA A 509 -10.33 19.17 14.16
CA ALA A 509 -11.63 19.20 13.48
C ALA A 509 -12.27 20.58 13.53
N PHE A 510 -12.84 20.98 12.39
CA PHE A 510 -13.61 22.21 12.25
C PHE A 510 -15.03 21.87 11.82
N VAL A 511 -15.97 22.79 12.05
CA VAL A 511 -17.32 22.69 11.51
C VAL A 511 -17.68 24.00 10.82
N GLY A 512 -18.26 23.93 9.63
CA GLY A 512 -18.54 25.16 8.88
C GLY A 512 -19.49 25.07 7.72
N MET A 513 -19.51 26.15 6.96
CA MET A 513 -20.42 26.37 5.85
C MET A 513 -19.62 26.47 4.55
N HIS A 514 -20.01 25.67 3.55
CA HIS A 514 -19.31 25.58 2.28
C HIS A 514 -20.27 25.83 1.12
N CYS A 515 -19.74 26.43 0.05
CA CYS A 515 -20.45 26.46 -1.22
C CYS A 515 -19.42 26.21 -2.31
N ARG A 516 -19.75 25.27 -3.19
CA ARG A 516 -18.92 24.99 -4.34
C ARG A 516 -19.71 25.33 -5.58
N ASP A 517 -19.05 25.99 -6.54
CA ASP A 517 -19.58 26.07 -7.91
C ASP A 517 -18.52 25.64 -8.93
N GLY A 518 -18.54 24.34 -9.23
CA GLY A 518 -17.58 23.74 -10.14
C GLY A 518 -17.80 24.11 -11.59
N SER A 519 -18.93 24.76 -11.90
CA SER A 519 -19.26 25.14 -13.27
C SER A 519 -18.72 26.52 -13.64
N GLY A 520 -18.45 27.33 -12.63
CA GLY A 520 -17.93 28.67 -12.82
C GLY A 520 -19.01 29.67 -13.21
N GLN A 521 -20.20 29.49 -12.65
CA GLN A 521 -21.33 30.37 -12.96
C GLN A 521 -21.64 31.36 -11.83
N ASN A 522 -20.78 31.37 -10.81
CA ASN A 522 -20.91 32.27 -9.66
C ASN A 522 -22.23 32.08 -8.89
N ASN A 523 -22.70 30.83 -8.85
CA ASN A 523 -23.87 30.51 -8.04
C ASN A 523 -23.47 30.59 -6.57
N TYR A 524 -24.44 30.90 -5.72
CA TYR A 524 -24.16 31.22 -4.34
C TYR A 524 -25.21 30.64 -3.41
N ALA A 525 -24.84 30.53 -2.13
CA ALA A 525 -25.72 30.04 -1.08
C ALA A 525 -25.83 31.12 0.01
N ASP A 526 -27.05 31.37 0.49
CA ASP A 526 -27.27 32.36 1.54
C ASP A 526 -27.55 31.64 2.87
N PHE A 527 -26.66 31.86 3.84
CA PHE A 527 -26.76 31.24 5.16
C PHE A 527 -27.35 32.22 6.16
N ASP A 528 -28.53 31.92 6.69
CA ASP A 528 -29.22 32.85 7.58
C ASP A 528 -28.59 32.95 8.98
N TYR A 529 -28.13 31.82 9.50
CA TYR A 529 -27.46 31.77 10.81
C TYR A 529 -26.49 30.60 10.88
N PHE A 530 -25.58 30.65 11.86
CA PHE A 530 -24.75 29.51 12.19
C PHE A 530 -24.75 29.34 13.69
N LEU A 531 -25.13 28.13 14.11
CA LEU A 531 -25.31 27.81 15.50
C LEU A 531 -24.24 26.80 15.95
N TYR A 532 -23.61 27.11 17.08
CA TYR A 532 -22.69 26.19 17.74
C TYR A 532 -22.98 26.22 19.23
N LYS A 533 -23.31 25.05 19.79
CA LYS A 533 -23.68 24.95 21.20
C LYS A 533 -23.14 23.67 21.82
N GLU A 534 -22.41 23.83 22.93
CA GLU A 534 -21.90 22.72 23.73
C GLU A 534 -23.08 22.03 24.40
N LEU A 535 -23.02 20.70 24.45
CA LEU A 535 -24.05 19.90 25.12
C LEU A 535 -23.47 19.18 26.33
N LYS B 3 -25.59 -24.55 -33.88
CA LYS B 3 -25.69 -25.86 -33.20
C LYS B 3 -25.19 -25.77 -31.76
N ILE B 4 -24.03 -25.14 -31.54
CA ILE B 4 -23.43 -25.12 -30.20
C ILE B 4 -23.27 -23.71 -29.65
N LYS B 5 -23.85 -23.46 -28.48
CA LYS B 5 -23.74 -22.17 -27.79
C LYS B 5 -22.64 -22.21 -26.73
N ASN B 6 -21.77 -21.21 -26.78
CA ASN B 6 -20.67 -21.06 -25.84
C ASN B 6 -21.05 -20.19 -24.63
N PRO B 7 -20.46 -20.44 -23.45
CA PRO B 7 -19.54 -21.54 -23.15
C PRO B 7 -20.24 -22.89 -23.00
N ILE B 8 -19.53 -23.95 -23.33
CA ILE B 8 -20.08 -25.31 -23.21
C ILE B 8 -19.99 -25.86 -21.79
N LEU B 9 -19.00 -25.38 -21.02
CA LEU B 9 -18.91 -25.68 -19.59
C LEU B 9 -18.88 -24.36 -18.84
N THR B 10 -19.84 -24.21 -17.96
CA THR B 10 -20.26 -22.92 -17.49
C THR B 10 -19.83 -22.80 -16.03
N GLY B 11 -19.48 -21.60 -15.58
CA GLY B 11 -18.77 -21.43 -14.31
C GLY B 11 -17.36 -22.00 -14.38
N PHE B 12 -16.68 -21.97 -13.23
CA PHE B 12 -15.26 -22.37 -13.04
C PHE B 12 -14.88 -23.69 -13.73
N HIS B 13 -14.34 -23.57 -14.95
CA HIS B 13 -13.93 -24.70 -15.80
C HIS B 13 -12.76 -24.27 -16.72
N PRO B 14 -11.57 -24.00 -16.15
CA PRO B 14 -10.49 -23.51 -16.99
C PRO B 14 -9.63 -24.59 -17.64
N ASP B 15 -8.76 -24.18 -18.57
CA ASP B 15 -7.72 -25.05 -19.15
C ASP B 15 -8.27 -26.35 -19.72
N PRO B 16 -9.23 -26.28 -20.67
CA PRO B 16 -9.82 -27.51 -21.15
C PRO B 16 -8.82 -28.39 -21.93
N SER B 17 -8.72 -29.66 -21.56
CA SER B 17 -7.90 -30.61 -22.30
C SER B 17 -8.86 -31.65 -22.86
N ILE B 18 -9.08 -31.60 -24.17
CA ILE B 18 -10.01 -32.49 -24.85
C ILE B 18 -9.29 -33.75 -25.35
N CYS B 19 -10.00 -34.88 -25.28
CA CYS B 19 -9.45 -36.16 -25.69
C CYS B 19 -10.54 -36.97 -26.41
N ARG B 20 -10.22 -37.43 -27.61
CA ARG B 20 -11.12 -38.29 -28.36
C ARG B 20 -10.71 -39.76 -28.19
N VAL B 21 -11.70 -40.61 -27.94
CA VAL B 21 -11.56 -42.08 -28.00
C VAL B 21 -12.73 -42.64 -28.83
N GLY B 22 -12.49 -42.84 -30.13
CA GLY B 22 -13.54 -43.29 -31.05
C GLY B 22 -14.53 -42.17 -31.36
N ASP B 23 -15.78 -42.34 -30.92
CA ASP B 23 -16.77 -41.26 -31.01
C ASP B 23 -17.19 -40.77 -29.61
N ASP B 24 -16.36 -41.06 -28.61
CA ASP B 24 -16.51 -40.49 -27.28
C ASP B 24 -15.52 -39.37 -27.09
N TYR B 25 -16.00 -38.25 -26.54
CA TYR B 25 -15.16 -37.08 -26.34
C TYR B 25 -15.12 -36.71 -24.85
N TYR B 26 -13.94 -36.29 -24.40
CA TYR B 26 -13.73 -36.04 -22.98
C TYR B 26 -13.01 -34.71 -22.80
N ILE B 27 -13.48 -33.90 -21.86
CA ILE B 27 -12.77 -32.68 -21.47
C ILE B 27 -12.37 -32.72 -20.01
N ALA B 28 -11.08 -32.53 -19.75
CA ALA B 28 -10.60 -32.34 -18.40
C ALA B 28 -10.31 -30.87 -18.14
N VAL B 29 -10.70 -30.39 -16.96
CA VAL B 29 -10.44 -29.01 -16.54
C VAL B 29 -9.76 -28.97 -15.19
N SER B 30 -9.08 -27.86 -14.92
CA SER B 30 -8.36 -27.66 -13.68
C SER B 30 -9.30 -27.34 -12.54
N THR B 31 -8.87 -27.68 -11.32
CA THR B 31 -9.68 -27.60 -10.11
C THR B 31 -8.96 -26.90 -8.95
N PHE B 32 -7.67 -26.65 -9.12
CA PHE B 32 -6.91 -25.88 -8.14
C PHE B 32 -7.03 -26.43 -6.72
N GLU B 33 -7.49 -25.63 -5.75
CA GLU B 33 -7.60 -26.09 -4.36
C GLU B 33 -8.86 -26.90 -4.04
N TRP B 34 -9.79 -26.98 -4.99
CA TRP B 34 -11.03 -27.73 -4.78
C TRP B 34 -10.85 -29.24 -4.99
N PHE B 35 -11.42 -30.01 -4.07
CA PHE B 35 -11.23 -31.46 -4.00
C PHE B 35 -12.56 -32.20 -4.22
N PRO B 36 -12.55 -33.33 -4.95
CA PRO B 36 -11.43 -33.98 -5.67
C PRO B 36 -10.87 -33.20 -6.87
N GLY B 37 -9.67 -33.60 -7.28
CA GLY B 37 -8.96 -32.96 -8.38
C GLY B 37 -9.38 -33.46 -9.75
N VAL B 38 -9.47 -32.50 -10.67
CA VAL B 38 -9.83 -32.69 -12.08
C VAL B 38 -11.32 -33.03 -12.27
N ARG B 39 -11.97 -32.31 -13.17
CA ARG B 39 -13.30 -32.69 -13.64
C ARG B 39 -13.18 -33.17 -15.06
N ILE B 40 -13.71 -34.35 -15.35
CA ILE B 40 -13.83 -34.80 -16.73
C ILE B 40 -15.28 -34.92 -17.18
N TYR B 41 -15.58 -34.21 -18.28
CA TYR B 41 -16.90 -34.24 -18.89
C TYR B 41 -16.87 -35.08 -20.17
N HIS B 42 -17.99 -35.73 -20.47
CA HIS B 42 -18.11 -36.60 -21.64
C HIS B 42 -19.20 -36.06 -22.58
N SER B 43 -19.03 -36.32 -23.87
CA SER B 43 -19.96 -35.92 -24.92
C SER B 43 -19.85 -36.80 -26.15
N LYS B 44 -20.95 -36.91 -26.90
CA LYS B 44 -20.98 -37.60 -28.19
C LYS B 44 -21.02 -36.58 -29.32
N ASP B 45 -21.47 -35.37 -29.02
CA ASP B 45 -21.74 -34.38 -30.08
C ASP B 45 -20.96 -33.07 -29.93
N LEU B 46 -20.16 -32.98 -28.88
CA LEU B 46 -19.42 -31.74 -28.53
C LEU B 46 -20.29 -30.60 -28.00
N LYS B 47 -21.61 -30.81 -28.01
CA LYS B 47 -22.59 -29.83 -27.53
C LYS B 47 -23.03 -30.10 -26.10
N ASN B 48 -23.54 -31.31 -25.86
CA ASN B 48 -24.05 -31.70 -24.56
C ASN B 48 -22.99 -32.46 -23.80
N TRP B 49 -22.71 -32.02 -22.56
CA TRP B 49 -21.63 -32.54 -21.72
C TRP B 49 -22.12 -32.93 -20.33
N ARG B 50 -21.69 -34.10 -19.85
CA ARG B 50 -22.01 -34.53 -18.50
C ARG B 50 -20.76 -34.95 -17.74
N LEU B 51 -20.71 -34.57 -16.46
CA LEU B 51 -19.59 -34.96 -15.61
C LEU B 51 -19.56 -36.47 -15.48
N VAL B 52 -18.40 -37.07 -15.76
CA VAL B 52 -18.27 -38.54 -15.69
C VAL B 52 -17.16 -39.05 -14.76
N ALA B 53 -16.16 -38.22 -14.49
CA ALA B 53 -15.07 -38.63 -13.59
C ALA B 53 -14.49 -37.47 -12.80
N ARG B 54 -14.08 -37.80 -11.57
CA ARG B 54 -13.30 -36.92 -10.70
C ARG B 54 -12.07 -37.71 -10.22
N PRO B 55 -11.06 -37.86 -11.09
CA PRO B 55 -9.97 -38.86 -10.94
C PRO B 55 -9.10 -38.76 -9.69
N LEU B 56 -8.75 -37.54 -9.27
CA LEU B 56 -7.83 -37.38 -8.16
C LEU B 56 -8.55 -37.31 -6.81
N ASN B 57 -8.98 -38.48 -6.32
CA ASN B 57 -9.82 -38.56 -5.14
C ASN B 57 -9.16 -39.27 -3.96
N ARG B 58 -7.92 -39.70 -4.16
CA ARG B 58 -7.14 -40.29 -3.07
C ARG B 58 -5.99 -39.39 -2.65
N LEU B 59 -5.76 -39.32 -1.35
CA LEU B 59 -4.64 -38.56 -0.78
C LEU B 59 -3.26 -38.99 -1.30
N SER B 60 -3.15 -40.23 -1.78
CA SER B 60 -1.91 -40.72 -2.37
C SER B 60 -1.67 -40.01 -3.71
N GLN B 61 -2.75 -39.61 -4.36
CA GLN B 61 -2.70 -38.93 -5.63
C GLN B 61 -2.61 -37.41 -5.45
N LEU B 62 -3.27 -36.91 -4.41
CA LEU B 62 -3.44 -35.47 -4.25
C LEU B 62 -3.68 -35.10 -2.81
N ASN B 63 -2.67 -34.47 -2.21
CA ASN B 63 -2.65 -34.12 -0.82
C ASN B 63 -2.43 -32.60 -0.76
N MET B 64 -3.53 -31.86 -0.63
CA MET B 64 -3.49 -30.40 -0.80
C MET B 64 -3.70 -29.57 0.47
N ILE B 65 -3.69 -30.19 1.65
CA ILE B 65 -3.82 -29.44 2.90
C ILE B 65 -2.74 -28.35 3.03
N GLY B 66 -3.16 -27.14 3.39
CA GLY B 66 -2.29 -25.97 3.45
C GLY B 66 -2.02 -25.29 2.12
N ASN B 67 -2.45 -25.89 1.00
CA ASN B 67 -2.16 -25.31 -0.30
C ASN B 67 -2.68 -23.89 -0.38
N PRO B 68 -1.94 -22.99 -1.05
CA PRO B 68 -2.42 -21.61 -1.10
C PRO B 68 -3.61 -21.52 -2.03
N ASP B 69 -4.45 -20.52 -1.85
CA ASP B 69 -5.50 -20.23 -2.82
C ASP B 69 -4.93 -20.16 -4.22
N SER B 70 -5.62 -20.84 -5.15
CA SER B 70 -5.23 -20.97 -6.55
C SER B 70 -3.89 -21.70 -6.75
N GLY B 71 -3.52 -22.52 -5.75
CA GLY B 71 -2.47 -23.55 -5.90
C GLY B 71 -3.13 -24.87 -6.25
N GLY B 72 -2.43 -25.97 -6.02
CA GLY B 72 -2.98 -27.30 -6.33
C GLY B 72 -3.03 -27.63 -7.80
N VAL B 73 -4.17 -28.16 -8.25
CA VAL B 73 -4.30 -28.69 -9.61
C VAL B 73 -4.49 -27.59 -10.65
N TRP B 74 -3.41 -27.27 -11.38
CA TRP B 74 -3.46 -26.34 -12.50
C TRP B 74 -3.91 -27.08 -13.75
N ALA B 75 -3.62 -26.54 -14.94
CA ALA B 75 -4.04 -27.16 -16.19
C ALA B 75 -3.62 -28.62 -16.26
N PRO B 76 -4.61 -29.53 -16.43
CA PRO B 76 -4.33 -30.94 -16.63
C PRO B 76 -4.22 -31.30 -18.10
N HIS B 77 -3.75 -32.50 -18.37
CA HIS B 77 -3.75 -32.99 -19.73
C HIS B 77 -4.26 -34.41 -19.75
N LEU B 78 -5.25 -34.64 -20.60
CA LEU B 78 -5.86 -35.96 -20.75
C LEU B 78 -5.60 -36.49 -22.14
N SER B 79 -5.08 -37.71 -22.22
CA SER B 79 -4.86 -38.37 -23.50
C SER B 79 -5.25 -39.85 -23.45
N TYR B 80 -5.34 -40.45 -24.63
CA TYR B 80 -5.60 -41.88 -24.74
C TYR B 80 -4.64 -42.51 -25.74
N SER B 81 -3.96 -43.58 -25.29
CA SER B 81 -3.07 -44.35 -26.17
C SER B 81 -2.77 -45.69 -25.55
N ASP B 82 -2.52 -46.68 -26.41
CA ASP B 82 -2.19 -48.03 -26.00
C ASP B 82 -3.19 -48.57 -24.98
N GLY B 83 -4.48 -48.42 -25.30
CA GLY B 83 -5.56 -49.02 -24.53
C GLY B 83 -5.91 -48.44 -23.17
N LYS B 84 -5.27 -47.34 -22.78
CA LYS B 84 -5.59 -46.67 -21.50
C LYS B 84 -5.61 -45.14 -21.60
N PHE B 85 -6.15 -44.51 -20.56
CA PHE B 85 -6.20 -43.04 -20.44
C PHE B 85 -4.97 -42.58 -19.68
N TRP B 86 -4.38 -41.47 -20.14
CA TRP B 86 -3.24 -40.88 -19.45
C TRP B 86 -3.66 -39.50 -18.98
N LEU B 87 -3.51 -39.25 -17.68
CA LEU B 87 -3.79 -37.93 -17.11
C LEU B 87 -2.56 -37.35 -16.44
N ILE B 88 -2.12 -36.21 -16.94
CA ILE B 88 -0.99 -35.50 -16.36
C ILE B 88 -1.51 -34.31 -15.56
N TYR B 89 -1.04 -34.19 -14.32
CA TYR B 89 -1.46 -33.08 -13.48
C TYR B 89 -0.32 -32.49 -12.64
N THR B 90 -0.56 -31.30 -12.11
CA THR B 90 0.39 -30.61 -11.26
C THR B 90 -0.22 -30.41 -9.87
N ASP B 91 0.64 -30.35 -8.86
CA ASP B 91 0.28 -29.85 -7.55
C ASP B 91 1.17 -28.62 -7.32
N VAL B 92 0.61 -27.43 -7.53
CA VAL B 92 1.37 -26.18 -7.35
C VAL B 92 1.31 -25.69 -5.90
N LYS B 93 2.50 -25.54 -5.31
CA LYS B 93 2.64 -25.19 -3.91
C LYS B 93 2.87 -23.69 -3.68
N VAL B 94 3.52 -23.06 -4.65
CA VAL B 94 3.88 -21.63 -4.55
C VAL B 94 3.29 -20.87 -5.74
N VAL B 95 2.50 -19.84 -5.44
CA VAL B 95 1.75 -19.12 -6.47
C VAL B 95 1.97 -17.61 -6.48
N GLU B 96 2.84 -17.12 -5.60
CA GLU B 96 3.20 -15.70 -5.57
C GLU B 96 4.70 -15.57 -5.37
N GLY B 97 5.30 -14.54 -5.98
CA GLY B 97 6.74 -14.29 -5.87
C GLY B 97 7.51 -14.73 -7.10
N GLN B 98 8.83 -14.86 -6.95
CA GLN B 98 9.71 -15.26 -8.06
C GLN B 98 9.60 -16.74 -8.45
N TRP B 99 9.13 -17.55 -7.51
CA TRP B 99 9.02 -18.99 -7.74
C TRP B 99 7.57 -19.44 -7.92
N LYS B 100 7.41 -20.55 -8.63
CA LYS B 100 6.12 -21.22 -8.82
C LYS B 100 6.29 -22.73 -8.57
N ASP B 101 6.85 -23.06 -7.40
CA ASP B 101 7.18 -24.44 -7.03
C ASP B 101 5.99 -25.39 -7.18
N GLY B 102 6.19 -26.43 -7.97
CA GLY B 102 5.14 -27.41 -8.24
C GLY B 102 5.68 -28.64 -8.92
N HIS B 103 4.99 -29.76 -8.72
CA HIS B 103 5.43 -31.06 -9.21
C HIS B 103 4.42 -31.69 -10.15
N ASN B 104 4.93 -32.32 -11.21
CA ASN B 104 4.13 -32.93 -12.25
C ASN B 104 4.00 -34.44 -12.07
N TYR B 105 2.79 -34.96 -12.30
CA TYR B 105 2.51 -36.39 -12.09
C TYR B 105 1.71 -36.98 -13.25
N LEU B 106 1.97 -38.26 -13.54
CA LEU B 106 1.16 -39.05 -14.47
C LEU B 106 0.34 -40.07 -13.67
N VAL B 107 -0.94 -40.18 -13.99
CA VAL B 107 -1.77 -41.28 -13.51
C VAL B 107 -2.50 -41.89 -14.70
N THR B 108 -2.82 -43.17 -14.60
CA THR B 108 -3.49 -43.87 -15.70
C THR B 108 -4.71 -44.66 -15.20
N CYS B 109 -5.63 -44.93 -16.13
CA CYS B 109 -6.78 -45.78 -15.88
C CYS B 109 -7.28 -46.36 -17.20
N ASP B 110 -7.73 -47.61 -17.16
CA ASP B 110 -8.25 -48.29 -18.36
C ASP B 110 -9.57 -47.68 -18.79
N THR B 111 -10.33 -47.20 -17.82
CA THR B 111 -11.61 -46.53 -18.08
C THR B 111 -11.60 -45.10 -17.51
N ILE B 112 -12.44 -44.23 -18.08
CA ILE B 112 -12.46 -42.82 -17.66
C ILE B 112 -12.80 -42.62 -16.17
N ASP B 113 -13.66 -43.49 -15.64
CA ASP B 113 -14.25 -43.31 -14.30
C ASP B 113 -13.85 -44.38 -13.26
N GLY B 114 -12.78 -45.13 -13.52
CA GLY B 114 -12.36 -46.16 -12.59
C GLY B 114 -11.43 -45.66 -11.51
N ALA B 115 -10.77 -46.59 -10.83
CA ALA B 115 -9.70 -46.26 -9.92
C ALA B 115 -8.45 -45.95 -10.73
N TRP B 116 -8.10 -44.67 -10.78
CA TRP B 116 -6.88 -44.24 -11.45
C TRP B 116 -5.68 -44.74 -10.65
N SER B 117 -4.56 -44.92 -11.34
CA SER B 117 -3.35 -45.42 -10.70
C SER B 117 -2.83 -44.41 -9.68
N ASP B 118 -1.85 -44.84 -8.90
CA ASP B 118 -1.06 -43.92 -8.10
C ASP B 118 -0.12 -43.14 -9.01
N PRO B 119 0.30 -41.92 -8.59
CA PRO B 119 1.06 -41.06 -9.49
C PRO B 119 2.50 -41.50 -9.78
N ILE B 120 2.89 -41.40 -11.05
CA ILE B 120 4.29 -41.46 -11.45
C ILE B 120 4.80 -40.02 -11.49
N TYR B 121 5.74 -39.69 -10.60
CA TYR B 121 6.40 -38.39 -10.63
C TYR B 121 7.15 -38.19 -11.94
N LEU B 122 7.04 -37.00 -12.52
CA LEU B 122 7.64 -36.71 -13.83
C LEU B 122 8.80 -35.71 -13.75
N ASN B 123 8.49 -34.46 -13.43
CA ASN B 123 9.50 -33.44 -13.18
C ASN B 123 8.92 -32.29 -12.36
N SER B 124 9.62 -31.16 -12.33
CA SER B 124 9.18 -29.96 -11.63
C SER B 124 9.59 -28.69 -12.37
N SER B 125 10.08 -28.85 -13.59
CA SER B 125 10.65 -27.74 -14.37
C SER B 125 9.64 -26.65 -14.80
N GLY B 126 8.37 -26.84 -14.45
CA GLY B 126 7.35 -25.84 -14.77
C GLY B 126 6.03 -26.44 -15.21
N PHE B 127 4.95 -25.74 -14.88
CA PHE B 127 3.58 -26.24 -15.05
C PHE B 127 3.11 -26.42 -16.50
N ASP B 128 1.82 -26.75 -16.65
CA ASP B 128 1.23 -27.10 -17.94
C ASP B 128 1.90 -28.30 -18.65
N PRO B 129 2.09 -29.42 -17.93
CA PRO B 129 2.63 -30.63 -18.54
C PRO B 129 1.63 -31.28 -19.49
N SER B 130 2.14 -31.88 -20.57
CA SER B 130 1.30 -32.48 -21.62
C SER B 130 2.03 -33.66 -22.26
N LEU B 131 1.36 -34.82 -22.32
CA LEU B 131 1.94 -36.05 -22.91
C LEU B 131 1.60 -36.24 -24.38
N PHE B 132 2.65 -36.38 -25.20
CA PHE B 132 2.49 -36.59 -26.63
C PHE B 132 2.78 -38.04 -27.00
N HIS B 133 1.93 -38.60 -27.85
CA HIS B 133 2.04 -39.98 -28.29
C HIS B 133 2.38 -40.00 -29.79
N ASP B 134 3.67 -40.12 -30.09
CA ASP B 134 4.14 -40.08 -31.47
C ASP B 134 3.72 -41.32 -32.27
N GLU B 135 3.48 -41.12 -33.57
CA GLU B 135 2.96 -42.15 -34.48
C GLU B 135 3.83 -43.40 -34.52
N ASP B 136 5.09 -43.26 -34.12
CA ASP B 136 6.04 -44.37 -34.09
C ASP B 136 6.18 -44.95 -32.67
N GLY B 137 5.10 -44.84 -31.89
CA GLY B 137 5.01 -45.49 -30.58
C GLY B 137 5.92 -44.96 -29.49
N ARG B 138 6.49 -43.78 -29.68
CA ARG B 138 7.30 -43.14 -28.62
C ARG B 138 6.55 -41.98 -27.97
N LYS B 139 6.86 -41.74 -26.69
CA LYS B 139 6.13 -40.76 -25.87
C LYS B 139 7.03 -39.65 -25.32
N TYR B 140 6.56 -38.41 -25.44
CA TYR B 140 7.34 -37.25 -25.02
C TYR B 140 6.49 -36.28 -24.19
N LEU B 141 7.07 -35.77 -23.11
CA LEU B 141 6.41 -34.77 -22.27
C LEU B 141 6.88 -33.36 -22.64
N VAL B 142 5.93 -32.44 -22.80
CA VAL B 142 6.24 -31.02 -22.92
C VAL B 142 5.60 -30.26 -21.77
N ASN B 143 6.28 -29.21 -21.30
CA ASN B 143 5.73 -28.26 -20.33
C ASN B 143 6.42 -26.91 -20.48
N MET B 144 6.00 -25.93 -19.68
CA MET B 144 6.72 -24.66 -19.66
C MET B 144 7.93 -24.73 -18.72
N TYR B 145 8.95 -23.93 -19.03
CA TYR B 145 10.16 -23.90 -18.22
C TYR B 145 10.24 -22.61 -17.41
N TRP B 146 10.39 -22.74 -16.10
CA TRP B 146 10.24 -21.61 -15.16
C TRP B 146 11.56 -20.95 -14.76
N ASP B 147 11.66 -19.67 -15.08
CA ASP B 147 12.85 -18.85 -14.77
C ASP B 147 12.55 -17.89 -13.61
N HIS B 148 13.15 -18.17 -12.46
CA HIS B 148 12.93 -17.38 -11.24
C HIS B 148 13.80 -16.12 -11.14
N ARG B 149 14.73 -15.92 -12.09
CA ARG B 149 15.75 -14.87 -11.95
C ARG B 149 15.22 -13.43 -11.98
N VAL B 150 15.81 -12.58 -11.14
CA VAL B 150 15.33 -11.23 -10.86
C VAL B 150 15.16 -10.32 -12.08
N ASP B 151 15.97 -10.53 -13.12
CA ASP B 151 15.91 -9.70 -14.32
C ASP B 151 15.59 -10.52 -15.57
N HIS B 152 14.78 -11.56 -15.38
CA HIS B 152 14.41 -12.48 -16.44
C HIS B 152 12.91 -12.63 -16.48
N HIS B 153 12.36 -12.73 -17.69
CA HIS B 153 10.98 -13.14 -17.88
C HIS B 153 10.84 -14.62 -17.51
N PRO B 154 9.91 -14.92 -16.57
CA PRO B 154 9.82 -16.24 -15.94
C PRO B 154 9.46 -17.36 -16.92
N PHE B 155 8.87 -17.00 -18.06
CA PHE B 155 8.43 -17.99 -19.04
C PHE B 155 9.51 -18.26 -20.09
N TYR B 156 10.46 -19.11 -19.69
CA TYR B 156 11.67 -19.45 -20.47
C TYR B 156 11.36 -20.15 -21.78
N GLY B 157 10.17 -20.73 -21.87
CA GLY B 157 9.75 -21.41 -23.08
C GLY B 157 9.25 -22.81 -22.78
N ILE B 158 9.17 -23.62 -23.83
CA ILE B 158 8.66 -24.98 -23.74
C ILE B 158 9.80 -26.01 -23.76
N VAL B 159 9.88 -26.79 -22.68
CA VAL B 159 10.85 -27.89 -22.59
C VAL B 159 10.20 -29.18 -23.08
N LEU B 160 10.99 -30.02 -23.75
CA LEU B 160 10.52 -31.32 -24.26
C LEU B 160 11.44 -32.43 -23.78
N GLN B 161 10.85 -33.56 -23.41
CA GLN B 161 11.61 -34.73 -22.94
C GLN B 161 10.82 -36.03 -23.08
N GLU B 162 11.52 -37.09 -23.49
CA GLU B 162 10.92 -38.41 -23.66
C GLU B 162 10.56 -39.05 -22.31
N TYR B 163 9.39 -39.69 -22.26
CA TYR B 163 9.00 -40.50 -21.10
C TYR B 163 9.08 -41.98 -21.50
N SER B 164 9.59 -42.80 -20.60
CA SER B 164 9.68 -44.25 -20.84
C SER B 164 8.68 -45.01 -20.00
N VAL B 165 7.78 -45.71 -20.68
CA VAL B 165 6.68 -46.44 -20.02
C VAL B 165 7.24 -47.55 -19.11
N GLU B 166 8.18 -48.32 -19.67
CA GLU B 166 8.82 -49.43 -18.95
C GLU B 166 9.50 -48.96 -17.66
N GLN B 167 10.20 -47.83 -17.75
CA GLN B 167 11.05 -47.36 -16.65
C GLN B 167 10.35 -46.45 -15.63
N LYS B 168 9.10 -46.07 -15.92
CA LYS B 168 8.32 -45.16 -15.04
C LYS B 168 9.06 -43.83 -14.77
N LYS B 169 9.63 -43.24 -15.81
CA LYS B 169 10.36 -41.97 -15.70
C LYS B 169 10.70 -41.34 -17.05
N LEU B 170 11.17 -40.08 -17.01
CA LEU B 170 11.67 -39.39 -18.19
C LEU B 170 13.09 -39.84 -18.51
N VAL B 171 13.45 -39.81 -19.79
CA VAL B 171 14.77 -40.24 -20.25
C VAL B 171 15.41 -39.28 -21.25
N GLY B 172 16.67 -39.53 -21.57
CA GLY B 172 17.44 -38.66 -22.46
C GLY B 172 17.67 -37.27 -21.88
N GLU B 173 17.90 -36.31 -22.77
CA GLU B 173 18.21 -34.95 -22.39
C GLU B 173 16.98 -34.06 -22.56
N PRO B 174 16.67 -33.21 -21.57
CA PRO B 174 15.68 -32.13 -21.74
C PRO B 174 16.19 -31.04 -22.69
N LYS B 175 15.33 -30.59 -23.61
CA LYS B 175 15.68 -29.49 -24.51
C LYS B 175 14.53 -28.54 -24.81
N ILE B 176 14.83 -27.25 -24.89
CA ILE B 176 13.85 -26.24 -25.25
C ILE B 176 13.59 -26.31 -26.76
N ILE B 177 12.32 -26.40 -27.13
CA ILE B 177 11.95 -26.49 -28.54
C ILE B 177 11.32 -25.22 -29.08
N PHE B 178 10.93 -24.33 -28.15
CA PHE B 178 10.18 -23.13 -28.47
C PHE B 178 10.37 -22.11 -27.37
N LYS B 179 10.66 -20.87 -27.75
CA LYS B 179 10.81 -19.78 -26.78
C LYS B 179 9.52 -18.96 -26.70
N GLY B 180 8.72 -19.01 -27.77
CA GLY B 180 7.48 -18.25 -27.85
C GLY B 180 7.59 -17.09 -28.83
N THR B 181 6.55 -16.26 -28.84
CA THR B 181 6.53 -15.06 -29.69
C THR B 181 6.68 -13.84 -28.79
N ASP B 182 6.56 -12.63 -29.35
CA ASP B 182 6.72 -11.42 -28.54
C ASP B 182 5.62 -11.25 -27.47
N LEU B 183 4.51 -11.99 -27.63
CA LEU B 183 3.46 -12.07 -26.61
C LEU B 183 3.99 -12.57 -25.28
N ARG B 184 4.95 -13.49 -25.36
CA ARG B 184 5.61 -14.14 -24.22
C ARG B 184 4.61 -14.82 -23.28
N ILE B 185 5.01 -15.02 -22.01
CA ILE B 185 4.21 -15.76 -21.05
C ILE B 185 3.79 -17.13 -21.64
N THR B 186 4.75 -17.78 -22.31
CA THR B 186 4.50 -19.00 -23.09
C THR B 186 4.22 -20.20 -22.20
N GLU B 187 3.13 -20.88 -22.54
CA GLU B 187 2.39 -21.67 -21.57
C GLU B 187 1.62 -22.77 -22.32
N GLY B 188 0.98 -23.67 -21.57
CA GLY B 188 0.08 -24.68 -22.14
C GLY B 188 0.46 -25.36 -23.44
N PRO B 189 1.66 -25.98 -23.50
CA PRO B 189 2.05 -26.60 -24.76
C PRO B 189 1.33 -27.93 -25.02
N HIS B 190 0.94 -28.14 -26.27
CA HIS B 190 0.46 -29.44 -26.75
C HIS B 190 1.06 -29.75 -28.12
N LEU B 191 1.48 -30.99 -28.31
CA LEU B 191 2.00 -31.45 -29.59
C LEU B 191 1.00 -32.30 -30.35
N TYR B 192 0.96 -32.11 -31.66
CA TYR B 192 0.11 -32.90 -32.56
C TYR B 192 0.87 -33.23 -33.83
N LYS B 193 0.76 -34.48 -34.29
CA LYS B 193 1.34 -34.88 -35.57
C LYS B 193 0.26 -34.86 -36.64
N ILE B 194 0.33 -33.86 -37.52
CA ILE B 194 -0.66 -33.67 -38.59
C ILE B 194 0.08 -33.42 -39.90
N ASN B 195 -0.40 -34.03 -40.98
CA ASN B 195 0.30 -34.00 -42.27
C ASN B 195 1.74 -34.46 -42.04
N GLY B 196 2.71 -33.70 -42.56
CA GLY B 196 4.11 -34.05 -42.38
C GLY B 196 4.79 -33.28 -41.26
N TYR B 197 4.02 -32.40 -40.62
CA TYR B 197 4.55 -31.51 -39.58
C TYR B 197 4.11 -31.91 -38.17
N TYR B 198 4.97 -31.62 -37.20
CA TYR B 198 4.56 -31.58 -35.80
C TYR B 198 4.04 -30.17 -35.54
N TYR B 199 2.86 -30.08 -34.92
CA TYR B 199 2.31 -28.79 -34.55
C TYR B 199 2.40 -28.62 -33.05
N LEU B 200 3.08 -27.55 -32.62
CA LEU B 200 3.16 -27.21 -31.21
C LEU B 200 2.23 -26.03 -30.91
N LEU B 201 1.24 -26.30 -30.05
CA LEU B 201 0.25 -25.32 -29.62
C LEU B 201 0.59 -24.81 -28.23
N THR B 202 0.56 -23.50 -28.05
CA THR B 202 0.81 -22.90 -26.74
C THR B 202 -0.22 -21.82 -26.42
N ALA B 203 -0.33 -21.49 -25.12
CA ALA B 203 -1.00 -20.28 -24.66
C ALA B 203 0.05 -19.19 -24.42
N GLU B 204 -0.22 -17.99 -24.90
CA GLU B 204 0.64 -16.85 -24.67
C GLU B 204 -0.13 -15.63 -24.16
N GLY B 205 0.59 -14.65 -23.64
CA GLY B 205 -0.03 -13.38 -23.27
C GLY B 205 -0.65 -13.34 -21.88
N GLY B 206 -0.66 -14.48 -21.19
CA GLY B 206 -1.19 -14.58 -19.84
C GLY B 206 -2.69 -14.81 -19.84
N THR B 207 -3.21 -15.42 -18.77
CA THR B 207 -4.63 -15.83 -18.74
C THR B 207 -5.63 -14.72 -18.36
N ARG B 208 -5.21 -13.47 -18.51
CA ARG B 208 -6.13 -12.32 -18.38
C ARG B 208 -6.53 -11.84 -19.78
N TYR B 209 -6.66 -10.54 -19.99
CA TYR B 209 -7.26 -10.04 -21.24
C TYR B 209 -6.33 -10.05 -22.47
N ASN B 210 -5.05 -10.36 -22.27
CA ASN B 210 -4.09 -10.43 -23.37
C ASN B 210 -3.88 -11.86 -23.88
N HIS B 211 -4.62 -12.80 -23.30
CA HIS B 211 -4.52 -14.25 -23.60
C HIS B 211 -4.64 -14.56 -25.08
N ALA B 212 -3.80 -15.48 -25.55
CA ALA B 212 -3.92 -15.97 -26.91
C ALA B 212 -3.58 -17.47 -26.96
N ALA B 213 -4.00 -18.10 -28.05
CA ALA B 213 -3.50 -19.42 -28.38
C ALA B 213 -2.53 -19.22 -29.52
N THR B 214 -1.32 -19.75 -29.36
CA THR B 214 -0.30 -19.70 -30.40
C THR B 214 -0.04 -21.10 -30.95
N ILE B 215 0.15 -21.20 -32.26
CA ILE B 215 0.51 -22.47 -32.90
C ILE B 215 1.70 -22.32 -33.86
N ALA B 216 2.57 -23.33 -33.87
CA ALA B 216 3.75 -23.35 -34.73
C ALA B 216 3.96 -24.75 -35.27
N ARG B 217 4.80 -24.88 -36.32
CA ARG B 217 5.07 -26.20 -36.91
C ARG B 217 6.55 -26.47 -37.22
N SER B 218 6.86 -27.74 -37.47
CA SER B 218 8.21 -28.18 -37.83
C SER B 218 8.16 -29.61 -38.35
N THR B 219 9.18 -29.99 -39.11
CA THR B 219 9.32 -31.36 -39.59
C THR B 219 9.97 -32.21 -38.51
N SER B 220 10.65 -31.55 -37.58
CA SER B 220 11.29 -32.22 -36.46
C SER B 220 10.54 -31.96 -35.17
N LEU B 221 10.59 -32.94 -34.28
CA LEU B 221 10.02 -32.82 -32.95
C LEU B 221 10.74 -31.75 -32.14
N TYR B 222 11.98 -31.46 -32.51
CA TYR B 222 12.83 -30.54 -31.75
C TYR B 222 12.93 -29.14 -32.36
N GLY B 223 12.25 -28.93 -33.47
CA GLY B 223 12.23 -27.63 -34.13
C GLY B 223 13.19 -27.52 -35.30
N PRO B 224 13.47 -26.29 -35.75
CA PRO B 224 12.90 -25.09 -35.15
C PRO B 224 11.44 -24.95 -35.58
N TYR B 225 10.61 -24.46 -34.66
CA TYR B 225 9.21 -24.26 -34.98
C TYR B 225 8.98 -22.91 -35.61
N GLU B 226 8.37 -22.92 -36.79
CA GLU B 226 7.97 -21.69 -37.45
C GLU B 226 6.53 -21.39 -37.07
N VAL B 227 6.27 -20.13 -36.72
CA VAL B 227 4.99 -19.72 -36.17
C VAL B 227 3.99 -19.45 -37.28
N HIS B 228 2.73 -19.83 -37.03
CA HIS B 228 1.58 -19.50 -37.87
C HIS B 228 1.72 -18.06 -38.40
N PRO B 229 1.64 -17.88 -39.73
CA PRO B 229 1.82 -16.56 -40.36
C PRO B 229 0.81 -15.51 -39.90
N ASP B 230 -0.40 -15.94 -39.52
CA ASP B 230 -1.45 -15.03 -39.06
C ASP B 230 -1.74 -15.20 -37.57
N ASN B 231 -0.72 -15.66 -36.82
CA ASN B 231 -0.76 -15.81 -35.38
C ASN B 231 -1.21 -14.53 -34.66
N PRO B 232 -1.97 -14.64 -33.55
CA PRO B 232 -2.48 -15.83 -32.84
C PRO B 232 -3.52 -16.65 -33.61
N LEU B 233 -3.56 -17.94 -33.31
CA LEU B 233 -4.64 -18.82 -33.75
C LEU B 233 -5.96 -18.35 -33.14
N LEU B 234 -5.93 -18.02 -31.85
CA LEU B 234 -7.12 -17.53 -31.17
C LEU B 234 -6.76 -16.49 -30.12
N THR B 235 -7.51 -15.40 -30.08
CA THR B 235 -7.36 -14.40 -29.02
C THR B 235 -8.60 -13.53 -28.95
N SER B 236 -8.92 -13.04 -27.75
CA SER B 236 -9.97 -12.05 -27.56
C SER B 236 -9.41 -10.63 -27.44
N TRP B 237 -8.10 -10.50 -27.40
CA TRP B 237 -7.49 -9.20 -27.08
C TRP B 237 -7.93 -8.04 -28.01
N PRO B 238 -7.86 -8.23 -29.34
CA PRO B 238 -8.27 -7.10 -30.17
C PRO B 238 -9.80 -6.98 -30.36
N TYR B 239 -10.56 -7.71 -29.55
CA TYR B 239 -12.01 -7.75 -29.69
C TYR B 239 -12.67 -7.37 -28.37
N PRO B 240 -12.55 -6.09 -27.98
CA PRO B 240 -13.01 -5.68 -26.65
C PRO B 240 -14.53 -5.74 -26.46
N ARG B 241 -15.27 -5.82 -27.56
CA ARG B 241 -16.74 -5.90 -27.48
C ARG B 241 -17.28 -7.34 -27.43
N ASN B 242 -16.39 -8.31 -27.65
CA ASN B 242 -16.74 -9.74 -27.62
C ASN B 242 -17.17 -10.19 -26.21
N PRO B 243 -18.35 -10.84 -26.08
CA PRO B 243 -18.79 -11.31 -24.76
C PRO B 243 -17.83 -12.34 -24.15
N LEU B 244 -17.06 -13.01 -25.01
CA LEU B 244 -16.12 -14.02 -24.59
C LEU B 244 -14.69 -13.49 -24.63
N GLN B 245 -14.15 -13.22 -23.45
CA GLN B 245 -12.83 -12.61 -23.32
C GLN B 245 -11.80 -13.64 -22.87
N LYS B 246 -10.53 -13.22 -22.82
CA LYS B 246 -9.41 -14.04 -22.31
C LYS B 246 -9.23 -15.36 -23.07
N ALA B 247 -9.54 -15.35 -24.36
CA ALA B 247 -9.61 -16.59 -25.12
C ALA B 247 -8.22 -17.16 -25.39
N GLY B 248 -7.96 -18.33 -24.83
CA GLY B 248 -6.66 -19.00 -24.95
C GLY B 248 -6.59 -20.29 -24.17
N HIS B 249 -5.38 -20.81 -24.02
CA HIS B 249 -5.11 -22.13 -23.43
C HIS B 249 -6.00 -23.20 -24.05
N ALA B 250 -5.75 -23.43 -25.33
CA ALA B 250 -6.58 -24.29 -26.14
C ALA B 250 -6.02 -25.71 -26.21
N SER B 251 -6.88 -26.65 -26.62
CA SER B 251 -6.44 -27.97 -27.07
C SER B 251 -7.24 -28.34 -28.30
N ILE B 252 -6.64 -29.15 -29.16
CA ILE B 252 -7.19 -29.44 -30.47
C ILE B 252 -7.78 -30.83 -30.52
N VAL B 253 -8.95 -30.95 -31.15
CA VAL B 253 -9.54 -32.25 -31.43
C VAL B 253 -9.81 -32.46 -32.92
N HIS B 254 -9.47 -33.66 -33.39
CA HIS B 254 -9.82 -34.11 -34.73
C HIS B 254 -10.94 -35.14 -34.59
N THR B 255 -12.10 -34.87 -35.16
CA THR B 255 -13.27 -35.74 -34.95
C THR B 255 -13.28 -36.97 -35.85
N HIS B 256 -13.97 -38.01 -35.38
CA HIS B 256 -14.21 -39.22 -36.18
C HIS B 256 -14.95 -38.91 -37.48
N THR B 257 -15.48 -37.69 -37.58
CA THR B 257 -16.18 -37.23 -38.78
C THR B 257 -15.28 -36.41 -39.70
N ASP B 258 -13.96 -36.48 -39.47
CA ASP B 258 -12.97 -35.70 -40.22
C ASP B 258 -13.26 -34.20 -40.14
N GLU B 259 -13.49 -33.73 -38.91
CA GLU B 259 -13.71 -32.30 -38.66
C GLU B 259 -12.73 -31.84 -37.57
N TRP B 260 -12.50 -30.53 -37.47
CA TRP B 260 -11.52 -30.01 -36.52
C TRP B 260 -12.12 -28.93 -35.60
N PHE B 261 -11.89 -29.08 -34.30
CA PHE B 261 -12.36 -28.09 -33.32
C PHE B 261 -11.28 -27.75 -32.31
N LEU B 262 -11.41 -26.56 -31.73
CA LEU B 262 -10.49 -26.03 -30.74
C LEU B 262 -11.30 -25.68 -29.48
N VAL B 263 -11.00 -26.33 -28.35
CA VAL B 263 -11.61 -25.93 -27.08
C VAL B 263 -10.67 -24.98 -26.34
N HIS B 264 -11.23 -24.04 -25.60
CA HIS B 264 -10.41 -23.04 -24.95
C HIS B 264 -11.09 -22.50 -23.70
N LEU B 265 -10.33 -21.79 -22.87
CA LEU B 265 -10.93 -21.12 -21.72
C LEU B 265 -11.35 -19.73 -22.12
N THR B 266 -12.27 -19.15 -21.37
CA THR B 266 -12.81 -17.82 -21.65
C THR B 266 -13.44 -17.25 -20.39
N GLY B 267 -13.35 -15.93 -20.24
CA GLY B 267 -14.01 -15.25 -19.13
C GLY B 267 -15.06 -14.32 -19.70
N ARG B 268 -16.24 -14.34 -19.08
CA ARG B 268 -17.35 -13.48 -19.50
C ARG B 268 -17.52 -12.39 -18.46
N PRO B 269 -17.01 -11.18 -18.75
CA PRO B 269 -17.16 -10.06 -17.84
C PRO B 269 -18.63 -9.74 -17.53
N LEU B 270 -18.89 -9.29 -16.31
CA LEU B 270 -20.19 -8.74 -15.92
C LEU B 270 -20.57 -7.54 -16.78
N PRO B 271 -21.88 -7.22 -16.90
CA PRO B 271 -22.28 -6.02 -17.66
C PRO B 271 -21.53 -4.81 -17.12
N ARG B 272 -21.09 -3.94 -18.02
CA ARG B 272 -20.36 -2.74 -17.60
C ARG B 272 -20.76 -1.53 -18.44
N GLU B 273 -22.07 -1.43 -18.69
CA GLU B 273 -22.65 -0.31 -19.44
C GLU B 273 -22.25 1.00 -18.79
N GLY B 274 -21.78 1.94 -19.62
CA GLY B 274 -21.37 3.25 -19.14
C GLY B 274 -19.91 3.35 -18.73
N GLN B 275 -19.21 2.23 -18.79
CA GLN B 275 -17.79 2.21 -18.42
C GLN B 275 -16.89 2.23 -19.65
N PRO B 276 -15.70 2.84 -19.52
CA PRO B 276 -14.74 2.92 -20.62
C PRO B 276 -14.41 1.53 -21.11
N LEU B 277 -14.57 1.34 -22.42
CA LEU B 277 -14.39 0.03 -23.05
C LEU B 277 -13.07 -0.65 -22.70
N LEU B 278 -11.99 0.13 -22.68
CA LEU B 278 -10.64 -0.42 -22.63
C LEU B 278 -9.93 -0.23 -21.29
N GLU B 279 -10.42 0.69 -20.47
CA GLU B 279 -9.72 1.04 -19.24
C GLU B 279 -9.53 -0.17 -18.33
N HIS B 280 -10.64 -0.85 -18.02
CA HIS B 280 -10.61 -2.12 -17.32
C HIS B 280 -11.63 -3.05 -17.98
N ARG B 281 -11.15 -4.20 -18.45
CA ARG B 281 -11.97 -5.03 -19.35
C ARG B 281 -12.96 -5.96 -18.67
N GLY B 282 -13.04 -5.92 -17.35
CA GLY B 282 -14.18 -6.55 -16.68
C GLY B 282 -13.91 -7.46 -15.50
N TYR B 283 -15.00 -7.88 -14.87
CA TYR B 283 -14.95 -8.77 -13.71
C TYR B 283 -15.76 -10.02 -13.97
N CYS B 284 -15.15 -11.18 -13.77
CA CYS B 284 -15.73 -12.48 -14.14
C CYS B 284 -15.95 -13.37 -12.91
N PRO B 285 -17.12 -13.27 -12.28
CA PRO B 285 -17.40 -14.09 -11.11
C PRO B 285 -17.59 -15.58 -11.45
N LEU B 286 -17.90 -15.89 -12.70
CA LEU B 286 -18.01 -17.28 -13.12
C LEU B 286 -16.65 -17.85 -13.47
N GLY B 287 -15.62 -17.03 -13.29
CA GLY B 287 -14.24 -17.47 -13.45
C GLY B 287 -13.93 -17.70 -14.91
N ARG B 288 -13.09 -18.70 -15.17
CA ARG B 288 -12.72 -19.03 -16.55
C ARG B 288 -13.46 -20.28 -16.94
N GLU B 289 -14.20 -20.16 -18.03
CA GLU B 289 -15.13 -21.20 -18.50
C GLU B 289 -14.57 -21.87 -19.75
N THR B 290 -15.19 -22.96 -20.17
CA THR B 290 -14.76 -23.69 -21.37
C THR B 290 -15.65 -23.40 -22.57
N ALA B 291 -15.01 -23.01 -23.67
CA ALA B 291 -15.69 -22.75 -24.92
C ALA B 291 -15.13 -23.63 -26.05
N ILE B 292 -15.82 -23.64 -27.18
CA ILE B 292 -15.40 -24.46 -28.32
C ILE B 292 -15.50 -23.68 -29.63
N GLN B 293 -14.46 -23.78 -30.45
CA GLN B 293 -14.41 -23.13 -31.77
C GLN B 293 -14.20 -24.18 -32.85
N ARG B 294 -14.59 -23.86 -34.07
CA ARG B 294 -14.35 -24.75 -35.20
C ARG B 294 -13.09 -24.31 -35.95
N LEU B 295 -12.35 -25.28 -36.46
CA LEU B 295 -11.14 -25.01 -37.24
C LEU B 295 -11.32 -25.42 -38.70
N GLU B 296 -10.63 -24.72 -39.59
CA GLU B 296 -10.50 -25.13 -40.98
C GLU B 296 -9.03 -25.06 -41.32
N TRP B 297 -8.65 -25.70 -42.41
CA TRP B 297 -7.26 -25.75 -42.83
C TRP B 297 -7.05 -25.01 -44.15
N LYS B 298 -5.90 -24.35 -44.25
CA LYS B 298 -5.55 -23.52 -45.39
C LYS B 298 -4.02 -23.43 -45.43
N ASP B 299 -3.43 -23.99 -46.49
CA ASP B 299 -1.98 -24.01 -46.70
C ASP B 299 -1.17 -24.61 -45.55
N GLY B 300 -1.66 -25.70 -44.97
CA GLY B 300 -0.95 -26.42 -43.91
C GLY B 300 -1.04 -25.78 -42.54
N TRP B 301 -1.92 -24.80 -42.40
CA TRP B 301 -2.13 -24.12 -41.12
C TRP B 301 -3.61 -24.14 -40.73
N PRO B 302 -3.90 -24.41 -39.44
CA PRO B 302 -5.29 -24.34 -38.98
C PRO B 302 -5.72 -22.90 -38.68
N TYR B 303 -6.98 -22.61 -38.95
CA TYR B 303 -7.57 -21.28 -38.76
C TYR B 303 -8.90 -21.43 -38.04
N VAL B 304 -9.10 -20.61 -37.01
CA VAL B 304 -10.40 -20.56 -36.34
C VAL B 304 -11.44 -19.99 -37.31
N VAL B 305 -12.51 -20.74 -37.54
CA VAL B 305 -13.59 -20.30 -38.41
C VAL B 305 -14.23 -19.08 -37.77
N GLY B 306 -14.46 -18.05 -38.58
CA GLY B 306 -15.03 -16.78 -38.13
C GLY B 306 -14.02 -15.81 -37.53
N GLY B 307 -12.87 -15.67 -38.19
CA GLY B 307 -11.80 -14.77 -37.73
C GLY B 307 -11.11 -15.39 -36.54
N ASN B 308 -10.06 -14.76 -36.03
CA ASN B 308 -9.29 -15.36 -34.94
C ASN B 308 -9.81 -15.04 -33.53
N GLY B 309 -10.92 -14.31 -33.46
CA GLY B 309 -11.60 -14.11 -32.18
C GLY B 309 -12.58 -15.24 -31.96
N PRO B 310 -12.97 -15.48 -30.69
CA PRO B 310 -13.91 -16.56 -30.40
C PRO B 310 -15.35 -16.23 -30.81
N SER B 311 -16.02 -17.23 -31.37
CA SER B 311 -17.43 -17.13 -31.71
C SER B 311 -18.29 -17.62 -30.55
N LEU B 312 -19.44 -16.97 -30.39
CA LEU B 312 -20.41 -17.30 -29.36
C LEU B 312 -21.22 -18.55 -29.73
N GLU B 313 -21.53 -18.69 -31.02
CA GLU B 313 -22.25 -19.84 -31.52
C GLU B 313 -21.47 -20.45 -32.69
N ILE B 314 -21.33 -21.78 -32.68
CA ILE B 314 -20.62 -22.46 -33.77
C ILE B 314 -21.47 -23.61 -34.34
N ASP B 315 -21.06 -24.12 -35.49
CA ASP B 315 -21.65 -25.34 -36.05
C ASP B 315 -20.86 -26.53 -35.54
N GLY B 316 -21.53 -27.41 -34.81
CA GLY B 316 -20.91 -28.61 -34.31
C GLY B 316 -20.74 -29.66 -35.39
N PRO B 317 -20.15 -30.81 -35.03
CA PRO B 317 -19.82 -31.86 -36.01
C PRO B 317 -21.04 -32.66 -36.46
N SER B 318 -20.93 -33.24 -37.66
CA SER B 318 -22.03 -33.97 -38.29
C SER B 318 -22.32 -35.31 -37.61
N VAL B 319 -22.88 -35.23 -36.41
CA VAL B 319 -23.27 -36.39 -35.62
C VAL B 319 -24.71 -36.25 -35.12
N GLU B 320 -25.30 -37.37 -34.72
CA GLU B 320 -26.59 -37.36 -34.04
C GLU B 320 -26.41 -36.69 -32.69
N GLU B 321 -27.32 -35.80 -32.33
CA GLU B 321 -27.31 -35.19 -31.00
C GLU B 321 -27.65 -36.21 -29.92
N VAL B 322 -26.83 -36.23 -28.86
CA VAL B 322 -27.09 -37.06 -27.69
C VAL B 322 -27.20 -36.16 -26.45
N SER B 323 -28.44 -35.94 -26.00
CA SER B 323 -28.69 -35.12 -24.81
C SER B 323 -28.56 -35.97 -23.55
N TRP B 324 -28.17 -35.33 -22.44
CA TRP B 324 -28.00 -36.00 -21.15
C TRP B 324 -29.07 -35.58 -20.16
N GLU B 325 -29.47 -36.51 -19.30
CA GLU B 325 -30.38 -36.21 -18.18
C GLU B 325 -29.72 -35.28 -17.17
N LYS B 326 -30.51 -34.38 -16.59
CA LYS B 326 -30.02 -33.51 -15.51
C LYS B 326 -29.44 -34.41 -14.43
N ASP B 327 -28.24 -34.05 -13.95
CA ASP B 327 -27.50 -34.90 -13.01
C ASP B 327 -27.50 -34.39 -11.57
N TYR B 328 -28.41 -33.47 -11.27
CA TYR B 328 -28.62 -33.02 -9.90
C TYR B 328 -30.06 -32.55 -9.74
N ASP B 329 -30.55 -32.60 -8.51
CA ASP B 329 -31.89 -32.10 -8.21
C ASP B 329 -31.83 -30.61 -7.88
N GLU B 330 -32.70 -29.84 -8.53
CA GLU B 330 -32.86 -28.41 -8.21
C GLU B 330 -32.96 -28.20 -6.70
N LYS B 331 -33.85 -28.95 -6.06
CA LYS B 331 -33.92 -28.97 -4.62
C LYS B 331 -33.40 -30.31 -4.17
N ASP B 332 -32.13 -30.33 -3.77
CA ASP B 332 -31.50 -31.52 -3.23
C ASP B 332 -31.94 -31.72 -1.78
N ASP B 333 -32.80 -32.71 -1.55
CA ASP B 333 -33.36 -32.98 -0.22
C ASP B 333 -32.45 -33.84 0.65
N PHE B 334 -31.29 -34.23 0.12
CA PHE B 334 -30.31 -35.01 0.86
C PHE B 334 -30.82 -36.36 1.35
N ASP B 335 -31.56 -37.04 0.48
CA ASP B 335 -32.05 -38.38 0.75
C ASP B 335 -31.11 -39.45 0.18
N GLY B 336 -30.17 -39.05 -0.66
CA GLY B 336 -29.23 -39.98 -1.27
C GLY B 336 -28.13 -40.45 -0.33
N ASP B 337 -27.39 -41.46 -0.77
CA ASP B 337 -26.32 -42.09 0.01
C ASP B 337 -25.02 -41.30 -0.02
N THR B 338 -24.80 -40.59 -1.14
CA THR B 338 -23.58 -39.82 -1.35
C THR B 338 -23.93 -38.43 -1.86
N LEU B 339 -23.10 -37.46 -1.52
CA LEU B 339 -23.28 -36.08 -1.96
C LEU B 339 -23.20 -35.94 -3.48
N ASN B 340 -24.09 -35.15 -4.05
CA ASN B 340 -24.09 -34.90 -5.48
C ASN B 340 -22.72 -34.45 -5.96
N HIS B 341 -22.32 -34.94 -7.13
CA HIS B 341 -20.96 -34.73 -7.61
C HIS B 341 -20.64 -33.29 -8.03
N HIS B 342 -21.63 -32.41 -8.00
CA HIS B 342 -21.34 -30.98 -8.23
C HIS B 342 -20.84 -30.31 -6.95
N PHE B 343 -20.96 -31.00 -5.83
CA PHE B 343 -20.39 -30.55 -4.56
C PHE B 343 -18.91 -30.92 -4.42
N GLN B 344 -18.11 -29.92 -4.04
CA GLN B 344 -16.71 -30.13 -3.73
C GLN B 344 -16.38 -29.58 -2.34
N THR B 345 -15.21 -29.96 -1.83
CA THR B 345 -14.72 -29.55 -0.52
C THR B 345 -13.40 -28.81 -0.75
N LEU B 346 -12.94 -28.07 0.25
CA LEU B 346 -11.69 -27.33 0.08
C LEU B 346 -10.51 -28.22 0.46
N ARG B 347 -9.64 -28.46 -0.52
CA ARG B 347 -8.29 -29.04 -0.33
C ARG B 347 -8.25 -30.52 -0.02
N ILE B 348 -9.09 -30.95 0.90
CA ILE B 348 -9.07 -32.32 1.41
C ILE B 348 -10.43 -33.02 1.31
N PRO B 349 -10.44 -34.36 1.31
CA PRO B 349 -11.73 -35.02 1.47
C PRO B 349 -12.23 -34.84 2.90
N LEU B 350 -13.54 -34.76 3.07
CA LEU B 350 -14.12 -34.68 4.39
C LEU B 350 -14.71 -36.05 4.73
N GLY B 351 -14.30 -36.59 5.87
CA GLY B 351 -14.81 -37.87 6.34
C GLY B 351 -16.14 -37.71 7.05
N GLU B 352 -16.70 -38.84 7.46
CA GLU B 352 -18.00 -38.88 8.15
C GLU B 352 -17.95 -38.19 9.50
N ASP B 353 -16.74 -38.00 10.02
CA ASP B 353 -16.54 -37.24 11.26
C ASP B 353 -16.80 -35.73 11.08
N ILE B 354 -16.82 -35.28 9.82
CA ILE B 354 -17.00 -33.88 9.49
C ILE B 354 -18.27 -33.65 8.67
N ALA B 355 -18.37 -34.32 7.52
CA ALA B 355 -19.53 -34.21 6.64
C ALA B 355 -20.16 -35.59 6.45
N THR B 356 -21.44 -35.70 6.77
CA THR B 356 -22.12 -36.98 6.65
C THR B 356 -23.60 -36.87 6.34
N LEU B 357 -24.07 -37.71 5.43
CA LEU B 357 -25.50 -37.84 5.13
C LEU B 357 -26.15 -38.93 5.98
N LYS B 358 -25.35 -39.57 6.85
CA LYS B 358 -25.79 -40.74 7.61
C LYS B 358 -26.28 -40.42 9.03
N ALA B 359 -25.66 -39.42 9.65
CA ALA B 359 -25.98 -39.01 11.01
C ALA B 359 -27.46 -38.68 11.21
N ARG B 360 -28.02 -37.91 10.29
CA ARG B 360 -29.40 -37.45 10.42
C ARG B 360 -30.10 -37.60 9.07
N PRO B 361 -31.05 -38.56 8.99
CA PRO B 361 -31.71 -38.92 7.73
C PRO B 361 -32.40 -37.74 7.05
N GLY B 362 -32.14 -37.58 5.76
CA GLY B 362 -32.70 -36.48 4.99
C GLY B 362 -31.93 -35.18 5.14
N HIS B 363 -30.79 -35.24 5.84
CA HIS B 363 -29.98 -34.05 6.10
C HIS B 363 -28.51 -34.25 5.79
N LEU B 364 -27.86 -33.19 5.33
CA LEU B 364 -26.41 -33.16 5.36
C LEU B 364 -26.00 -32.51 6.68
N ARG B 365 -25.21 -33.24 7.47
CA ARG B 365 -24.70 -32.73 8.73
C ARG B 365 -23.25 -32.35 8.57
N LEU B 366 -22.92 -31.12 8.98
CA LEU B 366 -21.55 -30.67 9.01
C LEU B 366 -21.19 -30.47 10.47
N TYR B 367 -20.20 -31.21 10.94
CA TYR B 367 -19.63 -30.95 12.25
C TYR B 367 -18.61 -29.83 12.08
N GLY B 368 -18.84 -28.74 12.79
CA GLY B 368 -18.03 -27.52 12.63
C GLY B 368 -16.56 -27.71 12.86
N ARG B 369 -15.76 -27.08 12.00
CA ARG B 369 -14.30 -27.07 12.16
C ARG B 369 -13.79 -25.62 12.12
N GLU B 370 -12.78 -25.37 11.30
CA GLU B 370 -12.09 -24.07 11.28
C GLU B 370 -12.85 -22.97 10.54
N SER B 371 -12.33 -21.75 10.57
CA SER B 371 -13.02 -20.61 9.97
C SER B 371 -12.90 -20.60 8.46
N LEU B 372 -13.68 -19.72 7.83
CA LEU B 372 -13.65 -19.48 6.39
C LEU B 372 -12.28 -19.02 5.87
N THR B 373 -11.38 -18.62 6.77
CA THR B 373 -10.04 -18.16 6.37
C THR B 373 -8.96 -19.24 6.43
N SER B 374 -9.38 -20.47 6.77
CA SER B 374 -8.44 -21.59 6.96
C SER B 374 -8.12 -22.36 5.68
N ARG B 375 -6.82 -22.53 5.41
CA ARG B 375 -6.33 -23.31 4.29
C ARG B 375 -6.09 -24.78 4.67
N PHE B 376 -6.72 -25.21 5.75
CA PHE B 376 -6.47 -26.53 6.32
C PHE B 376 -7.75 -27.36 6.35
N THR B 377 -8.52 -27.31 7.43
CA THR B 377 -9.74 -28.11 7.56
C THR B 377 -11.01 -27.27 7.75
N GLN B 378 -11.76 -27.09 6.66
CA GLN B 378 -13.07 -26.43 6.72
C GLN B 378 -14.21 -27.43 6.45
N ALA B 379 -15.21 -27.40 7.33
CA ALA B 379 -16.46 -28.12 7.12
C ALA B 379 -17.31 -27.25 6.18
N PHE B 380 -17.05 -27.42 4.89
CA PHE B 380 -17.58 -26.58 3.83
C PHE B 380 -17.83 -27.45 2.61
N VAL B 381 -19.08 -27.43 2.16
CA VAL B 381 -19.52 -28.21 1.01
C VAL B 381 -20.17 -27.24 0.03
N ALA B 382 -19.58 -27.11 -1.16
CA ALA B 382 -19.91 -26.04 -2.08
C ALA B 382 -19.98 -26.46 -3.54
N ARG B 383 -20.76 -25.70 -4.31
CA ARG B 383 -20.87 -25.91 -5.75
C ARG B 383 -20.69 -24.60 -6.51
N ARG B 384 -20.30 -24.70 -7.78
CA ARG B 384 -19.97 -23.53 -8.60
C ARG B 384 -21.18 -22.61 -8.85
N TRP B 385 -20.96 -21.29 -8.81
CA TRP B 385 -21.84 -20.38 -9.54
C TRP B 385 -21.69 -20.77 -11.02
N GLN B 386 -22.80 -21.06 -11.67
CA GLN B 386 -22.74 -21.47 -13.06
C GLN B 386 -23.61 -20.62 -13.99
N HIS B 387 -24.18 -19.56 -13.43
CA HIS B 387 -25.11 -18.68 -14.17
C HIS B 387 -24.99 -17.27 -13.58
N PHE B 388 -25.25 -16.26 -14.40
CA PHE B 388 -25.27 -14.87 -13.92
C PHE B 388 -26.52 -14.56 -13.10
N HIS B 389 -27.58 -15.32 -13.30
CA HIS B 389 -28.85 -15.12 -12.60
C HIS B 389 -29.31 -16.44 -11.98
N PHE B 390 -29.34 -16.50 -10.65
CA PHE B 390 -29.74 -17.74 -9.96
C PHE B 390 -30.19 -17.50 -8.53
N VAL B 391 -30.93 -18.46 -8.00
CA VAL B 391 -31.22 -18.52 -6.58
C VAL B 391 -30.58 -19.77 -5.97
N ALA B 392 -29.94 -19.60 -4.82
CA ALA B 392 -29.50 -20.74 -4.01
C ALA B 392 -30.07 -20.57 -2.62
N GLU B 393 -30.42 -21.69 -2.00
CA GLU B 393 -31.19 -21.67 -0.78
C GLU B 393 -30.93 -22.93 0.02
N THR B 394 -30.91 -22.78 1.34
CA THR B 394 -30.80 -23.92 2.24
C THR B 394 -31.68 -23.70 3.47
N LYS B 395 -31.89 -24.79 4.21
CA LYS B 395 -32.71 -24.80 5.40
C LYS B 395 -31.91 -25.56 6.45
N VAL B 396 -31.59 -24.88 7.55
CA VAL B 396 -30.60 -25.40 8.48
C VAL B 396 -31.09 -25.40 9.94
N SER B 397 -30.79 -26.49 10.63
CA SER B 397 -31.02 -26.60 12.07
C SER B 397 -29.69 -26.44 12.78
N PHE B 398 -29.63 -25.46 13.67
CA PHE B 398 -28.38 -25.10 14.32
C PHE B 398 -28.62 -24.40 15.66
N ARG B 399 -27.88 -24.82 16.67
CA ARG B 399 -28.03 -24.30 18.03
C ARG B 399 -26.65 -23.93 18.58
N PRO B 400 -26.12 -22.76 18.20
CA PRO B 400 -24.81 -22.39 18.70
C PRO B 400 -24.88 -21.96 20.17
N THR B 401 -23.81 -22.25 20.91
CA THR B 401 -23.76 -21.91 22.34
C THR B 401 -22.73 -20.82 22.61
N THR B 402 -21.95 -20.48 21.58
CA THR B 402 -20.90 -19.46 21.65
C THR B 402 -20.72 -18.77 20.30
N PHE B 403 -20.18 -17.54 20.33
CA PHE B 403 -19.88 -16.80 19.10
C PHE B 403 -18.78 -17.46 18.29
N GLN B 404 -18.11 -18.43 18.90
CA GLN B 404 -17.06 -19.17 18.23
C GLN B 404 -17.66 -20.20 17.27
N GLN B 405 -18.98 -20.31 17.29
CA GLN B 405 -19.72 -21.25 16.44
C GLN B 405 -20.61 -20.53 15.45
N SER B 406 -20.59 -20.99 14.19
CA SER B 406 -21.44 -20.43 13.14
C SER B 406 -21.86 -21.51 12.17
N ALA B 407 -22.99 -21.28 11.51
CA ALA B 407 -23.38 -22.10 10.36
C ALA B 407 -24.19 -21.25 9.41
N GLY B 408 -23.99 -21.43 8.12
CA GLY B 408 -24.73 -20.62 7.18
C GLY B 408 -24.50 -20.89 5.71
N LEU B 409 -25.01 -19.97 4.90
CA LEU B 409 -24.91 -20.04 3.45
C LEU B 409 -23.83 -19.06 3.01
N VAL B 410 -22.89 -19.55 2.20
CA VAL B 410 -21.67 -18.82 1.87
C VAL B 410 -21.51 -18.65 0.36
N ASN B 411 -21.18 -17.43 -0.07
CA ASN B 411 -20.70 -17.19 -1.42
C ASN B 411 -19.23 -16.87 -1.34
N TYR B 412 -18.43 -17.69 -2.00
CA TYR B 412 -17.04 -17.87 -1.62
C TYR B 412 -16.15 -17.82 -2.85
N TYR B 413 -15.10 -17.00 -2.81
CA TYR B 413 -14.05 -17.08 -3.83
C TYR B 413 -12.81 -17.79 -3.29
N ASN B 414 -12.19 -17.22 -2.25
CA ASN B 414 -11.09 -17.89 -1.57
C ASN B 414 -11.11 -17.59 -0.08
N THR B 415 -10.09 -18.05 0.66
CA THR B 415 -10.05 -17.88 2.12
C THR B 415 -10.14 -16.42 2.56
N GLN B 416 -9.78 -15.51 1.66
CA GLN B 416 -9.76 -14.06 1.97
C GLN B 416 -10.92 -13.26 1.37
N ASN B 417 -11.73 -13.92 0.55
CA ASN B 417 -12.78 -13.24 -0.19
C ASN B 417 -14.05 -14.06 -0.25
N TRP B 418 -15.02 -13.65 0.55
CA TRP B 418 -16.31 -14.34 0.68
C TRP B 418 -17.35 -13.47 1.40
N THR B 419 -18.61 -13.85 1.29
CA THR B 419 -19.68 -13.32 2.10
C THR B 419 -20.52 -14.49 2.62
N THR B 420 -21.33 -14.24 3.65
CA THR B 420 -22.15 -15.30 4.24
C THR B 420 -23.29 -14.71 5.04
N LEU B 421 -24.43 -15.41 4.98
CA LEU B 421 -25.52 -15.23 5.91
C LEU B 421 -25.42 -16.43 6.84
N GLN B 422 -25.28 -16.16 8.13
CA GLN B 422 -24.94 -17.23 9.07
C GLN B 422 -25.64 -17.06 10.40
N ILE B 423 -25.87 -18.19 11.07
CA ILE B 423 -26.42 -18.26 12.42
C ILE B 423 -25.24 -18.36 13.40
N THR B 424 -25.27 -17.54 14.44
CA THR B 424 -24.26 -17.61 15.50
C THR B 424 -24.90 -17.26 16.85
N TRP B 425 -24.08 -17.00 17.87
CA TRP B 425 -24.59 -16.75 19.21
C TRP B 425 -24.07 -15.42 19.74
N HIS B 426 -24.95 -14.67 20.39
CA HIS B 426 -24.61 -13.39 20.98
C HIS B 426 -24.96 -13.37 22.47
N GLU B 427 -24.07 -12.80 23.28
CA GLU B 427 -24.19 -12.80 24.74
C GLU B 427 -25.54 -12.35 25.29
N GLU B 428 -26.14 -11.32 24.66
CA GLU B 428 -27.39 -10.73 25.15
C GLU B 428 -28.59 -11.10 24.29
N LYS B 429 -28.38 -11.18 22.98
CA LYS B 429 -29.46 -11.50 22.03
C LYS B 429 -29.68 -13.01 21.92
N GLY B 430 -28.64 -13.78 22.25
CA GLY B 430 -28.66 -15.22 22.08
C GLY B 430 -28.46 -15.59 20.62
N ARG B 431 -29.14 -16.65 20.20
CA ARG B 431 -29.11 -17.14 18.82
C ARG B 431 -29.47 -16.04 17.84
N ILE B 432 -28.56 -15.72 16.93
CA ILE B 432 -28.79 -14.64 15.97
C ILE B 432 -28.50 -15.03 14.52
N LEU B 433 -29.08 -14.26 13.61
CA LEU B 433 -28.75 -14.35 12.19
C LEU B 433 -28.01 -13.07 11.80
N GLU B 434 -26.89 -13.22 11.10
CA GLU B 434 -26.04 -12.07 10.76
C GLU B 434 -25.39 -12.20 9.38
N LEU B 435 -24.94 -11.07 8.85
CA LEU B 435 -24.13 -11.05 7.65
C LEU B 435 -22.66 -10.84 8.01
N MET B 436 -21.78 -11.43 7.20
CA MET B 436 -20.35 -11.26 7.39
C MET B 436 -19.70 -11.33 6.01
N THR B 437 -18.72 -10.46 5.79
CA THR B 437 -18.03 -10.38 4.52
C THR B 437 -16.54 -10.33 4.81
N CYS B 438 -15.76 -10.81 3.85
CA CYS B 438 -14.31 -10.78 3.96
C CYS B 438 -13.78 -10.35 2.60
N ASP B 439 -13.05 -9.24 2.61
CA ASP B 439 -12.46 -8.68 1.39
C ASP B 439 -10.97 -8.50 1.63
N HIS B 440 -10.18 -9.35 1.00
CA HIS B 440 -8.73 -9.39 1.19
C HIS B 440 -8.37 -9.43 2.68
N LEU B 441 -9.10 -10.27 3.41
CA LEU B 441 -8.86 -10.60 4.82
C LEU B 441 -9.55 -9.64 5.78
N VAL B 442 -9.95 -8.46 5.26
CA VAL B 442 -10.69 -7.46 6.03
C VAL B 442 -12.16 -7.88 6.20
N VAL B 443 -12.59 -8.00 7.45
CA VAL B 443 -13.91 -8.50 7.78
C VAL B 443 -14.88 -7.38 8.14
N ASP B 444 -16.13 -7.54 7.71
CA ASP B 444 -17.20 -6.61 8.05
C ASP B 444 -18.44 -7.37 8.50
N GLN B 445 -19.19 -6.76 9.42
CA GLN B 445 -20.47 -7.29 9.86
C GLN B 445 -21.52 -6.19 9.63
N PRO B 446 -22.11 -6.15 8.43
CA PRO B 446 -22.94 -5.02 8.00
C PRO B 446 -24.30 -4.93 8.71
N LEU B 447 -24.60 -5.93 9.53
CA LEU B 447 -25.80 -5.94 10.36
C LEU B 447 -25.45 -5.83 11.84
N ARG B 448 -24.22 -5.40 12.12
CA ARG B 448 -23.72 -5.11 13.46
C ARG B 448 -24.72 -4.31 14.27
N GLY B 449 -25.08 -4.81 15.44
CA GLY B 449 -26.01 -4.14 16.33
C GLY B 449 -27.49 -4.28 15.96
N ARG B 450 -27.76 -4.83 14.77
CA ARG B 450 -29.14 -5.04 14.34
C ARG B 450 -29.34 -6.47 13.78
N GLU B 451 -28.64 -7.42 14.38
CA GLU B 451 -28.74 -8.83 13.99
C GLU B 451 -30.14 -9.37 14.25
N ILE B 452 -30.59 -10.28 13.39
CA ILE B 452 -31.94 -10.84 13.48
C ILE B 452 -32.00 -11.89 14.59
N VAL B 453 -32.88 -11.66 15.55
CA VAL B 453 -33.08 -12.59 16.65
C VAL B 453 -33.89 -13.78 16.14
N VAL B 454 -33.34 -14.98 16.35
CA VAL B 454 -34.04 -16.21 15.98
C VAL B 454 -34.79 -16.73 17.20
N PRO B 455 -36.14 -16.77 17.12
CA PRO B 455 -36.93 -17.27 18.25
C PRO B 455 -36.47 -18.66 18.67
N ASP B 456 -36.55 -18.95 19.97
CA ASP B 456 -36.06 -20.22 20.50
C ASP B 456 -36.93 -21.40 20.04
N ASP B 457 -38.17 -21.13 19.64
CA ASP B 457 -39.07 -22.18 19.16
C ASP B 457 -38.90 -22.50 17.66
N ILE B 458 -38.02 -21.76 16.98
CA ILE B 458 -37.73 -22.00 15.55
C ILE B 458 -36.66 -23.10 15.41
N GLU B 459 -37.02 -24.21 14.79
CA GLU B 459 -36.09 -25.32 14.59
C GLU B 459 -35.23 -25.12 13.34
N TYR B 460 -35.87 -24.62 12.28
CA TYR B 460 -35.18 -24.41 11.01
C TYR B 460 -35.18 -22.94 10.60
N VAL B 461 -34.00 -22.43 10.26
CA VAL B 461 -33.86 -21.12 9.63
C VAL B 461 -33.60 -21.37 8.13
N TYR B 462 -34.33 -20.65 7.29
CA TYR B 462 -34.21 -20.77 5.83
C TYR B 462 -33.31 -19.63 5.34
N LEU B 463 -32.29 -19.97 4.58
CA LEU B 463 -31.33 -18.99 4.09
C LEU B 463 -31.29 -18.96 2.57
N ARG B 464 -31.34 -17.77 2.00
CA ARG B 464 -31.38 -17.62 0.56
C ARG B 464 -30.42 -16.56 0.04
N VAL B 465 -29.87 -16.80 -1.14
CA VAL B 465 -29.17 -15.77 -1.92
C VAL B 465 -29.80 -15.72 -3.31
N THR B 466 -30.03 -14.50 -3.80
CA THR B 466 -30.56 -14.26 -5.12
C THR B 466 -29.55 -13.40 -5.87
N VAL B 467 -28.91 -14.00 -6.87
CA VAL B 467 -27.86 -13.35 -7.64
C VAL B 467 -28.45 -12.86 -8.94
N GLN B 468 -28.30 -11.56 -9.20
CA GLN B 468 -28.80 -10.95 -10.42
C GLN B 468 -27.70 -10.18 -11.14
N ALA B 469 -26.82 -10.93 -11.81
CA ALA B 469 -25.65 -10.36 -12.51
C ALA B 469 -24.75 -9.52 -11.59
N THR B 470 -24.78 -8.20 -11.72
CA THR B 470 -23.83 -7.34 -10.97
C THR B 470 -24.05 -7.28 -9.46
N THR B 471 -25.26 -7.62 -9.00
CA THR B 471 -25.58 -7.56 -7.56
C THR B 471 -26.30 -8.82 -7.08
N TYR B 472 -26.24 -9.03 -5.78
CA TYR B 472 -26.99 -10.09 -5.11
C TYR B 472 -27.40 -9.67 -3.71
N LYS B 473 -28.42 -10.36 -3.18
CA LYS B 473 -28.98 -10.05 -1.87
C LYS B 473 -29.31 -11.35 -1.18
N TYR B 474 -29.04 -11.40 0.13
CA TYR B 474 -29.48 -12.49 0.98
C TYR B 474 -30.89 -12.24 1.54
N SER B 475 -31.63 -13.32 1.77
CA SER B 475 -32.91 -13.24 2.45
C SER B 475 -33.10 -14.43 3.41
N TYR B 476 -34.06 -14.32 4.31
CA TYR B 476 -34.28 -15.39 5.27
C TYR B 476 -35.76 -15.61 5.53
N SER B 477 -36.06 -16.75 6.15
CA SER B 477 -37.40 -17.09 6.59
C SER B 477 -37.30 -18.07 7.75
N PHE B 478 -38.32 -18.07 8.60
CA PHE B 478 -38.42 -19.04 9.69
C PHE B 478 -39.44 -20.14 9.38
N ASP B 479 -40.25 -19.91 8.34
CA ASP B 479 -41.36 -20.81 8.01
C ASP B 479 -41.34 -21.31 6.56
N GLY B 480 -40.40 -20.77 5.77
CA GLY B 480 -40.18 -21.22 4.40
C GLY B 480 -41.22 -20.77 3.37
N MET B 481 -42.12 -19.89 3.80
CA MET B 481 -43.18 -19.36 2.96
C MET B 481 -43.08 -17.85 2.84
N ASN B 482 -42.73 -17.19 3.95
CA ASN B 482 -42.58 -15.73 4.01
C ASN B 482 -41.13 -15.35 4.19
N TRP B 483 -40.62 -14.53 3.27
CA TRP B 483 -39.21 -14.20 3.18
C TRP B 483 -38.94 -12.72 3.40
N ILE B 484 -37.88 -12.41 4.15
CA ILE B 484 -37.45 -11.04 4.37
C ILE B 484 -36.03 -10.81 3.83
N ASP B 485 -35.88 -9.82 2.96
CA ASP B 485 -34.56 -9.43 2.50
C ASP B 485 -33.77 -8.82 3.63
N LEU B 486 -32.49 -9.16 3.68
CA LEU B 486 -31.56 -8.43 4.52
C LEU B 486 -31.20 -7.18 3.74
N PRO B 487 -31.26 -6.01 4.40
CA PRO B 487 -31.15 -4.72 3.71
C PRO B 487 -29.72 -4.34 3.30
N VAL B 488 -29.01 -5.27 2.66
CA VAL B 488 -27.66 -5.02 2.15
C VAL B 488 -27.58 -5.59 0.74
N THR B 489 -27.10 -4.77 -0.18
CA THR B 489 -26.90 -5.18 -1.56
C THR B 489 -25.43 -5.47 -1.77
N PHE B 490 -25.11 -6.70 -2.18
CA PHE B 490 -23.73 -7.11 -2.36
C PHE B 490 -23.34 -7.04 -3.82
N GLU B 491 -22.04 -6.93 -4.09
CA GLU B 491 -21.59 -6.78 -5.48
C GLU B 491 -20.84 -8.01 -5.94
N SER B 492 -21.31 -8.58 -7.03
CA SER B 492 -20.76 -9.83 -7.57
C SER B 492 -19.29 -9.72 -7.98
N TYR B 493 -18.87 -8.54 -8.43
CA TYR B 493 -17.48 -8.38 -8.88
C TYR B 493 -16.46 -8.67 -7.78
N LYS B 494 -16.87 -8.58 -6.52
CA LYS B 494 -15.95 -8.83 -5.41
C LYS B 494 -15.65 -10.31 -5.19
N LEU B 495 -16.37 -11.17 -5.92
CA LEU B 495 -16.08 -12.60 -5.93
C LEU B 495 -15.63 -13.05 -7.32
N SER B 496 -14.83 -12.21 -7.99
CA SER B 496 -14.38 -12.50 -9.34
C SER B 496 -12.87 -12.60 -9.41
N ASP B 497 -12.39 -13.39 -10.38
CA ASP B 497 -10.96 -13.52 -10.66
C ASP B 497 -10.25 -12.18 -10.66
N ASP B 498 -10.85 -11.21 -11.33
CA ASP B 498 -10.21 -9.93 -11.67
C ASP B 498 -10.10 -8.96 -10.50
N TYR B 499 -10.94 -9.15 -9.49
CA TYR B 499 -10.91 -8.33 -8.28
C TYR B 499 -9.74 -8.66 -7.34
N ILE B 500 -9.25 -9.89 -7.42
CA ILE B 500 -8.27 -10.41 -6.46
C ILE B 500 -6.91 -9.76 -6.67
N LYS B 501 -6.39 -9.16 -5.61
CA LYS B 501 -5.17 -8.35 -5.69
C LYS B 501 -3.89 -9.15 -5.94
N SER B 502 -3.85 -10.38 -5.43
CA SER B 502 -2.67 -11.25 -5.57
C SER B 502 -2.41 -11.72 -7.00
N ARG B 503 -3.41 -11.66 -7.86
CA ARG B 503 -3.34 -12.18 -9.24
C ARG B 503 -3.13 -13.71 -9.35
N ALA B 504 -2.97 -14.41 -8.21
CA ALA B 504 -3.19 -15.86 -8.17
C ALA B 504 -4.67 -16.08 -7.91
N ALA B 505 -5.45 -15.95 -8.98
CA ALA B 505 -6.89 -15.94 -8.90
C ALA B 505 -7.41 -16.67 -10.12
N PHE B 506 -7.57 -17.98 -9.95
CA PHE B 506 -7.72 -18.87 -11.07
C PHE B 506 -8.97 -19.74 -10.96
N THR B 507 -9.84 -19.43 -9.99
CA THR B 507 -10.99 -20.30 -9.76
C THR B 507 -12.33 -19.72 -10.24
N GLY B 508 -13.16 -19.30 -9.29
CA GLY B 508 -14.47 -18.76 -9.59
C GLY B 508 -15.33 -18.81 -8.35
N ALA B 509 -16.48 -18.17 -8.40
CA ALA B 509 -17.38 -18.12 -7.25
C ALA B 509 -18.10 -19.45 -7.02
N PHE B 510 -18.19 -19.84 -5.75
CA PHE B 510 -18.94 -21.01 -5.31
C PHE B 510 -20.02 -20.57 -4.35
N VAL B 511 -21.06 -21.39 -4.18
CA VAL B 511 -22.06 -21.16 -3.15
C VAL B 511 -22.23 -22.47 -2.41
N GLY B 512 -22.29 -22.39 -1.09
CA GLY B 512 -22.46 -23.60 -0.30
C GLY B 512 -22.82 -23.45 1.15
N MET B 513 -22.63 -24.54 1.87
CA MET B 513 -23.04 -24.68 3.25
C MET B 513 -21.81 -24.84 4.11
N HIS B 514 -21.79 -24.10 5.23
CA HIS B 514 -20.64 -24.07 6.12
C HIS B 514 -21.04 -24.21 7.60
N CYS B 515 -20.17 -24.85 8.36
CA CYS B 515 -20.32 -24.85 9.81
C CYS B 515 -18.93 -24.75 10.45
N ARG B 516 -18.77 -23.79 11.34
CA ARG B 516 -17.55 -23.61 12.09
C ARG B 516 -17.81 -23.87 13.56
N ASP B 517 -16.88 -24.57 14.22
CA ASP B 517 -16.87 -24.64 15.67
C ASP B 517 -15.46 -24.33 16.14
N GLY B 518 -15.23 -23.08 16.51
CA GLY B 518 -13.93 -22.60 16.94
C GLY B 518 -13.60 -22.99 18.37
N SER B 519 -14.58 -23.56 19.07
CA SER B 519 -14.42 -23.96 20.47
C SER B 519 -13.91 -25.40 20.61
N GLY B 520 -14.23 -26.22 19.62
CA GLY B 520 -13.85 -27.64 19.61
C GLY B 520 -14.82 -28.51 20.40
N GLN B 521 -16.08 -28.11 20.46
CA GLN B 521 -17.10 -28.87 21.16
C GLN B 521 -17.88 -29.80 20.23
N ASN B 522 -17.40 -29.90 18.98
CA ASN B 522 -18.01 -30.73 17.94
C ASN B 522 -19.51 -30.46 17.76
N ASN B 523 -19.89 -29.19 17.79
CA ASN B 523 -21.27 -28.81 17.49
C ASN B 523 -21.44 -28.90 15.99
N TYR B 524 -22.68 -29.07 15.55
CA TYR B 524 -22.95 -29.40 14.16
C TYR B 524 -24.21 -28.70 13.68
N ALA B 525 -24.36 -28.63 12.36
CA ALA B 525 -25.53 -28.04 11.75
C ALA B 525 -26.14 -29.06 10.81
N ASP B 526 -27.46 -29.19 10.88
CA ASP B 526 -28.19 -30.08 9.99
C ASP B 526 -28.89 -29.31 8.90
N PHE B 527 -28.42 -29.50 7.67
CA PHE B 527 -28.99 -28.86 6.49
C PHE B 527 -30.02 -29.77 5.82
N ASP B 528 -31.28 -29.33 5.77
CA ASP B 528 -32.38 -30.18 5.30
C ASP B 528 -32.38 -30.33 3.77
N TYR B 529 -32.06 -29.24 3.07
CA TYR B 529 -31.90 -29.30 1.63
C TYR B 529 -30.93 -28.24 1.14
N PHE B 530 -30.50 -28.40 -0.11
CA PHE B 530 -29.77 -27.36 -0.81
C PHE B 530 -30.34 -27.22 -2.20
N LEU B 531 -30.72 -25.99 -2.53
CA LEU B 531 -31.35 -25.70 -3.82
C LEU B 531 -30.51 -24.72 -4.62
N TYR B 532 -30.36 -25.02 -5.89
CA TYR B 532 -29.72 -24.12 -6.84
C TYR B 532 -30.59 -24.12 -8.10
N LYS B 533 -31.01 -22.92 -8.52
CA LYS B 533 -31.93 -22.78 -9.64
C LYS B 533 -31.55 -21.58 -10.48
N GLU B 534 -31.32 -21.82 -11.77
CA GLU B 534 -31.05 -20.73 -12.71
C GLU B 534 -32.29 -19.84 -12.82
N LEU B 535 -32.02 -18.55 -13.02
CA LEU B 535 -32.99 -17.44 -13.14
C LEU B 535 -33.68 -17.01 -11.85
N LYS C 3 25.11 -14.35 39.77
CA LYS C 3 25.87 -15.46 39.11
C LYS C 3 25.35 -15.79 37.71
N ILE C 4 24.04 -15.66 37.52
CA ILE C 4 23.39 -15.97 36.24
C ILE C 4 23.22 -14.71 35.38
N LYS C 5 23.88 -14.69 34.22
CA LYS C 5 23.79 -13.56 33.30
C LYS C 5 22.75 -13.83 32.21
N ASN C 6 21.83 -12.89 32.05
CA ASN C 6 20.75 -12.99 31.05
C ASN C 6 21.19 -12.54 29.66
N PRO C 7 20.65 -13.19 28.61
CA PRO C 7 19.69 -14.29 28.69
C PRO C 7 20.32 -15.69 28.77
N ILE C 8 19.72 -16.56 29.59
CA ILE C 8 20.18 -17.96 29.77
C ILE C 8 20.14 -18.80 28.48
N LEU C 9 19.13 -18.56 27.65
CA LEU C 9 19.03 -19.21 26.34
C LEU C 9 19.04 -18.16 25.23
N THR C 10 20.20 -18.01 24.58
CA THR C 10 20.36 -17.02 23.52
C THR C 10 19.78 -17.52 22.20
N GLY C 11 19.44 -16.60 21.30
CA GLY C 11 18.76 -16.96 20.05
C GLY C 11 17.31 -17.34 20.26
N PHE C 12 16.65 -17.66 19.15
CA PHE C 12 15.23 -18.04 19.12
C PHE C 12 14.85 -19.08 20.19
N HIS C 13 14.33 -18.58 21.32
CA HIS C 13 13.87 -19.41 22.45
C HIS C 13 12.68 -18.79 23.18
N PRO C 14 11.54 -18.59 22.50
CA PRO C 14 10.45 -17.86 23.15
C PRO C 14 9.66 -18.68 24.15
N ASP C 15 8.81 -17.99 24.91
CA ASP C 15 7.83 -18.59 25.82
C ASP C 15 8.40 -19.70 26.70
N PRO C 16 9.21 -19.33 27.71
CA PRO C 16 9.77 -20.35 28.58
C PRO C 16 8.76 -20.98 29.52
N SER C 17 8.66 -22.31 29.46
CA SER C 17 7.86 -23.09 30.38
C SER C 17 8.82 -23.90 31.25
N ILE C 18 8.93 -23.51 32.51
CA ILE C 18 9.90 -24.14 33.42
C ILE C 18 9.25 -25.17 34.33
N CYS C 19 9.91 -26.32 34.43
CA CYS C 19 9.40 -27.47 35.17
C CYS C 19 10.47 -28.00 36.12
N ARG C 20 10.06 -28.27 37.36
CA ARG C 20 10.97 -28.86 38.34
C ARG C 20 10.59 -30.29 38.70
N VAL C 21 11.57 -31.19 38.58
CA VAL C 21 11.45 -32.55 39.12
C VAL C 21 12.65 -32.81 40.04
N GLY C 22 12.45 -32.57 41.33
CA GLY C 22 13.49 -32.76 42.34
C GLY C 22 14.56 -31.68 42.28
N ASP C 23 15.71 -32.04 41.72
CA ASP C 23 16.83 -31.12 41.58
C ASP C 23 17.17 -30.95 40.10
N ASP C 24 16.36 -31.58 39.24
CA ASP C 24 16.45 -31.37 37.81
C ASP C 24 15.53 -30.23 37.40
N TYR C 25 16.00 -29.40 36.48
CA TYR C 25 15.21 -28.28 35.96
C TYR C 25 15.16 -28.29 34.45
N TYR C 26 13.96 -28.08 33.92
CA TYR C 26 13.71 -28.14 32.49
C TYR C 26 12.92 -26.92 32.04
N ILE C 27 13.26 -26.43 30.85
CA ILE C 27 12.49 -25.38 30.19
C ILE C 27 12.12 -25.84 28.78
N ALA C 28 10.85 -25.75 28.44
CA ALA C 28 10.39 -25.99 27.07
C ALA C 28 10.17 -24.67 26.32
N VAL C 29 10.73 -24.56 25.12
CA VAL C 29 10.57 -23.36 24.27
C VAL C 29 9.68 -23.65 23.05
N SER C 30 9.06 -22.59 22.49
CA SER C 30 8.29 -22.74 21.27
C SER C 30 9.22 -22.81 20.09
N THR C 31 8.79 -23.51 19.05
CA THR C 31 9.61 -23.73 17.86
C THR C 31 8.84 -23.37 16.59
N PHE C 32 7.54 -23.13 16.75
CA PHE C 32 6.64 -22.69 15.68
C PHE C 32 6.70 -23.60 14.44
N GLU C 33 7.18 -23.10 13.30
CA GLU C 33 7.24 -23.94 12.09
C GLU C 33 8.45 -24.90 12.02
N TRP C 34 9.45 -24.66 12.87
CA TRP C 34 10.69 -25.45 12.86
C TRP C 34 10.49 -26.84 13.47
N PHE C 35 10.98 -27.86 12.77
CA PHE C 35 10.80 -29.25 13.20
C PHE C 35 12.15 -29.86 13.59
N PRO C 36 12.17 -30.75 14.61
CA PRO C 36 11.10 -31.24 15.49
C PRO C 36 10.52 -30.18 16.42
N GLY C 37 9.32 -30.47 16.94
CA GLY C 37 8.58 -29.51 17.73
C GLY C 37 8.92 -29.51 19.20
N VAL C 38 9.02 -28.29 19.76
CA VAL C 38 9.42 -28.04 21.14
C VAL C 38 10.90 -28.41 21.38
N ARG C 39 11.60 -27.49 22.04
CA ARG C 39 12.94 -27.76 22.54
C ARG C 39 12.93 -27.69 24.05
N ILE C 40 13.43 -28.73 24.71
CA ILE C 40 13.51 -28.75 26.17
C ILE C 40 14.98 -28.75 26.61
N TYR C 41 15.28 -27.88 27.57
CA TYR C 41 16.63 -27.73 28.11
C TYR C 41 16.70 -28.25 29.54
N HIS C 42 17.88 -28.71 29.95
CA HIS C 42 18.06 -29.21 31.31
C HIS C 42 19.16 -28.45 32.04
N SER C 43 18.92 -28.18 33.33
CA SER C 43 19.91 -27.55 34.22
C SER C 43 19.74 -27.99 35.67
N LYS C 44 20.80 -27.81 36.47
CA LYS C 44 20.75 -28.01 37.91
C LYS C 44 20.90 -26.67 38.63
N ASP C 45 21.76 -25.82 38.09
CA ASP C 45 22.13 -24.55 38.71
C ASP C 45 21.29 -23.37 38.19
N LEU C 46 20.38 -23.66 37.26
CA LEU C 46 19.56 -22.64 36.57
C LEU C 46 20.40 -21.72 35.66
N LYS C 47 21.70 -21.99 35.59
CA LYS C 47 22.66 -21.16 34.86
C LYS C 47 23.09 -21.82 33.55
N ASN C 48 23.66 -23.02 33.65
CA ASN C 48 24.09 -23.77 32.49
C ASN C 48 22.98 -24.71 32.02
N TRP C 49 22.57 -24.56 30.76
CA TRP C 49 21.47 -25.36 30.22
C TRP C 49 21.93 -26.16 29.01
N ARG C 50 21.48 -27.41 28.92
CA ARG C 50 21.79 -28.25 27.76
C ARG C 50 20.52 -28.82 27.11
N LEU C 51 20.52 -28.86 25.78
CA LEU C 51 19.40 -29.44 25.04
C LEU C 51 19.35 -30.96 25.26
N VAL C 52 18.20 -31.43 25.72
CA VAL C 52 18.01 -32.83 26.09
C VAL C 52 16.84 -33.51 25.36
N ALA C 53 15.77 -32.76 25.10
CA ALA C 53 14.53 -33.32 24.54
C ALA C 53 13.92 -32.49 23.42
N ARG C 54 13.56 -33.17 22.34
CA ARG C 54 12.81 -32.60 21.24
C ARG C 54 11.60 -33.53 21.02
N PRO C 55 10.58 -33.41 21.89
CA PRO C 55 9.50 -34.38 22.06
C PRO C 55 8.67 -34.68 20.79
N LEU C 56 8.22 -33.62 20.11
CA LEU C 56 7.30 -33.77 18.97
C LEU C 56 8.06 -34.10 17.68
N ASN C 57 8.39 -35.38 17.49
CA ASN C 57 9.25 -35.81 16.37
C ASN C 57 8.62 -36.83 15.43
N ARG C 58 7.34 -37.13 15.66
CA ARG C 58 6.55 -38.01 14.79
C ARG C 58 5.40 -37.25 14.15
N LEU C 59 5.16 -37.50 12.86
CA LEU C 59 4.04 -36.90 12.12
C LEU C 59 2.69 -37.06 12.82
N SER C 60 2.50 -38.19 13.52
CA SER C 60 1.27 -38.41 14.30
C SER C 60 1.10 -37.44 15.47
N GLN C 61 2.21 -36.88 15.95
CA GLN C 61 2.17 -35.85 17.00
C GLN C 61 2.08 -34.43 16.45
N LEU C 62 2.82 -34.16 15.38
CA LEU C 62 2.90 -32.81 14.82
C LEU C 62 3.03 -32.86 13.31
N ASN C 63 1.99 -32.38 12.65
CA ASN C 63 1.92 -32.37 11.20
C ASN C 63 1.74 -30.94 10.71
N MET C 64 2.82 -30.31 10.28
CA MET C 64 2.82 -28.88 9.96
C MET C 64 3.09 -28.53 8.49
N ILE C 65 3.02 -29.51 7.59
CA ILE C 65 3.19 -29.17 6.17
C ILE C 65 2.19 -28.04 5.84
N GLY C 66 2.66 -27.04 5.11
CA GLY C 66 1.83 -25.89 4.73
C GLY C 66 1.52 -24.88 5.82
N ASN C 67 1.95 -25.15 7.05
CA ASN C 67 1.76 -24.20 8.15
C ASN C 67 2.32 -22.82 7.81
N PRO C 68 1.61 -21.75 8.23
CA PRO C 68 2.09 -20.43 7.87
C PRO C 68 3.33 -20.10 8.70
N ASP C 69 4.18 -19.22 8.17
CA ASP C 69 5.33 -18.69 8.93
C ASP C 69 4.81 -18.19 10.29
N SER C 70 5.48 -18.60 11.36
CA SER C 70 5.06 -18.33 12.76
C SER C 70 3.72 -18.95 13.19
N GLY C 71 3.28 -19.97 12.45
CA GLY C 71 2.17 -20.80 12.91
C GLY C 71 2.71 -21.97 13.73
N GLY C 72 1.93 -23.05 13.82
CA GLY C 72 2.40 -24.26 14.49
C GLY C 72 2.47 -24.18 15.99
N VAL C 73 3.61 -24.57 16.54
CA VAL C 73 3.77 -24.70 17.98
C VAL C 73 4.04 -23.35 18.64
N TRP C 74 2.99 -22.79 19.25
CA TRP C 74 3.08 -21.56 20.00
C TRP C 74 3.57 -21.91 21.40
N ALA C 75 3.05 -21.22 22.43
CA ALA C 75 3.48 -21.43 23.81
C ALA C 75 3.25 -22.87 24.27
N PRO C 76 4.34 -23.61 24.54
CA PRO C 76 4.22 -24.97 25.03
C PRO C 76 4.16 -24.97 26.54
N HIS C 77 3.55 -26.00 27.11
CA HIS C 77 3.44 -26.11 28.56
C HIS C 77 3.99 -27.46 29.03
N LEU C 78 4.98 -27.40 29.92
CA LEU C 78 5.62 -28.59 30.45
C LEU C 78 5.39 -28.68 31.95
N SER C 79 4.88 -29.83 32.39
CA SER C 79 4.70 -30.08 33.81
C SER C 79 5.03 -31.54 34.15
N TYR C 80 5.06 -31.85 35.43
CA TYR C 80 5.29 -33.21 35.91
C TYR C 80 4.28 -33.54 37.00
N SER C 81 3.65 -34.71 36.87
CA SER C 81 2.64 -35.15 37.82
C SER C 81 2.42 -36.66 37.69
N ASP C 82 2.23 -37.31 38.84
CA ASP C 82 1.94 -38.75 38.92
C ASP C 82 2.88 -39.60 38.06
N GLY C 83 4.18 -39.39 38.24
CA GLY C 83 5.20 -40.20 37.58
C GLY C 83 5.39 -39.95 36.10
N LYS C 84 4.70 -38.94 35.56
CA LYS C 84 4.79 -38.63 34.12
C LYS C 84 4.95 -37.14 33.83
N PHE C 85 5.64 -36.84 32.72
CA PHE C 85 5.70 -35.49 32.17
C PHE C 85 4.51 -35.23 31.27
N TRP C 86 3.98 -34.02 31.34
CA TRP C 86 2.81 -33.61 30.57
C TRP C 86 3.21 -32.43 29.71
N LEU C 87 3.10 -32.58 28.40
CA LEU C 87 3.44 -31.52 27.46
C LEU C 87 2.19 -31.10 26.68
N ILE C 88 1.74 -29.89 26.95
CA ILE C 88 0.58 -29.30 26.28
C ILE C 88 1.05 -28.34 25.19
N TYR C 89 0.47 -28.50 24.01
CA TYR C 89 0.92 -27.73 22.86
C TYR C 89 -0.21 -27.39 21.89
N THR C 90 0.12 -26.58 20.89
CA THR C 90 -0.84 -26.14 19.89
C THR C 90 -0.28 -26.42 18.50
N ASP C 91 -1.17 -26.50 17.51
CA ASP C 91 -0.82 -26.40 16.12
C ASP C 91 -1.69 -25.27 15.62
N VAL C 92 -1.13 -24.07 15.57
CA VAL C 92 -1.87 -22.90 15.11
C VAL C 92 -1.81 -22.83 13.60
N LYS C 93 -2.98 -22.78 12.99
CA LYS C 93 -3.09 -22.84 11.54
C LYS C 93 -3.30 -21.47 10.87
N VAL C 94 -4.00 -20.56 11.55
CA VAL C 94 -4.28 -19.21 11.01
C VAL C 94 -3.66 -18.14 11.93
N VAL C 95 -2.82 -17.27 11.37
CA VAL C 95 -2.05 -16.31 12.18
C VAL C 95 -2.19 -14.84 11.74
N GLU C 96 -3.07 -14.60 10.76
CA GLU C 96 -3.39 -13.23 10.33
C GLU C 96 -4.90 -13.11 10.16
N GLY C 97 -5.44 -11.90 10.35
CA GLY C 97 -6.87 -11.65 10.19
C GLY C 97 -7.64 -11.75 11.50
N GLN C 98 -8.96 -11.83 11.40
CA GLN C 98 -9.86 -11.93 12.56
C GLN C 98 -9.81 -13.28 13.29
N TRP C 99 -9.24 -14.30 12.65
CA TRP C 99 -9.22 -15.64 13.24
C TRP C 99 -7.80 -16.10 13.54
N LYS C 100 -7.69 -17.00 14.53
CA LYS C 100 -6.42 -17.61 14.92
C LYS C 100 -6.60 -19.12 15.06
N ASP C 101 -7.16 -19.74 14.02
CA ASP C 101 -7.58 -21.13 14.09
C ASP C 101 -6.46 -22.02 14.59
N GLY C 102 -6.73 -22.73 15.67
CA GLY C 102 -5.69 -23.54 16.30
C GLY C 102 -6.26 -24.55 17.26
N HIS C 103 -5.51 -25.62 17.50
CA HIS C 103 -5.98 -26.75 18.30
C HIS C 103 -4.96 -27.10 19.36
N ASN C 104 -5.44 -27.34 20.58
CA ASN C 104 -4.60 -27.70 21.73
C ASN C 104 -4.57 -29.22 21.98
N TYR C 105 -3.38 -29.75 22.27
CA TYR C 105 -3.18 -31.19 22.47
C TYR C 105 -2.45 -31.52 23.77
N LEU C 106 -2.41 -32.81 24.11
CA LEU C 106 -1.63 -33.32 25.23
C LEU C 106 -0.82 -34.55 24.82
N VAL C 107 0.47 -34.53 25.16
CA VAL C 107 1.34 -35.71 25.04
C VAL C 107 2.11 -35.96 26.35
N THR C 108 2.36 -37.23 26.67
CA THR C 108 3.01 -37.62 27.93
C THR C 108 4.23 -38.51 27.71
N CYS C 109 5.04 -38.65 28.76
CA CYS C 109 6.21 -39.52 28.77
C CYS C 109 6.74 -39.59 30.18
N ASP C 110 7.12 -40.80 30.60
CA ASP C 110 7.65 -41.03 31.94
C ASP C 110 9.07 -40.44 32.09
N THR C 111 9.86 -40.54 31.03
CA THR C 111 11.18 -39.89 30.98
C THR C 111 11.16 -38.67 30.04
N ILE C 112 11.79 -37.58 30.48
CA ILE C 112 11.84 -36.33 29.70
C ILE C 112 12.34 -36.53 28.25
N ASP C 113 13.22 -37.51 28.05
CA ASP C 113 13.83 -37.74 26.73
C ASP C 113 13.46 -39.08 26.07
N GLY C 114 12.33 -39.66 26.46
CA GLY C 114 11.85 -40.89 25.83
C GLY C 114 10.87 -40.62 24.69
N ALA C 115 10.28 -41.69 24.16
CA ALA C 115 9.26 -41.58 23.12
C ALA C 115 7.93 -41.19 23.76
N TRP C 116 7.48 -39.97 23.44
CA TRP C 116 6.26 -39.40 24.02
C TRP C 116 5.00 -40.01 23.42
N SER C 117 3.87 -39.89 24.11
CA SER C 117 2.61 -40.49 23.65
C SER C 117 2.05 -39.78 22.43
N ASP C 118 1.22 -40.48 21.66
CA ASP C 118 0.46 -39.84 20.59
C ASP C 118 -0.58 -38.88 21.19
N PRO C 119 -0.92 -37.79 20.47
CA PRO C 119 -1.69 -36.68 21.05
C PRO C 119 -3.11 -37.02 21.49
N ILE C 120 -3.51 -36.42 22.61
CA ILE C 120 -4.91 -36.31 23.01
C ILE C 120 -5.35 -34.88 22.67
N TYR C 121 -6.47 -34.76 21.96
CA TYR C 121 -7.04 -33.46 21.61
C TYR C 121 -7.85 -32.90 22.77
N LEU C 122 -7.73 -31.59 23.00
CA LEU C 122 -8.39 -30.96 24.15
C LEU C 122 -9.52 -30.02 23.75
N ASN C 123 -9.15 -28.93 23.07
CA ASN C 123 -10.11 -27.93 22.56
C ASN C 123 -9.47 -27.04 21.50
N SER C 124 -10.20 -26.00 21.09
CA SER C 124 -9.74 -25.11 20.01
C SER C 124 -10.04 -23.64 20.28
N SER C 125 -10.62 -23.35 21.44
CA SER C 125 -11.10 -22.01 21.78
C SER C 125 -10.02 -20.92 21.87
N GLY C 126 -8.76 -21.32 21.94
CA GLY C 126 -7.63 -20.38 21.95
C GLY C 126 -6.28 -20.98 22.25
N PHE C 127 -5.23 -20.19 22.05
CA PHE C 127 -3.86 -20.66 22.25
C PHE C 127 -3.41 -20.49 23.70
N ASP C 128 -2.13 -20.75 23.93
CA ASP C 128 -1.53 -20.71 25.27
C ASP C 128 -2.24 -21.64 26.28
N PRO C 129 -2.33 -22.94 25.95
CA PRO C 129 -3.00 -23.84 26.87
C PRO C 129 -2.12 -24.21 28.06
N SER C 130 -2.72 -24.32 29.24
CA SER C 130 -1.97 -24.65 30.45
C SER C 130 -2.74 -25.63 31.33
N LEU C 131 -2.06 -26.72 31.71
CA LEU C 131 -2.67 -27.73 32.57
C LEU C 131 -2.26 -27.55 34.02
N PHE C 132 -3.26 -27.37 34.87
CA PHE C 132 -3.06 -27.20 36.29
C PHE C 132 -3.39 -28.50 37.00
N HIS C 133 -2.41 -29.04 37.74
CA HIS C 133 -2.60 -30.26 38.51
C HIS C 133 -2.98 -29.91 39.94
N ASP C 134 -4.29 -29.94 40.23
CA ASP C 134 -4.81 -29.52 41.53
C ASP C 134 -4.43 -30.49 42.66
N GLU C 135 -4.44 -29.97 43.90
CA GLU C 135 -3.99 -30.69 45.09
C GLU C 135 -4.81 -31.96 45.34
N ASP C 136 -6.11 -31.89 45.02
CA ASP C 136 -7.03 -33.01 45.20
C ASP C 136 -7.13 -33.97 44.01
N GLY C 137 -6.02 -34.10 43.26
CA GLY C 137 -5.94 -35.04 42.14
C GLY C 137 -6.71 -34.68 40.88
N ARG C 138 -7.33 -33.50 40.88
CA ARG C 138 -8.06 -33.00 39.71
C ARG C 138 -7.09 -32.30 38.75
N LYS C 139 -7.46 -32.24 37.47
CA LYS C 139 -6.67 -31.52 36.47
C LYS C 139 -7.56 -30.54 35.71
N TYR C 140 -7.17 -29.26 35.70
CA TYR C 140 -7.92 -28.21 35.03
C TYR C 140 -7.11 -27.57 33.91
N LEU C 141 -7.78 -27.21 32.82
CA LEU C 141 -7.12 -26.55 31.68
C LEU C 141 -7.54 -25.09 31.55
N VAL C 142 -6.54 -24.22 31.44
CA VAL C 142 -6.77 -22.82 31.09
C VAL C 142 -6.13 -22.46 29.76
N ASN C 143 -6.83 -21.63 29.00
CA ASN C 143 -6.30 -21.07 27.74
C ASN C 143 -6.95 -19.71 27.50
N MET C 144 -6.42 -18.95 26.55
CA MET C 144 -7.10 -17.72 26.12
C MET C 144 -8.34 -18.09 25.30
N TYR C 145 -9.39 -17.28 25.43
CA TYR C 145 -10.60 -17.45 24.64
C TYR C 145 -10.65 -16.40 23.52
N TRP C 146 -10.65 -16.86 22.27
CA TRP C 146 -10.56 -15.96 21.10
C TRP C 146 -11.90 -15.38 20.65
N ASP C 147 -11.91 -14.07 20.40
CA ASP C 147 -13.09 -13.36 19.89
C ASP C 147 -12.75 -12.73 18.53
N HIS C 148 -13.39 -13.25 17.48
CA HIS C 148 -13.10 -12.89 16.10
C HIS C 148 -13.86 -11.64 15.65
N ARG C 149 -14.88 -11.23 16.40
CA ARG C 149 -15.84 -10.24 15.88
C ARG C 149 -15.24 -8.85 15.70
N VAL C 150 -15.70 -8.16 14.65
CA VAL C 150 -15.15 -6.85 14.26
C VAL C 150 -15.24 -5.77 15.34
N ASP C 151 -16.33 -5.77 16.09
CA ASP C 151 -16.56 -4.77 17.13
C ASP C 151 -15.95 -5.12 18.50
N HIS C 152 -15.01 -6.07 18.51
CA HIS C 152 -14.52 -6.67 19.76
C HIS C 152 -12.99 -6.84 19.82
N HIS C 153 -12.44 -6.70 21.03
CA HIS C 153 -11.05 -7.07 21.29
C HIS C 153 -10.96 -8.60 21.28
N PRO C 154 -9.97 -9.18 20.55
CA PRO C 154 -9.87 -10.62 20.35
C PRO C 154 -9.66 -11.45 21.64
N PHE C 155 -8.83 -10.92 22.53
CA PHE C 155 -8.45 -11.62 23.76
C PHE C 155 -9.55 -11.45 24.79
N TYR C 156 -10.53 -12.36 24.72
CA TYR C 156 -11.76 -12.35 25.52
C TYR C 156 -11.52 -12.73 26.98
N GLY C 157 -10.29 -13.12 27.31
CA GLY C 157 -9.92 -13.46 28.67
C GLY C 157 -9.42 -14.88 28.79
N ILE C 158 -9.54 -15.43 29.99
CA ILE C 158 -9.04 -16.77 30.30
C ILE C 158 -10.21 -17.71 30.60
N VAL C 159 -10.26 -18.83 29.89
CA VAL C 159 -11.33 -19.80 30.09
C VAL C 159 -10.81 -21.05 30.82
N LEU C 160 -11.64 -21.59 31.72
CA LEU C 160 -11.28 -22.74 32.53
C LEU C 160 -12.26 -23.89 32.39
N GLN C 161 -11.72 -25.08 32.16
CA GLN C 161 -12.49 -26.32 32.11
C GLN C 161 -11.71 -27.46 32.74
N GLU C 162 -12.41 -28.38 33.41
CA GLU C 162 -11.76 -29.55 33.99
C GLU C 162 -11.45 -30.60 32.95
N TYR C 163 -10.26 -31.17 33.06
CA TYR C 163 -9.83 -32.30 32.25
C TYR C 163 -10.10 -33.59 33.03
N SER C 164 -10.60 -34.61 32.31
CA SER C 164 -10.81 -35.94 32.88
C SER C 164 -9.68 -36.86 32.42
N VAL C 165 -8.82 -37.23 33.36
CA VAL C 165 -7.65 -38.07 33.07
C VAL C 165 -8.08 -39.44 32.55
N GLU C 166 -9.16 -39.96 33.12
CA GLU C 166 -9.70 -41.27 32.74
C GLU C 166 -10.38 -41.25 31.37
N GLN C 167 -11.18 -40.20 31.13
CA GLN C 167 -11.91 -40.06 29.86
C GLN C 167 -11.06 -39.48 28.72
N LYS C 168 -9.95 -38.85 29.07
CA LYS C 168 -9.01 -38.26 28.10
C LYS C 168 -9.66 -37.14 27.27
N LYS C 169 -10.71 -36.54 27.83
CA LYS C 169 -11.38 -35.39 27.23
C LYS C 169 -11.64 -34.34 28.31
N LEU C 170 -11.90 -33.11 27.88
CA LEU C 170 -12.36 -32.06 28.79
C LEU C 170 -13.82 -32.30 29.17
N VAL C 171 -14.19 -31.94 30.40
CA VAL C 171 -15.52 -32.24 30.92
C VAL C 171 -16.22 -31.05 31.56
N GLY C 172 -17.55 -31.12 31.63
CA GLY C 172 -18.36 -30.10 32.28
C GLY C 172 -18.76 -28.98 31.33
N GLU C 173 -18.44 -27.75 31.72
CA GLU C 173 -18.85 -26.57 30.96
C GLU C 173 -17.75 -25.51 31.10
N PRO C 174 -17.21 -25.03 29.95
CA PRO C 174 -16.14 -24.03 30.04
C PRO C 174 -16.69 -22.70 30.54
N LYS C 175 -15.90 -22.00 31.34
CA LYS C 175 -16.32 -20.71 31.89
C LYS C 175 -15.14 -19.74 31.94
N ILE C 176 -15.42 -18.47 31.69
CA ILE C 176 -14.42 -17.41 31.78
C ILE C 176 -14.19 -17.10 33.26
N ILE C 177 -12.93 -17.18 33.68
CA ILE C 177 -12.55 -16.90 35.07
C ILE C 177 -11.96 -15.49 35.22
N PHE C 178 -11.38 -14.98 34.13
CA PHE C 178 -10.62 -13.73 34.16
C PHE C 178 -10.71 -13.02 32.81
N LYS C 179 -10.91 -11.70 32.83
CA LYS C 179 -10.93 -10.91 31.60
C LYS C 179 -9.59 -10.24 31.31
N GLY C 180 -8.91 -9.82 32.38
CA GLY C 180 -7.61 -9.17 32.28
C GLY C 180 -7.61 -7.75 32.80
N THR C 181 -6.43 -7.10 32.75
CA THR C 181 -6.33 -5.67 33.08
C THR C 181 -6.52 -4.82 31.82
N ASP C 182 -6.55 -3.50 31.99
CA ASP C 182 -6.73 -2.57 30.86
C ASP C 182 -5.62 -2.67 29.79
N LEU C 183 -4.55 -3.38 30.11
CA LEU C 183 -3.51 -3.70 29.13
C LEU C 183 -4.07 -4.61 28.04
N ARG C 184 -5.00 -5.49 28.41
CA ARG C 184 -5.60 -6.46 27.48
C ARG C 184 -4.55 -7.36 26.81
N ILE C 185 -4.92 -7.97 25.67
CA ILE C 185 -4.08 -8.96 25.00
C ILE C 185 -3.66 -10.02 26.04
N THR C 186 -4.65 -10.43 26.84
CA THR C 186 -4.46 -11.38 27.92
C THR C 186 -4.27 -12.79 27.36
N GLU C 187 -3.06 -13.33 27.52
CA GLU C 187 -2.72 -14.66 27.04
C GLU C 187 -1.91 -15.44 28.09
N GLY C 188 -1.14 -16.43 27.64
CA GLY C 188 -0.23 -17.21 28.49
C GLY C 188 -0.63 -17.49 29.93
N PRO C 189 -1.85 -18.02 30.16
CA PRO C 189 -2.27 -18.21 31.54
C PRO C 189 -1.55 -19.39 32.18
N HIS C 190 -1.17 -19.23 33.45
CA HIS C 190 -0.60 -20.31 34.24
C HIS C 190 -1.19 -20.27 35.64
N LEU C 191 -1.59 -21.44 36.14
CA LEU C 191 -2.13 -21.57 37.50
C LEU C 191 -1.10 -22.19 38.43
N TYR C 192 -0.97 -21.60 39.62
CA TYR C 192 -0.07 -22.08 40.67
C TYR C 192 -0.80 -22.02 42.00
N LYS C 193 -0.64 -23.07 42.80
CA LYS C 193 -1.25 -23.14 44.13
C LYS C 193 -0.22 -22.85 45.23
N ILE C 194 -0.36 -21.67 45.83
CA ILE C 194 0.50 -21.21 46.93
C ILE C 194 -0.38 -20.50 47.97
N ASN C 195 -0.15 -20.76 49.25
CA ASN C 195 -0.99 -20.21 50.34
C ASN C 195 -2.39 -20.85 50.34
N GLY C 196 -3.39 -20.13 50.84
CA GLY C 196 -4.79 -20.55 50.71
C GLY C 196 -5.44 -19.81 49.55
N TYR C 197 -4.64 -19.50 48.54
CA TYR C 197 -5.06 -18.74 47.35
C TYR C 197 -4.67 -19.46 46.06
N TYR C 198 -5.47 -19.27 45.02
CA TYR C 198 -5.12 -19.69 43.67
C TYR C 198 -4.49 -18.50 42.93
N TYR C 199 -3.30 -18.70 42.37
CA TYR C 199 -2.59 -17.61 41.69
C TYR C 199 -2.63 -17.71 40.17
N LEU C 200 -3.37 -16.79 39.55
CA LEU C 200 -3.50 -16.72 38.11
C LEU C 200 -2.52 -15.72 37.50
N LEU C 201 -1.50 -16.25 36.83
CA LEU C 201 -0.52 -15.47 36.11
C LEU C 201 -0.89 -15.44 34.63
N THR C 202 -0.87 -14.25 34.04
CA THR C 202 -1.17 -14.06 32.61
C THR C 202 -0.17 -13.12 31.94
N ALA C 203 0.08 -13.33 30.65
CA ALA C 203 0.85 -12.40 29.85
C ALA C 203 -0.11 -11.36 29.25
N GLU C 204 0.32 -10.11 29.22
CA GLU C 204 -0.52 -9.01 28.71
C GLU C 204 0.28 -7.98 27.92
N GLY C 205 -0.42 -7.21 27.09
CA GLY C 205 0.18 -6.12 26.32
C GLY C 205 0.86 -6.52 25.02
N GLY C 206 0.92 -7.81 24.74
CA GLY C 206 1.48 -8.33 23.51
C GLY C 206 2.97 -8.55 23.57
N THR C 207 3.45 -9.59 22.89
CA THR C 207 4.88 -9.97 22.89
C THR C 207 5.79 -8.97 22.17
N ARG C 208 5.39 -7.70 22.18
CA ARG C 208 6.22 -6.63 21.67
C ARG C 208 6.65 -5.75 22.85
N TYR C 209 7.00 -4.50 22.58
CA TYR C 209 7.58 -3.63 23.60
C TYR C 209 6.64 -3.19 24.72
N ASN C 210 5.36 -3.55 24.63
CA ASN C 210 4.42 -3.30 25.70
C ASN C 210 4.17 -4.54 26.57
N HIS C 211 4.94 -5.60 26.33
CA HIS C 211 4.73 -6.86 27.03
C HIS C 211 4.83 -6.73 28.53
N ALA C 212 4.01 -7.51 29.23
CA ALA C 212 4.02 -7.57 30.67
C ALA C 212 3.71 -8.99 31.15
N ALA C 213 4.22 -9.31 32.34
CA ALA C 213 3.71 -10.42 33.13
C ALA C 213 2.73 -9.82 34.13
N THR C 214 1.51 -10.36 34.13
CA THR C 214 0.49 -9.98 35.07
C THR C 214 0.21 -11.18 35.96
N ILE C 215 -0.05 -10.92 37.24
CA ILE C 215 -0.46 -11.98 38.18
C ILE C 215 -1.61 -11.48 39.05
N ALA C 216 -2.53 -12.39 39.36
CA ALA C 216 -3.70 -12.14 40.20
C ALA C 216 -3.94 -13.36 41.09
N ARG C 217 -4.88 -13.23 42.03
CA ARG C 217 -5.18 -14.32 42.96
C ARG C 217 -6.64 -14.36 43.42
N SER C 218 -7.09 -15.55 43.80
CA SER C 218 -8.44 -15.76 44.33
C SER C 218 -8.45 -17.00 45.23
N THR C 219 -9.40 -17.05 46.17
CA THR C 219 -9.61 -18.23 47.00
C THR C 219 -10.25 -19.32 46.14
N SER C 220 -11.30 -18.93 45.42
CA SER C 220 -12.00 -19.81 44.48
C SER C 220 -11.19 -20.00 43.19
N LEU C 221 -11.34 -21.16 42.58
CA LEU C 221 -10.68 -21.48 41.32
C LEU C 221 -11.36 -20.75 40.15
N TYR C 222 -12.63 -20.41 40.33
CA TYR C 222 -13.45 -19.79 39.30
C TYR C 222 -13.59 -18.27 39.43
N GLY C 223 -12.93 -17.69 40.44
CA GLY C 223 -12.93 -16.24 40.64
C GLY C 223 -13.97 -15.70 41.59
N PRO C 224 -14.06 -14.36 41.71
CA PRO C 224 -13.27 -13.36 40.97
C PRO C 224 -11.84 -13.23 41.48
N TYR C 225 -10.91 -13.06 40.55
CA TYR C 225 -9.49 -12.92 40.87
C TYR C 225 -9.12 -11.45 41.05
N GLU C 226 -8.54 -11.13 42.20
CA GLU C 226 -8.10 -9.77 42.51
C GLU C 226 -6.70 -9.54 41.94
N VAL C 227 -6.49 -8.36 41.37
CA VAL C 227 -5.23 -8.06 40.68
C VAL C 227 -4.17 -7.54 41.66
N HIS C 228 -2.91 -7.93 41.40
CA HIS C 228 -1.73 -7.43 42.11
C HIS C 228 -1.79 -5.90 42.28
N PRO C 229 -1.58 -5.43 43.52
CA PRO C 229 -1.66 -3.99 43.81
C PRO C 229 -0.59 -3.14 43.11
N ASP C 230 0.46 -3.78 42.61
CA ASP C 230 1.54 -3.08 41.89
C ASP C 230 1.81 -3.69 40.51
N ASN C 231 0.78 -4.30 39.92
CA ASN C 231 0.90 -4.91 38.59
C ASN C 231 1.34 -3.90 37.53
N PRO C 232 2.16 -4.34 36.54
CA PRO C 232 2.69 -5.67 36.24
C PRO C 232 3.81 -6.18 37.14
N LEU C 233 3.98 -7.51 37.16
CA LEU C 233 5.03 -8.19 37.91
C LEU C 233 6.37 -8.03 37.19
N LEU C 234 6.35 -8.19 35.86
CA LEU C 234 7.54 -8.00 35.04
C LEU C 234 7.18 -7.28 33.75
N THR C 235 7.98 -6.28 33.38
CA THR C 235 7.79 -5.53 32.13
C THR C 235 9.03 -4.71 31.76
N SER C 236 9.22 -4.48 30.47
CA SER C 236 10.32 -3.66 29.98
C SER C 236 9.85 -2.32 29.41
N TRP C 237 8.52 -2.16 29.28
CA TRP C 237 7.93 -0.99 28.64
C TRP C 237 8.43 0.36 29.20
N PRO C 238 8.34 0.55 30.54
CA PRO C 238 8.80 1.82 31.12
C PRO C 238 10.32 1.97 31.20
N TYR C 239 11.06 1.01 30.66
CA TYR C 239 12.51 1.02 30.75
C TYR C 239 13.16 0.87 29.36
N PRO C 240 13.13 1.94 28.54
CA PRO C 240 13.65 1.90 27.16
C PRO C 240 15.17 1.70 27.03
N ARG C 241 15.91 1.94 28.11
CA ARG C 241 17.37 1.84 28.07
C ARG C 241 17.89 0.46 28.51
N ASN C 242 16.99 -0.34 29.08
CA ASN C 242 17.24 -1.75 29.40
C ASN C 242 17.75 -2.54 28.19
N PRO C 243 18.81 -3.35 28.38
CA PRO C 243 19.29 -4.24 27.32
C PRO C 243 18.28 -5.31 26.89
N LEU C 244 17.41 -5.69 27.83
CA LEU C 244 16.44 -6.77 27.61
C LEU C 244 15.04 -6.18 27.53
N GLN C 245 14.44 -6.27 26.34
CA GLN C 245 13.11 -5.70 26.09
C GLN C 245 12.06 -6.78 25.93
N LYS C 246 10.79 -6.35 25.82
CA LYS C 246 9.63 -7.22 25.60
C LYS C 246 9.45 -8.26 26.71
N ALA C 247 9.69 -7.86 27.95
CA ALA C 247 9.74 -8.79 29.08
C ALA C 247 8.36 -9.27 29.52
N GLY C 248 8.11 -10.56 29.32
CA GLY C 248 6.83 -11.17 29.70
C GLY C 248 6.72 -12.64 29.33
N HIS C 249 5.48 -13.12 29.33
CA HIS C 249 5.14 -14.54 29.16
C HIS C 249 5.95 -15.41 30.12
N ALA C 250 5.70 -15.18 31.40
CA ALA C 250 6.51 -15.75 32.48
C ALA C 250 5.91 -17.00 33.07
N SER C 251 6.78 -17.86 33.61
CA SER C 251 6.37 -19.01 34.41
C SER C 251 7.26 -19.16 35.65
N ILE C 252 6.63 -19.55 36.75
CA ILE C 252 7.27 -19.61 38.06
C ILE C 252 7.90 -20.98 38.33
N VAL C 253 9.12 -20.97 38.86
CA VAL C 253 9.75 -22.18 39.40
C VAL C 253 10.10 -21.99 40.87
N HIS C 254 9.60 -22.90 41.71
CA HIS C 254 9.98 -22.97 43.11
C HIS C 254 11.04 -24.04 43.25
N THR C 255 12.25 -23.63 43.61
CA THR C 255 13.39 -24.55 43.68
C THR C 255 13.36 -25.42 44.95
N HIS C 256 14.16 -26.49 44.93
CA HIS C 256 14.26 -27.41 46.07
C HIS C 256 14.90 -26.79 47.31
N THR C 257 15.67 -25.72 47.11
CA THR C 257 16.32 -24.99 48.20
C THR C 257 15.46 -23.80 48.67
N ASP C 258 14.13 -23.98 48.60
CA ASP C 258 13.14 -22.94 48.92
C ASP C 258 13.47 -21.53 48.37
N GLU C 259 13.63 -21.44 47.05
CA GLU C 259 13.86 -20.17 46.37
C GLU C 259 12.92 -20.04 45.16
N TRP C 260 12.68 -18.81 44.73
CA TRP C 260 11.72 -18.51 43.65
C TRP C 260 12.42 -17.83 42.47
N PHE C 261 12.04 -18.24 41.26
CA PHE C 261 12.62 -17.69 40.04
C PHE C 261 11.58 -17.57 38.93
N LEU C 262 11.77 -16.58 38.07
CA LEU C 262 10.81 -16.25 37.03
C LEU C 262 11.50 -16.24 35.69
N VAL C 263 11.26 -17.28 34.90
CA VAL C 263 11.71 -17.28 33.52
C VAL C 263 10.71 -16.46 32.69
N HIS C 264 11.20 -15.88 31.59
CA HIS C 264 10.38 -15.05 30.71
C HIS C 264 11.11 -14.90 29.39
N LEU C 265 10.36 -14.51 28.35
CA LEU C 265 10.98 -14.20 27.06
C LEU C 265 11.48 -12.76 27.07
N THR C 266 12.43 -12.48 26.18
CA THR C 266 12.96 -11.14 26.05
C THR C 266 13.56 -10.92 24.66
N GLY C 267 13.46 -9.69 24.17
CA GLY C 267 14.13 -9.29 22.96
C GLY C 267 15.29 -8.39 23.30
N ARG C 268 16.38 -8.54 22.55
CA ARG C 268 17.54 -7.70 22.74
C ARG C 268 17.84 -6.94 21.46
N PRO C 269 17.31 -5.71 21.36
CA PRO C 269 17.47 -4.87 20.18
C PRO C 269 18.93 -4.69 19.78
N LEU C 270 19.20 -4.63 18.49
CA LEU C 270 20.50 -4.20 18.00
C LEU C 270 20.77 -2.79 18.53
N PRO C 271 22.05 -2.41 18.70
CA PRO C 271 22.35 -1.09 19.29
C PRO C 271 21.59 0.06 18.61
N ARG C 272 21.05 0.97 19.41
CA ARG C 272 20.19 2.04 18.89
C ARG C 272 20.88 3.41 18.80
N GLU C 273 21.76 3.69 19.77
CA GLU C 273 22.46 4.99 19.90
C GLU C 273 22.45 5.86 18.64
N GLY C 274 21.94 7.08 18.77
CA GLY C 274 21.87 8.02 17.64
C GLY C 274 20.49 8.07 17.01
N GLN C 275 19.66 7.10 17.37
CA GLN C 275 18.26 7.05 16.95
C GLN C 275 17.39 7.49 18.11
N PRO C 276 16.23 8.13 17.83
CA PRO C 276 15.33 8.56 18.90
C PRO C 276 14.97 7.42 19.83
N LEU C 277 14.90 7.72 21.13
CA LEU C 277 14.70 6.69 22.15
C LEU C 277 13.36 5.99 22.04
N LEU C 278 12.29 6.76 21.90
CA LEU C 278 10.94 6.18 22.00
C LEU C 278 10.22 5.98 20.66
N GLU C 279 10.77 6.56 19.59
CA GLU C 279 10.16 6.45 18.25
C GLU C 279 9.99 5.00 17.81
N HIS C 280 11.09 4.27 17.62
CA HIS C 280 11.05 2.82 17.43
C HIS C 280 12.12 2.12 18.26
N ARG C 281 11.70 1.12 19.02
CA ARG C 281 12.51 0.55 20.10
C ARG C 281 13.44 -0.61 19.73
N GLY C 282 13.53 -0.95 18.43
CA GLY C 282 14.61 -1.81 17.95
C GLY C 282 14.26 -3.05 17.15
N TYR C 283 15.30 -3.66 16.57
CA TYR C 283 15.20 -4.90 15.81
C TYR C 283 16.09 -6.01 16.40
N CYS C 284 15.52 -7.21 16.52
CA CYS C 284 16.14 -8.33 17.25
C CYS C 284 16.35 -9.54 16.37
N PRO C 285 17.53 -9.65 15.74
CA PRO C 285 17.78 -10.75 14.81
C PRO C 285 17.84 -12.10 15.49
N LEU C 286 18.07 -12.11 16.82
CA LEU C 286 18.12 -13.33 17.60
C LEU C 286 16.74 -13.64 18.17
N GLY C 287 15.72 -13.01 17.59
CA GLY C 287 14.33 -13.21 17.98
C GLY C 287 14.04 -12.94 19.43
N ARG C 288 13.25 -13.82 20.05
CA ARG C 288 12.93 -13.72 21.46
C ARG C 288 13.69 -14.80 22.23
N GLU C 289 14.48 -14.37 23.19
CA GLU C 289 15.37 -15.25 23.95
C GLU C 289 14.82 -15.50 25.35
N THR C 290 15.43 -16.42 26.08
CA THR C 290 14.96 -16.79 27.42
C THR C 290 15.86 -16.21 28.52
N ALA C 291 15.23 -15.62 29.53
CA ALA C 291 15.93 -14.98 30.62
C ALA C 291 15.22 -15.28 31.94
N ILE C 292 15.98 -15.21 33.04
CA ILE C 292 15.48 -15.53 34.36
C ILE C 292 15.67 -14.36 35.34
N GLN C 293 14.71 -14.17 36.23
CA GLN C 293 14.79 -13.18 37.30
C GLN C 293 14.55 -13.88 38.62
N ARG C 294 14.90 -13.20 39.72
CA ARG C 294 14.68 -13.70 41.07
C ARG C 294 13.44 -13.06 41.67
N LEU C 295 12.63 -13.87 42.36
CA LEU C 295 11.42 -13.40 43.05
C LEU C 295 11.57 -13.43 44.56
N GLU C 296 11.11 -12.37 45.20
CA GLU C 296 10.90 -12.33 46.65
C GLU C 296 9.39 -12.19 46.89
N TRP C 297 8.97 -12.30 48.14
CA TRP C 297 7.54 -12.26 48.48
C TRP C 297 7.24 -11.19 49.53
N LYS C 298 6.09 -10.53 49.34
CA LYS C 298 5.57 -9.54 50.28
C LYS C 298 4.05 -9.59 50.26
N ASP C 299 3.44 -9.59 51.45
CA ASP C 299 1.97 -9.52 51.61
C ASP C 299 1.17 -10.65 50.92
N GLY C 300 1.88 -11.65 50.41
CA GLY C 300 1.24 -12.72 49.64
C GLY C 300 1.22 -12.43 48.15
N TRP C 301 2.02 -11.45 47.73
CA TRP C 301 2.20 -11.14 46.32
C TRP C 301 3.68 -11.30 45.96
N PRO C 302 3.95 -11.98 44.83
CA PRO C 302 5.33 -12.07 44.35
C PRO C 302 5.82 -10.75 43.72
N TYR C 303 7.06 -10.39 44.01
CA TYR C 303 7.68 -9.21 43.42
C TYR C 303 9.00 -9.61 42.78
N VAL C 304 9.29 -9.04 41.61
CA VAL C 304 10.60 -9.20 41.00
C VAL C 304 11.59 -8.41 41.85
N VAL C 305 12.77 -8.99 42.08
CA VAL C 305 13.82 -8.33 42.85
C VAL C 305 14.38 -7.17 42.01
N GLY C 306 14.18 -5.96 42.50
CA GLY C 306 14.62 -4.75 41.82
C GLY C 306 13.55 -4.16 40.91
N GLY C 307 12.40 -3.83 41.49
CA GLY C 307 11.29 -3.25 40.75
C GLY C 307 10.58 -4.30 39.90
N ASN C 308 10.21 -3.93 38.68
CA ASN C 308 9.55 -4.86 37.76
C ASN C 308 10.22 -5.01 36.38
N GLY C 309 11.42 -4.45 36.25
CA GLY C 309 12.19 -4.59 35.01
C GLY C 309 13.26 -5.66 35.10
N PRO C 310 13.51 -6.38 33.99
CA PRO C 310 14.50 -7.45 33.97
C PRO C 310 15.93 -6.98 34.22
N SER C 311 16.67 -7.73 35.03
CA SER C 311 18.07 -7.44 35.32
C SER C 311 18.98 -8.27 34.42
N LEU C 312 20.09 -7.68 33.98
CA LEU C 312 21.00 -8.33 33.04
C LEU C 312 21.77 -9.49 33.68
N GLU C 313 21.83 -9.49 35.01
CA GLU C 313 22.54 -10.50 35.78
C GLU C 313 21.86 -10.68 37.13
N ILE C 314 21.67 -11.93 37.54
CA ILE C 314 21.03 -12.24 38.83
C ILE C 314 21.83 -13.28 39.61
N ASP C 315 21.65 -13.31 40.93
CA ASP C 315 22.29 -14.32 41.79
C ASP C 315 21.55 -15.65 41.64
N GLY C 316 22.26 -16.66 41.15
CA GLY C 316 21.70 -18.01 41.01
C GLY C 316 21.34 -18.62 42.35
N PRO C 317 20.54 -19.71 42.33
CA PRO C 317 20.15 -20.35 43.60
C PRO C 317 21.34 -20.93 44.34
N SER C 318 21.19 -21.12 45.66
CA SER C 318 22.26 -21.69 46.48
C SER C 318 22.44 -23.19 46.25
N VAL C 319 23.09 -23.52 45.14
CA VAL C 319 23.36 -24.91 44.73
C VAL C 319 24.72 -24.99 44.02
N GLU C 320 25.27 -26.19 43.92
CA GLU C 320 26.54 -26.40 43.22
C GLU C 320 26.37 -26.24 41.72
N GLU C 321 27.19 -25.39 41.12
CA GLU C 321 27.16 -25.15 39.68
C GLU C 321 27.56 -26.40 38.91
N VAL C 322 26.73 -26.79 37.94
CA VAL C 322 27.03 -27.94 37.09
C VAL C 322 27.17 -27.48 35.64
N SER C 323 28.42 -27.45 35.17
CA SER C 323 28.72 -27.14 33.78
C SER C 323 28.23 -28.26 32.86
N TRP C 324 28.14 -27.98 31.56
CA TRP C 324 27.87 -29.02 30.58
C TRP C 324 28.86 -28.93 29.43
N GLU C 325 29.15 -30.08 28.84
CA GLU C 325 30.06 -30.20 27.70
C GLU C 325 29.44 -29.56 26.45
N LYS C 326 30.27 -28.91 25.64
CA LYS C 326 29.84 -28.37 24.34
C LYS C 326 29.24 -29.49 23.50
N ASP C 327 27.99 -29.33 23.11
CA ASP C 327 27.22 -30.41 22.48
C ASP C 327 27.28 -30.42 20.95
N TYR C 328 28.18 -29.63 20.38
CA TYR C 328 28.38 -29.62 18.93
C TYR C 328 29.82 -29.30 18.52
N ASP C 329 30.25 -29.88 17.41
CA ASP C 329 31.56 -29.59 16.84
C ASP C 329 31.53 -28.25 16.13
N GLU C 330 32.36 -27.31 16.62
CA GLU C 330 32.51 -26.00 16.02
C GLU C 330 32.71 -26.11 14.51
N LYS C 331 33.54 -27.08 14.10
CA LYS C 331 33.64 -27.47 12.70
C LYS C 331 33.07 -28.88 12.54
N ASP C 332 31.77 -28.94 12.24
CA ASP C 332 31.05 -30.21 12.15
C ASP C 332 31.32 -30.88 10.82
N ASP C 333 32.21 -31.86 10.84
CA ASP C 333 32.66 -32.57 9.64
C ASP C 333 31.68 -33.66 9.21
N PHE C 334 30.58 -33.79 9.96
CA PHE C 334 29.48 -34.71 9.66
C PHE C 334 29.84 -36.19 9.81
N ASP C 335 30.79 -36.49 10.69
CA ASP C 335 31.28 -37.87 10.87
C ASP C 335 30.27 -38.78 11.56
N GLY C 336 29.35 -38.18 12.32
CA GLY C 336 28.32 -38.93 13.02
C GLY C 336 27.25 -39.52 12.11
N ASP C 337 26.55 -40.53 12.62
CA ASP C 337 25.51 -41.22 11.85
C ASP C 337 24.22 -40.39 11.70
N THR C 338 23.98 -39.50 12.67
CA THR C 338 22.83 -38.59 12.67
C THR C 338 23.26 -37.13 12.82
N LEU C 339 22.41 -36.21 12.35
CA LEU C 339 22.68 -34.76 12.44
C LEU C 339 22.63 -34.25 13.88
N ASN C 340 23.50 -33.28 14.18
CA ASN C 340 23.54 -32.61 15.48
C ASN C 340 22.18 -32.03 15.85
N HIS C 341 21.80 -32.17 17.12
CA HIS C 341 20.46 -31.81 17.60
C HIS C 341 20.12 -30.32 17.56
N HIS C 342 21.08 -29.51 17.09
CA HIS C 342 20.86 -28.08 16.91
C HIS C 342 20.36 -27.76 15.51
N PHE C 343 20.60 -28.67 14.56
CA PHE C 343 20.09 -28.55 13.22
C PHE C 343 18.61 -28.90 13.16
N GLN C 344 17.81 -27.99 12.61
CA GLN C 344 16.38 -28.22 12.45
C GLN C 344 15.93 -28.17 10.99
N THR C 345 14.70 -28.58 10.77
CA THR C 345 14.10 -28.62 9.44
C THR C 345 12.86 -27.74 9.45
N LEU C 346 12.46 -27.27 8.28
CA LEU C 346 11.21 -26.50 8.17
C LEU C 346 9.99 -27.39 8.10
N ARG C 347 9.18 -27.37 9.15
CA ARG C 347 7.83 -27.94 9.21
C ARG C 347 7.76 -29.47 9.25
N ILE C 348 8.45 -30.12 8.32
CA ILE C 348 8.40 -31.58 8.22
C ILE C 348 9.74 -32.21 8.59
N PRO C 349 9.74 -33.51 8.99
CA PRO C 349 11.01 -34.21 9.10
C PRO C 349 11.56 -34.50 7.70
N LEU C 350 12.88 -34.46 7.56
CA LEU C 350 13.47 -34.86 6.29
C LEU C 350 14.03 -36.27 6.42
N GLY C 351 13.66 -37.13 5.48
CA GLY C 351 14.14 -38.52 5.45
C GLY C 351 15.38 -38.66 4.60
N GLU C 352 15.84 -39.89 4.43
CA GLU C 352 17.07 -40.21 3.70
C GLU C 352 16.99 -39.87 2.22
N ASP C 353 15.77 -39.72 1.71
CA ASP C 353 15.55 -39.34 0.32
C ASP C 353 15.91 -37.87 0.04
N ILE C 354 15.91 -37.05 1.08
CA ILE C 354 16.19 -35.61 0.95
C ILE C 354 17.49 -35.19 1.64
N ALA C 355 17.64 -35.59 2.90
CA ALA C 355 18.85 -35.32 3.70
C ALA C 355 19.49 -36.63 4.14
N THR C 356 20.75 -36.85 3.79
CA THR C 356 21.45 -38.09 4.20
C THR C 356 22.95 -37.92 4.46
N LEU C 357 23.42 -38.66 5.47
CA LEU C 357 24.84 -38.72 5.82
C LEU C 357 25.43 -40.08 5.39
N LYS C 358 24.59 -40.90 4.76
CA LYS C 358 24.94 -42.30 4.44
C LYS C 358 25.33 -42.50 2.99
N ALA C 359 24.78 -41.69 2.09
CA ALA C 359 25.08 -41.79 0.66
C ALA C 359 26.54 -41.47 0.36
N ARG C 360 27.11 -40.56 1.14
CA ARG C 360 28.53 -40.24 1.08
C ARG C 360 29.07 -39.88 2.47
N PRO C 361 29.84 -40.81 3.09
CA PRO C 361 30.53 -40.55 4.35
C PRO C 361 31.43 -39.33 4.26
N GLY C 362 31.48 -38.55 5.35
CA GLY C 362 32.21 -37.29 5.33
C GLY C 362 31.47 -36.18 4.60
N HIS C 363 30.16 -36.35 4.43
CA HIS C 363 29.34 -35.41 3.70
C HIS C 363 27.86 -35.51 4.08
N LEU C 364 27.21 -34.35 4.19
CA LEU C 364 25.75 -34.29 4.26
C LEU C 364 25.23 -34.03 2.85
N ARG C 365 24.49 -35.00 2.32
CA ARG C 365 23.88 -34.85 1.00
C ARG C 365 22.52 -34.19 1.12
N LEU C 366 22.29 -33.18 0.29
CA LEU C 366 20.98 -32.57 0.19
C LEU C 366 20.49 -32.70 -1.24
N TYR C 367 19.50 -33.57 -1.42
CA TYR C 367 18.85 -33.72 -2.71
C TYR C 367 17.91 -32.52 -2.88
N GLY C 368 18.10 -31.81 -3.98
CA GLY C 368 17.37 -30.56 -4.23
C GLY C 368 15.86 -30.72 -4.25
N ARG C 369 15.19 -29.92 -3.43
CA ARG C 369 13.73 -29.85 -3.47
C ARG C 369 13.24 -28.46 -3.89
N GLU C 370 12.30 -27.89 -3.13
CA GLU C 370 11.61 -26.66 -3.53
C GLU C 370 12.46 -25.40 -3.24
N SER C 371 11.93 -24.24 -3.62
CA SER C 371 12.61 -22.96 -3.38
C SER C 371 12.55 -22.58 -1.92
N LEU C 372 13.25 -21.49 -1.57
CA LEU C 372 13.28 -20.98 -0.20
C LEU C 372 11.97 -20.29 0.24
N THR C 373 11.03 -20.11 -0.69
CA THR C 373 9.76 -19.47 -0.38
C THR C 373 8.63 -20.46 -0.09
N SER C 374 8.95 -21.75 -0.11
CA SER C 374 7.95 -22.81 0.06
C SER C 374 7.67 -23.17 1.52
N ARG C 375 6.39 -23.20 1.89
CA ARG C 375 5.96 -23.67 3.20
C ARG C 375 5.70 -25.20 3.21
N PHE C 376 6.27 -25.90 2.22
CA PHE C 376 6.03 -27.34 2.08
C PHE C 376 7.29 -28.22 2.19
N THR C 377 8.03 -28.43 1.10
CA THR C 377 9.21 -29.30 1.16
C THR C 377 10.49 -28.60 0.71
N GLN C 378 11.27 -28.14 1.70
CA GLN C 378 12.57 -27.53 1.43
C GLN C 378 13.72 -28.42 1.92
N ALA C 379 14.68 -28.70 1.03
CA ALA C 379 15.90 -29.43 1.39
C ALA C 379 16.82 -28.46 2.12
N PHE C 380 16.50 -28.23 3.39
CA PHE C 380 17.08 -27.14 4.17
C PHE C 380 17.32 -27.57 5.61
N VAL C 381 18.60 -27.62 5.98
CA VAL C 381 19.00 -27.92 7.36
C VAL C 381 19.67 -26.68 7.94
N ALA C 382 19.19 -26.23 9.10
CA ALA C 382 19.58 -24.94 9.65
C ALA C 382 19.60 -24.90 11.17
N ARG C 383 20.49 -24.06 11.69
CA ARG C 383 20.60 -23.84 13.12
C ARG C 383 20.44 -22.34 13.38
N ARG C 384 20.11 -22.00 14.62
CA ARG C 384 19.85 -20.62 15.02
C ARG C 384 21.07 -19.72 14.95
N TRP C 385 20.83 -18.47 14.58
CA TRP C 385 21.71 -17.38 14.97
C TRP C 385 21.59 -17.32 16.47
N GLN C 386 22.71 -17.41 17.17
CA GLN C 386 22.69 -17.44 18.63
C GLN C 386 23.55 -16.32 19.25
N HIS C 387 24.33 -15.66 18.41
CA HIS C 387 25.20 -14.56 18.84
C HIS C 387 25.18 -13.41 17.83
N PHE C 388 25.51 -12.20 18.27
CA PHE C 388 25.58 -11.04 17.37
C PHE C 388 26.86 -11.03 16.52
N HIS C 389 27.92 -11.62 17.06
CA HIS C 389 29.18 -11.73 16.34
C HIS C 389 29.53 -13.20 16.18
N PHE C 390 29.58 -13.66 14.93
CA PHE C 390 29.96 -15.04 14.62
C PHE C 390 30.34 -15.23 13.15
N VAL C 391 31.01 -16.33 12.85
CA VAL C 391 31.30 -16.72 11.48
C VAL C 391 30.78 -18.13 11.21
N ALA C 392 29.94 -18.26 10.18
CA ALA C 392 29.41 -19.56 9.79
C ALA C 392 29.91 -19.93 8.41
N GLU C 393 30.05 -21.23 8.16
CA GLU C 393 30.84 -21.70 7.03
C GLU C 393 30.50 -23.11 6.59
N THR C 394 30.62 -23.35 5.29
CA THR C 394 30.41 -24.68 4.73
C THR C 394 31.26 -24.89 3.46
N LYS C 395 31.47 -26.15 3.13
CA LYS C 395 32.22 -26.54 1.94
C LYS C 395 31.32 -27.46 1.13
N VAL C 396 31.08 -27.12 -0.13
CA VAL C 396 30.04 -27.81 -0.90
C VAL C 396 30.45 -28.25 -2.32
N SER C 397 30.14 -29.50 -2.63
CA SER C 397 30.32 -30.05 -3.96
C SER C 397 28.97 -30.06 -4.68
N PHE C 398 28.87 -29.32 -5.78
CA PHE C 398 27.61 -29.13 -6.50
C PHE C 398 27.84 -28.81 -7.97
N ARG C 399 27.26 -29.62 -8.86
CA ARG C 399 27.34 -29.38 -10.29
C ARG C 399 25.92 -29.24 -10.88
N PRO C 400 25.41 -27.99 -10.96
CA PRO C 400 24.09 -27.73 -11.52
C PRO C 400 24.11 -27.74 -13.05
N THR C 401 23.04 -28.26 -13.64
CA THR C 401 22.93 -28.36 -15.09
C THR C 401 22.02 -27.27 -15.64
N THR C 402 21.44 -26.50 -14.73
CA THR C 402 20.45 -25.47 -15.04
C THR C 402 20.28 -24.46 -13.89
N PHE C 403 19.76 -23.27 -14.21
CA PHE C 403 19.54 -22.23 -13.21
C PHE C 403 18.47 -22.61 -12.17
N GLN C 404 17.65 -23.61 -12.50
CA GLN C 404 16.62 -24.09 -11.60
C GLN C 404 17.20 -24.75 -10.37
N GLN C 405 18.47 -25.12 -10.47
CA GLN C 405 19.19 -25.75 -9.37
C GLN C 405 20.14 -24.78 -8.71
N SER C 406 20.11 -24.77 -7.37
CA SER C 406 21.00 -23.97 -6.58
C SER C 406 21.38 -24.76 -5.32
N ALA C 407 22.46 -24.33 -4.67
CA ALA C 407 22.86 -24.85 -3.37
C ALA C 407 23.76 -23.81 -2.71
N GLY C 408 23.65 -23.67 -1.40
CA GLY C 408 24.47 -22.68 -0.73
C GLY C 408 24.19 -22.44 0.73
N LEU C 409 24.80 -21.37 1.22
CA LEU C 409 24.70 -20.97 2.62
C LEU C 409 23.67 -19.88 2.73
N VAL C 410 22.76 -20.03 3.69
CA VAL C 410 21.55 -19.22 3.73
C VAL C 410 21.30 -18.70 5.13
N ASN C 411 21.10 -17.39 5.21
CA ASN C 411 20.65 -16.72 6.42
C ASN C 411 19.17 -16.37 6.23
N TYR C 412 18.35 -16.82 7.17
CA TYR C 412 16.92 -17.06 6.92
C TYR C 412 16.07 -16.71 8.13
N TYR C 413 14.94 -16.03 7.91
CA TYR C 413 13.97 -15.79 8.98
C TYR C 413 12.68 -16.54 8.71
N ASN C 414 12.11 -16.32 7.51
CA ASN C 414 10.93 -17.04 7.04
C ASN C 414 10.91 -17.13 5.51
N THR C 415 9.87 -17.77 4.96
CA THR C 415 9.82 -18.02 3.52
C THR C 415 9.99 -16.77 2.66
N GLN C 416 9.72 -15.60 3.25
CA GLN C 416 9.69 -14.33 2.52
C GLN C 416 10.86 -13.41 2.81
N ASN C 417 11.67 -13.78 3.79
CA ASN C 417 12.73 -12.91 4.32
C ASN C 417 14.01 -13.70 4.58
N TRP C 418 14.98 -13.60 3.66
CA TRP C 418 16.24 -14.35 3.74
C TRP C 418 17.32 -13.82 2.78
N THR C 419 18.58 -14.23 2.99
CA THR C 419 19.68 -13.93 2.06
C THR C 419 20.53 -15.19 1.83
N THR C 420 21.32 -15.20 0.76
CA THR C 420 22.15 -16.37 0.43
C THR C 420 23.29 -16.13 -0.57
N LEU C 421 24.42 -16.81 -0.31
CA LEU C 421 25.45 -17.01 -1.31
C LEU C 421 25.27 -18.45 -1.77
N GLN C 422 25.19 -18.65 -3.08
CA GLN C 422 24.76 -19.93 -3.63
C GLN C 422 25.34 -20.21 -5.01
N ILE C 423 25.56 -21.49 -5.27
CA ILE C 423 26.05 -21.97 -6.55
C ILE C 423 24.86 -22.21 -7.46
N THR C 424 25.02 -21.92 -8.75
CA THR C 424 24.01 -22.21 -9.76
C THR C 424 24.65 -22.28 -11.15
N TRP C 425 23.83 -22.22 -12.20
CA TRP C 425 24.28 -22.35 -13.58
C TRP C 425 23.81 -21.16 -14.42
N HIS C 426 24.62 -20.80 -15.42
CA HIS C 426 24.32 -19.68 -16.31
C HIS C 426 24.59 -20.08 -17.77
N GLU C 427 23.71 -19.62 -18.67
CA GLU C 427 23.79 -19.95 -20.11
C GLU C 427 25.13 -19.57 -20.77
N GLU C 428 25.71 -18.46 -20.32
CA GLU C 428 26.99 -17.98 -20.82
C GLU C 428 28.11 -18.53 -19.94
N LYS C 429 28.02 -18.20 -18.65
CA LYS C 429 29.14 -18.34 -17.72
C LYS C 429 29.36 -19.78 -17.24
N GLY C 430 28.38 -20.65 -17.48
CA GLY C 430 28.39 -21.99 -16.92
C GLY C 430 28.07 -21.90 -15.44
N ARG C 431 28.74 -22.71 -14.63
CA ARG C 431 28.56 -22.70 -13.19
C ARG C 431 29.07 -21.39 -12.59
N ILE C 432 28.24 -20.77 -11.74
CA ILE C 432 28.54 -19.49 -11.10
C ILE C 432 28.23 -19.47 -9.61
N LEU C 433 28.72 -18.42 -8.94
CA LEU C 433 28.49 -18.21 -7.52
C LEU C 433 27.87 -16.81 -7.39
N GLU C 434 26.69 -16.75 -6.79
CA GLU C 434 25.90 -15.52 -6.80
C GLU C 434 25.30 -15.16 -5.43
N LEU C 435 24.85 -13.91 -5.31
CA LEU C 435 24.13 -13.44 -4.14
C LEU C 435 22.66 -13.20 -4.48
N MET C 436 21.78 -13.49 -3.51
CA MET C 436 20.33 -13.31 -3.68
C MET C 436 19.68 -13.02 -2.32
N THR C 437 18.75 -12.07 -2.30
CA THR C 437 18.02 -11.72 -1.07
C THR C 437 16.51 -11.75 -1.29
N CYS C 438 15.77 -11.97 -0.21
CA CYS C 438 14.32 -11.90 -0.24
C CYS C 438 13.84 -11.04 0.92
N ASP C 439 13.04 -10.02 0.60
CA ASP C 439 12.54 -9.08 1.60
C ASP C 439 11.05 -8.90 1.38
N HIS C 440 10.24 -9.40 2.32
CA HIS C 440 8.79 -9.49 2.16
C HIS C 440 8.44 -9.96 0.75
N LEU C 441 9.01 -11.10 0.39
CA LEU C 441 8.84 -11.77 -0.90
C LEU C 441 9.55 -11.10 -2.08
N VAL C 442 10.02 -9.87 -1.91
CA VAL C 442 10.70 -9.16 -2.99
C VAL C 442 12.16 -9.63 -3.10
N VAL C 443 12.54 -10.06 -4.30
CA VAL C 443 13.86 -10.67 -4.52
C VAL C 443 14.85 -9.74 -5.23
N ASP C 444 16.08 -9.73 -4.72
CA ASP C 444 17.19 -8.98 -5.32
C ASP C 444 18.41 -9.88 -5.50
N GLN C 445 19.09 -9.71 -6.64
CA GLN C 445 20.34 -10.42 -6.93
C GLN C 445 21.50 -9.43 -7.10
N PRO C 446 22.16 -9.05 -5.98
CA PRO C 446 23.16 -7.96 -5.93
C PRO C 446 24.38 -8.12 -6.86
N LEU C 447 24.52 -9.29 -7.49
CA LEU C 447 25.67 -9.58 -8.34
C LEU C 447 25.31 -9.90 -9.79
N ARG C 448 24.20 -9.34 -10.27
CA ARG C 448 23.79 -9.53 -11.67
C ARG C 448 24.87 -9.02 -12.62
N GLY C 449 25.56 -9.95 -13.27
CA GLY C 449 26.69 -9.59 -14.13
C GLY C 449 28.00 -9.48 -13.38
N ARG C 450 27.92 -9.49 -12.04
CA ARG C 450 29.08 -9.54 -11.17
C ARG C 450 29.25 -10.94 -10.57
N GLU C 451 28.58 -11.91 -11.17
CA GLU C 451 28.59 -13.29 -10.66
C GLU C 451 29.97 -13.92 -10.76
N ILE C 452 30.34 -14.66 -9.72
CA ILE C 452 31.65 -15.30 -9.62
C ILE C 452 31.70 -16.61 -10.41
N VAL C 453 32.51 -16.63 -11.47
CA VAL C 453 32.71 -17.83 -12.28
C VAL C 453 33.50 -18.88 -11.50
N VAL C 454 32.93 -20.08 -11.39
CA VAL C 454 33.60 -21.21 -10.74
C VAL C 454 34.32 -22.05 -11.80
N PRO C 455 35.64 -22.30 -11.60
CA PRO C 455 36.39 -23.17 -12.52
C PRO C 455 35.90 -24.61 -12.44
N ASP C 456 35.76 -25.25 -13.59
CA ASP C 456 35.21 -26.61 -13.65
C ASP C 456 36.16 -27.72 -13.19
N ASP C 457 37.40 -27.34 -12.85
CA ASP C 457 38.34 -28.26 -12.22
C ASP C 457 38.33 -28.12 -10.69
N ILE C 458 37.50 -27.20 -10.20
CA ILE C 458 37.34 -27.01 -8.75
C ILE C 458 36.17 -27.86 -8.28
N GLU C 459 36.46 -28.80 -7.38
CA GLU C 459 35.44 -29.71 -6.86
C GLU C 459 34.60 -29.03 -5.78
N TYR C 460 35.27 -28.39 -4.82
CA TYR C 460 34.57 -27.79 -3.67
C TYR C 460 34.62 -26.27 -3.65
N VAL C 461 33.50 -25.67 -3.26
CA VAL C 461 33.42 -24.24 -3.01
C VAL C 461 33.16 -24.03 -1.53
N TYR C 462 33.91 -23.09 -0.94
CA TYR C 462 33.78 -22.77 0.47
C TYR C 462 32.94 -21.49 0.61
N LEU C 463 32.01 -21.50 1.57
CA LEU C 463 31.06 -20.39 1.73
C LEU C 463 31.03 -19.91 3.16
N ARG C 464 31.28 -18.62 3.34
CA ARG C 464 31.44 -18.03 4.66
C ARG C 464 30.53 -16.83 4.86
N VAL C 465 29.86 -16.79 6.00
CA VAL C 465 29.15 -15.58 6.45
C VAL C 465 29.77 -15.09 7.75
N THR C 466 30.14 -13.81 7.75
CA THR C 466 30.72 -13.17 8.92
C THR C 466 29.71 -12.14 9.43
N VAL C 467 29.21 -12.37 10.64
CA VAL C 467 28.18 -11.53 11.23
C VAL C 467 28.74 -10.66 12.35
N GLN C 468 28.63 -9.35 12.19
CA GLN C 468 29.06 -8.39 13.21
C GLN C 468 27.90 -7.47 13.58
N ALA C 469 27.16 -7.86 14.61
CA ALA C 469 26.00 -7.12 15.11
C ALA C 469 25.02 -6.67 14.02
N THR C 470 25.12 -5.42 13.61
CA THR C 470 24.13 -4.79 12.72
C THR C 470 24.39 -5.07 11.24
N THR C 471 25.56 -5.63 10.93
CA THR C 471 25.92 -5.96 9.56
C THR C 471 26.49 -7.38 9.44
N TYR C 472 26.49 -7.91 8.22
CA TYR C 472 27.20 -9.16 7.93
C TYR C 472 27.71 -9.23 6.50
N LYS C 473 28.67 -10.14 6.28
CA LYS C 473 29.36 -10.24 4.98
C LYS C 473 29.53 -11.66 4.49
N TYR C 474 29.44 -11.83 3.18
CA TYR C 474 29.70 -13.12 2.54
C TYR C 474 31.06 -13.11 1.83
N SER C 475 31.80 -14.22 1.98
CA SER C 475 33.06 -14.43 1.26
C SER C 475 33.20 -15.87 0.81
N TYR C 476 33.86 -16.07 -0.34
CA TYR C 476 34.01 -17.39 -0.94
C TYR C 476 35.46 -17.84 -1.05
N SER C 477 35.66 -19.15 -1.20
CA SER C 477 37.00 -19.71 -1.43
C SER C 477 36.94 -20.96 -2.31
N PHE C 478 37.93 -21.11 -3.17
CA PHE C 478 38.08 -22.30 -4.00
C PHE C 478 39.10 -23.27 -3.42
N ASP C 479 39.78 -22.86 -2.35
CA ASP C 479 40.86 -23.64 -1.74
C ASP C 479 40.77 -23.74 -0.22
N GLY C 480 39.86 -22.97 0.37
CA GLY C 480 39.62 -22.99 1.81
C GLY C 480 40.64 -22.23 2.62
N MET C 481 41.55 -21.55 1.90
CA MET C 481 42.62 -20.79 2.54
C MET C 481 42.51 -19.31 2.16
N ASN C 482 42.44 -19.05 0.86
CA ASN C 482 42.39 -17.69 0.34
C ASN C 482 40.95 -17.21 0.13
N TRP C 483 40.58 -16.15 0.85
CA TRP C 483 39.20 -15.68 0.88
C TRP C 483 39.00 -14.33 0.19
N ILE C 484 37.98 -14.26 -0.65
CA ILE C 484 37.61 -13.04 -1.37
C ILE C 484 36.20 -12.65 -0.98
N ASP C 485 36.05 -11.41 -0.50
CA ASP C 485 34.75 -10.87 -0.12
C ASP C 485 33.89 -10.50 -1.32
N LEU C 486 32.59 -10.68 -1.16
CA LEU C 486 31.63 -10.20 -2.14
C LEU C 486 31.27 -8.78 -1.75
N PRO C 487 31.44 -7.83 -2.68
CA PRO C 487 31.36 -6.41 -2.39
C PRO C 487 29.93 -5.91 -2.15
N VAL C 488 29.28 -6.49 -1.13
CA VAL C 488 27.92 -6.14 -0.73
C VAL C 488 27.85 -6.32 0.78
N THR C 489 27.46 -5.28 1.49
CA THR C 489 27.27 -5.36 2.94
C THR C 489 25.77 -5.54 3.22
N PHE C 490 25.44 -6.60 3.95
CA PHE C 490 24.05 -6.88 4.32
C PHE C 490 23.74 -6.38 5.72
N GLU C 491 22.48 -6.04 5.97
CA GLU C 491 22.03 -5.51 7.25
C GLU C 491 21.22 -6.53 8.04
N SER C 492 21.49 -6.63 9.33
CA SER C 492 20.95 -7.69 10.20
C SER C 492 19.56 -7.43 10.79
N TYR C 493 19.07 -6.19 10.73
CA TYR C 493 17.76 -5.89 11.31
C TYR C 493 16.62 -6.43 10.42
N LYS C 494 16.93 -6.78 9.18
CA LYS C 494 15.95 -7.29 8.25
C LYS C 494 15.59 -8.74 8.51
N LEU C 495 16.54 -9.50 9.07
CA LEU C 495 16.27 -10.88 9.50
C LEU C 495 15.86 -10.89 10.96
N SER C 496 15.03 -9.93 11.35
CA SER C 496 14.59 -9.78 12.74
C SER C 496 13.06 -9.77 12.86
N ASP C 497 12.59 -10.08 14.07
CA ASP C 497 11.16 -10.14 14.39
C ASP C 497 10.43 -8.86 14.04
N ASP C 498 11.06 -7.73 14.33
CA ASP C 498 10.41 -6.42 14.28
C ASP C 498 10.30 -5.87 12.87
N TYR C 499 11.11 -6.41 11.96
CA TYR C 499 11.09 -5.97 10.57
C TYR C 499 9.86 -6.49 9.80
N ILE C 500 9.29 -7.59 10.29
CA ILE C 500 8.24 -8.31 9.58
C ILE C 500 6.89 -7.59 9.69
N LYS C 501 6.34 -7.19 8.54
CA LYS C 501 5.14 -6.34 8.46
C LYS C 501 3.85 -7.02 8.94
N SER C 502 3.82 -8.34 8.83
CA SER C 502 2.63 -9.13 9.17
C SER C 502 2.33 -9.26 10.67
N ARG C 503 3.30 -8.89 11.51
CA ARG C 503 3.18 -8.97 12.98
C ARG C 503 3.17 -10.39 13.58
N ALA C 504 2.80 -11.39 12.77
CA ALA C 504 2.99 -12.79 13.12
C ALA C 504 4.44 -13.16 12.80
N ALA C 505 5.33 -12.80 13.72
CA ALA C 505 6.77 -12.93 13.54
C ALA C 505 7.37 -13.28 14.89
N PHE C 506 7.46 -14.58 15.14
CA PHE C 506 7.65 -15.09 16.49
C PHE C 506 8.87 -16.00 16.63
N THR C 507 9.71 -16.08 15.59
CA THR C 507 10.86 -16.98 15.61
C THR C 507 12.22 -16.30 15.84
N GLY C 508 13.06 -16.23 14.80
CA GLY C 508 14.42 -15.72 14.95
C GLY C 508 15.26 -16.13 13.76
N ALA C 509 16.43 -15.50 13.59
CA ALA C 509 17.28 -15.78 12.43
C ALA C 509 17.95 -17.15 12.52
N PHE C 510 18.19 -17.76 11.36
CA PHE C 510 18.84 -19.06 11.26
C PHE C 510 19.93 -19.00 10.20
N VAL C 511 20.93 -19.88 10.33
CA VAL C 511 21.91 -20.10 9.29
C VAL C 511 21.91 -21.59 8.94
N GLY C 512 22.10 -21.92 7.66
CA GLY C 512 22.09 -23.31 7.25
C GLY C 512 22.46 -23.64 5.81
N MET C 513 22.27 -24.90 5.46
CA MET C 513 22.61 -25.41 4.15
C MET C 513 21.36 -25.72 3.35
N HIS C 514 21.40 -25.46 2.05
CA HIS C 514 20.22 -25.55 1.20
C HIS C 514 20.60 -26.08 -0.17
N CYS C 515 19.76 -26.97 -0.69
CA CYS C 515 19.82 -27.36 -2.09
C CYS C 515 18.42 -27.32 -2.69
N ARG C 516 18.36 -26.90 -3.95
CA ARG C 516 17.12 -26.76 -4.68
C ARG C 516 17.29 -27.37 -6.06
N ASP C 517 16.37 -28.27 -6.42
CA ASP C 517 16.27 -28.75 -7.80
C ASP C 517 14.86 -28.46 -8.27
N GLY C 518 14.67 -27.28 -8.86
CA GLY C 518 13.39 -26.89 -9.41
C GLY C 518 13.15 -27.50 -10.78
N SER C 519 14.02 -28.43 -11.16
CA SER C 519 13.83 -29.19 -12.39
C SER C 519 13.21 -30.56 -12.10
N GLY C 520 13.33 -31.00 -10.85
CA GLY C 520 12.85 -32.32 -10.45
C GLY C 520 13.73 -33.46 -10.91
N GLN C 521 15.02 -33.17 -11.08
CA GLN C 521 16.00 -34.15 -11.54
C GLN C 521 16.73 -34.86 -10.39
N ASN C 522 16.36 -34.52 -9.17
CA ASN C 522 16.98 -35.06 -7.94
C ASN C 522 18.49 -34.81 -7.78
N ASN C 523 18.98 -33.70 -8.36
CA ASN C 523 20.38 -33.31 -8.21
C ASN C 523 20.69 -32.97 -6.76
N TYR C 524 21.90 -33.29 -6.32
CA TYR C 524 22.25 -33.24 -4.89
C TYR C 524 23.46 -32.34 -4.57
N ALA C 525 23.51 -31.89 -3.32
CA ALA C 525 24.64 -31.10 -2.83
C ALA C 525 25.33 -31.80 -1.66
N ASP C 526 26.61 -32.12 -1.85
CA ASP C 526 27.44 -32.72 -0.81
C ASP C 526 28.09 -31.64 0.06
N PHE C 527 27.72 -31.60 1.33
CA PHE C 527 28.30 -30.65 2.27
C PHE C 527 29.37 -31.32 3.12
N ASP C 528 30.63 -31.01 2.80
CA ASP C 528 31.79 -31.55 3.52
C ASP C 528 31.71 -31.27 5.04
N TYR C 529 31.47 -30.02 5.42
CA TYR C 529 31.32 -29.65 6.83
C TYR C 529 30.39 -28.45 7.02
N PHE C 530 29.94 -28.24 8.25
CA PHE C 530 29.29 -26.99 8.64
C PHE C 530 29.98 -26.41 9.85
N LEU C 531 30.61 -25.25 9.65
CA LEU C 531 31.31 -24.55 10.71
C LEU C 531 30.44 -23.46 11.31
N TYR C 532 30.36 -23.43 12.63
CA TYR C 532 29.71 -22.34 13.34
C TYR C 532 30.63 -21.90 14.48
N LYS C 533 31.12 -20.66 14.39
CA LYS C 533 32.17 -20.17 15.28
C LYS C 533 31.87 -18.75 15.73
N GLU C 534 31.56 -18.60 17.02
CA GLU C 534 31.33 -17.29 17.65
C GLU C 534 32.55 -16.36 17.54
N LEU C 535 32.30 -15.06 17.41
CA LEU C 535 33.38 -14.08 17.27
C LEU C 535 33.26 -12.96 18.32
N LYS D 3 8.99 12.66 -46.84
CA LYS D 3 9.10 14.11 -46.51
C LYS D 3 9.09 14.38 -45.01
N ILE D 4 7.90 14.32 -44.40
CA ILE D 4 7.74 14.61 -42.97
C ILE D 4 7.82 13.34 -42.13
N LYS D 5 8.86 13.25 -41.32
CA LYS D 5 8.98 12.16 -40.36
C LYS D 5 8.51 12.60 -38.97
N ASN D 6 7.67 11.76 -38.36
CA ASN D 6 7.16 12.02 -37.01
C ASN D 6 8.11 11.51 -35.94
N PRO D 7 8.09 12.14 -34.73
CA PRO D 7 7.31 13.30 -34.29
C PRO D 7 7.89 14.64 -34.77
N ILE D 8 7.01 15.60 -35.11
CA ILE D 8 7.46 16.92 -35.57
C ILE D 8 7.97 17.83 -34.44
N LEU D 9 7.30 17.78 -33.28
CA LEU D 9 7.82 18.41 -32.07
C LEU D 9 8.19 17.31 -31.07
N THR D 10 9.49 17.14 -30.86
CA THR D 10 10.00 16.03 -30.05
C THR D 10 10.20 16.46 -28.61
N GLY D 11 10.19 15.49 -27.70
CA GLY D 11 10.11 15.79 -26.27
C GLY D 11 8.75 16.37 -25.90
N PHE D 12 8.58 16.66 -24.61
CA PHE D 12 7.34 17.16 -24.00
C PHE D 12 6.58 18.22 -24.83
N HIS D 13 5.67 17.76 -25.69
CA HIS D 13 4.82 18.62 -26.52
C HIS D 13 3.42 18.02 -26.72
N PRO D 14 2.64 17.95 -25.64
CA PRO D 14 1.34 17.30 -25.71
C PRO D 14 0.25 18.20 -26.31
N ASP D 15 -0.88 17.60 -26.65
CA ASP D 15 -2.12 18.30 -27.00
C ASP D 15 -1.97 19.38 -28.10
N PRO D 16 -1.55 18.97 -29.31
CA PRO D 16 -1.27 20.00 -30.33
C PRO D 16 -2.53 20.65 -30.90
N SER D 17 -2.57 21.98 -30.82
CA SER D 17 -3.65 22.75 -31.39
C SER D 17 -3.12 23.53 -32.59
N ILE D 18 -3.50 23.10 -33.79
CA ILE D 18 -3.03 23.73 -35.02
C ILE D 18 -3.99 24.83 -35.51
N CYS D 19 -3.40 25.89 -36.04
CA CYS D 19 -4.16 27.05 -36.52
C CYS D 19 -3.56 27.56 -37.83
N ARG D 20 -4.43 27.73 -38.84
CA ARG D 20 -4.00 28.31 -40.12
C ARG D 20 -4.34 29.79 -40.17
N VAL D 21 -3.37 30.58 -40.64
CA VAL D 21 -3.61 31.98 -41.00
C VAL D 21 -3.00 32.21 -42.37
N GLY D 22 -3.85 32.30 -43.39
CA GLY D 22 -3.40 32.44 -44.78
C GLY D 22 -2.56 31.24 -45.17
N ASP D 23 -1.24 31.43 -45.20
CA ASP D 23 -0.31 30.37 -45.55
C ASP D 23 0.74 30.18 -44.45
N ASP D 24 0.41 30.68 -43.26
CA ASP D 24 1.22 30.46 -42.07
C ASP D 24 0.53 29.44 -41.17
N TYR D 25 1.32 28.57 -40.55
CA TYR D 25 0.77 27.49 -39.72
C TYR D 25 1.36 27.55 -38.32
N TYR D 26 0.49 27.39 -37.31
CA TYR D 26 0.89 27.48 -35.92
C TYR D 26 0.36 26.29 -35.13
N ILE D 27 1.21 25.74 -34.25
CA ILE D 27 0.78 24.73 -33.28
C ILE D 27 1.10 25.17 -31.85
N ALA D 28 0.07 25.22 -31.01
CA ALA D 28 0.24 25.45 -29.57
C ALA D 28 0.17 24.12 -28.79
N VAL D 29 1.09 23.95 -27.85
CA VAL D 29 1.09 22.76 -26.98
C VAL D 29 0.92 23.12 -25.50
N SER D 30 0.50 22.12 -24.71
CA SER D 30 0.36 22.27 -23.25
C SER D 30 1.70 22.31 -22.52
N THR D 31 1.75 23.00 -21.38
CA THR D 31 2.98 23.21 -20.62
C THR D 31 2.87 22.89 -19.11
N PHE D 32 1.66 22.66 -18.62
CA PHE D 32 1.44 22.21 -17.25
C PHE D 32 2.08 23.13 -16.20
N GLU D 33 2.93 22.62 -15.31
CA GLU D 33 3.49 23.46 -14.22
C GLU D 33 4.71 24.29 -14.65
N TRP D 34 5.11 24.14 -15.92
CA TRP D 34 6.30 24.82 -16.46
C TRP D 34 5.98 26.23 -16.98
N PHE D 35 6.78 27.20 -16.55
CA PHE D 35 6.56 28.62 -16.84
C PHE D 35 7.59 29.16 -17.84
N PRO D 36 7.20 30.04 -18.78
CA PRO D 36 5.85 30.59 -19.05
C PRO D 36 4.91 29.59 -19.69
N GLY D 37 3.63 29.90 -19.72
CA GLY D 37 2.62 28.97 -20.23
C GLY D 37 2.48 28.94 -21.73
N VAL D 38 2.31 27.73 -22.27
CA VAL D 38 2.06 27.47 -23.70
C VAL D 38 3.26 27.79 -24.58
N ARG D 39 3.60 26.83 -25.45
CA ARG D 39 4.55 27.07 -26.51
C ARG D 39 3.85 27.07 -27.86
N ILE D 40 4.17 28.05 -28.69
CA ILE D 40 3.63 28.12 -30.03
C ILE D 40 4.76 28.03 -31.05
N TYR D 41 4.57 27.14 -32.01
CA TYR D 41 5.53 26.92 -33.10
C TYR D 41 4.93 27.33 -34.43
N HIS D 42 5.78 27.83 -35.33
CA HIS D 42 5.34 28.27 -36.65
C HIS D 42 5.96 27.42 -37.76
N SER D 43 5.21 27.23 -38.84
CA SER D 43 5.68 26.50 -40.03
C SER D 43 5.07 27.04 -41.31
N LYS D 44 5.81 26.88 -42.40
CA LYS D 44 5.33 27.18 -43.75
C LYS D 44 4.95 25.91 -44.50
N ASP D 45 5.59 24.80 -44.14
CA ASP D 45 5.46 23.54 -44.88
C ASP D 45 4.90 22.35 -44.07
N LEU D 46 4.60 22.60 -42.80
CA LEU D 46 4.11 21.59 -41.84
C LEU D 46 5.15 20.53 -41.45
N LYS D 47 6.39 20.73 -41.90
CA LYS D 47 7.50 19.81 -41.62
C LYS D 47 8.50 20.45 -40.64
N ASN D 48 8.96 21.64 -41.00
CA ASN D 48 9.94 22.39 -40.23
C ASN D 48 9.23 23.37 -39.31
N TRP D 49 9.60 23.34 -38.04
CA TRP D 49 8.89 24.09 -36.98
C TRP D 49 9.84 24.91 -36.12
N ARG D 50 9.47 26.17 -35.89
CA ARG D 50 10.25 27.06 -35.03
C ARG D 50 9.38 27.62 -33.92
N LEU D 51 9.95 27.72 -32.71
CA LEU D 51 9.25 28.27 -31.55
C LEU D 51 9.15 29.79 -31.66
N VAL D 52 7.92 30.31 -31.71
CA VAL D 52 7.69 31.74 -31.99
C VAL D 52 6.96 32.55 -30.90
N ALA D 53 6.34 31.87 -29.95
CA ALA D 53 5.63 32.57 -28.85
C ALA D 53 5.55 31.75 -27.58
N ARG D 54 5.63 32.45 -26.45
CA ARG D 54 5.35 31.87 -25.14
C ARG D 54 4.38 32.80 -24.42
N PRO D 55 3.08 32.74 -24.80
CA PRO D 55 2.10 33.79 -24.51
C PRO D 55 1.89 34.09 -23.03
N LEU D 56 1.83 33.06 -22.19
CA LEU D 56 1.41 33.26 -20.80
C LEU D 56 2.60 33.49 -19.87
N ASN D 57 3.11 34.72 -19.87
CA ASN D 57 4.35 35.06 -19.17
C ASN D 57 4.21 36.15 -18.10
N ARG D 58 2.97 36.53 -17.83
CA ARG D 58 2.65 37.49 -16.77
C ARG D 58 1.83 36.81 -15.68
N LEU D 59 2.14 37.11 -14.42
CA LEU D 59 1.38 36.59 -13.27
C LEU D 59 -0.11 36.86 -13.38
N SER D 60 -0.47 37.96 -14.05
CA SER D 60 -1.87 38.32 -14.28
C SER D 60 -2.60 37.32 -15.18
N GLN D 61 -1.85 36.70 -16.09
CA GLN D 61 -2.37 35.66 -16.99
C GLN D 61 -2.33 34.28 -16.36
N LEU D 62 -1.23 33.98 -15.65
CA LEU D 62 -0.95 32.63 -15.15
C LEU D 62 -0.16 32.65 -13.84
N ASN D 63 -0.82 32.25 -12.76
CA ASN D 63 -0.25 32.29 -11.41
C ASN D 63 -0.37 30.88 -10.87
N MET D 64 0.71 30.12 -10.99
CA MET D 64 0.70 28.69 -10.68
C MET D 64 1.46 28.31 -9.42
N ILE D 65 1.77 29.28 -8.56
CA ILE D 65 2.49 28.92 -7.34
C ILE D 65 1.72 27.91 -6.50
N GLY D 66 2.43 26.89 -6.02
CA GLY D 66 1.79 25.80 -5.30
C GLY D 66 1.06 24.78 -6.15
N ASN D 67 0.94 25.00 -7.46
CA ASN D 67 0.21 24.06 -8.33
C ASN D 67 0.77 22.64 -8.20
N PRO D 68 -0.12 21.63 -8.24
CA PRO D 68 0.44 20.27 -8.15
C PRO D 68 1.20 19.96 -9.44
N ASP D 69 2.09 18.97 -9.35
CA ASP D 69 2.74 18.41 -10.53
C ASP D 69 1.65 17.98 -11.51
N SER D 70 1.86 18.29 -12.79
CA SER D 70 0.89 18.04 -13.87
C SER D 70 -0.46 18.75 -13.72
N GLY D 71 -0.49 19.78 -12.86
CA GLY D 71 -1.56 20.76 -12.82
C GLY D 71 -1.22 21.87 -13.81
N GLY D 72 -1.83 23.05 -13.65
CA GLY D 72 -1.51 24.18 -14.50
C GLY D 72 -2.10 24.14 -15.90
N VAL D 73 -1.29 24.43 -16.91
CA VAL D 73 -1.75 24.56 -18.29
C VAL D 73 -1.89 23.19 -18.94
N TRP D 74 -3.13 22.70 -19.00
CA TRP D 74 -3.44 21.48 -19.75
C TRP D 74 -3.60 21.84 -21.22
N ALA D 75 -4.26 20.99 -22.02
CA ALA D 75 -4.44 21.26 -23.45
C ALA D 75 -4.96 22.69 -23.73
N PRO D 76 -4.23 23.48 -24.54
CA PRO D 76 -4.67 24.81 -25.00
C PRO D 76 -5.41 24.79 -26.35
N HIS D 77 -6.09 25.88 -26.69
CA HIS D 77 -6.68 26.00 -28.02
C HIS D 77 -6.39 27.33 -28.66
N LEU D 78 -5.74 27.26 -29.81
CA LEU D 78 -5.38 28.44 -30.60
C LEU D 78 -6.22 28.53 -31.87
N SER D 79 -6.79 29.70 -32.10
CA SER D 79 -7.52 29.98 -33.32
C SER D 79 -7.20 31.39 -33.83
N TYR D 80 -7.73 31.75 -34.99
CA TYR D 80 -7.57 33.10 -35.54
C TYR D 80 -8.89 33.53 -36.16
N SER D 81 -9.34 34.73 -35.81
CA SER D 81 -10.62 35.24 -36.29
C SER D 81 -10.71 36.73 -36.08
N ASP D 82 -11.50 37.38 -36.92
CA ASP D 82 -11.78 38.80 -36.80
C ASP D 82 -10.51 39.62 -36.55
N GLY D 83 -9.41 39.20 -37.19
CA GLY D 83 -8.18 39.97 -37.18
C GLY D 83 -7.24 39.72 -36.02
N LYS D 84 -7.51 38.68 -35.23
CA LYS D 84 -6.64 38.38 -34.09
C LYS D 84 -6.64 36.90 -33.74
N PHE D 85 -5.60 36.51 -33.02
CA PHE D 85 -5.47 35.17 -32.48
C PHE D 85 -6.22 35.09 -31.16
N TRP D 86 -6.81 33.94 -30.90
CA TRP D 86 -7.54 33.69 -29.67
C TRP D 86 -6.92 32.46 -29.03
N LEU D 87 -6.45 32.60 -27.80
CA LEU D 87 -5.87 31.47 -27.08
C LEU D 87 -6.68 31.14 -25.84
N ILE D 88 -7.16 29.90 -25.79
CA ILE D 88 -7.92 29.41 -24.65
C ILE D 88 -7.03 28.48 -23.84
N TYR D 89 -7.03 28.67 -22.53
CA TYR D 89 -6.20 27.83 -21.67
C TYR D 89 -6.86 27.58 -20.32
N THR D 90 -6.36 26.57 -19.61
CA THR D 90 -6.86 26.18 -18.30
C THR D 90 -5.76 26.38 -17.29
N ASP D 91 -6.13 26.61 -16.04
CA ASP D 91 -5.21 26.52 -14.91
C ASP D 91 -5.83 25.47 -13.99
N VAL D 92 -5.31 24.24 -14.04
CA VAL D 92 -5.90 23.13 -13.28
C VAL D 92 -5.21 23.06 -11.92
N LYS D 93 -6.03 23.06 -10.88
CA LYS D 93 -5.53 23.14 -9.50
C LYS D 93 -5.52 21.80 -8.80
N VAL D 94 -6.46 20.92 -9.16
CA VAL D 94 -6.59 19.60 -8.50
C VAL D 94 -6.50 18.53 -9.58
N VAL D 95 -5.66 17.52 -9.37
CA VAL D 95 -5.37 16.52 -10.42
C VAL D 95 -5.43 15.07 -9.94
N GLU D 96 -5.87 14.87 -8.70
CA GLU D 96 -6.12 13.52 -8.15
C GLU D 96 -7.40 13.50 -7.35
N GLY D 97 -8.05 12.34 -7.32
CA GLY D 97 -9.29 12.13 -6.57
C GLY D 97 -10.52 12.36 -7.44
N GLN D 98 -11.65 12.64 -6.82
CA GLN D 98 -12.93 12.77 -7.52
C GLN D 98 -13.09 14.08 -8.29
N TRP D 99 -12.30 15.08 -7.91
CA TRP D 99 -12.37 16.41 -8.54
C TRP D 99 -11.15 16.74 -9.42
N LYS D 100 -11.36 17.67 -10.35
CA LYS D 100 -10.30 18.15 -11.23
C LYS D 100 -10.41 19.68 -11.33
N ASP D 101 -10.55 20.34 -10.18
CA ASP D 101 -10.79 21.78 -10.11
C ASP D 101 -9.85 22.56 -11.00
N GLY D 102 -10.42 23.39 -11.87
CA GLY D 102 -9.63 24.14 -12.85
C GLY D 102 -10.46 25.19 -13.55
N HIS D 103 -9.80 26.24 -14.04
CA HIS D 103 -10.52 27.38 -14.63
C HIS D 103 -10.07 27.64 -16.07
N ASN D 104 -11.01 28.00 -16.93
CA ASN D 104 -10.71 28.27 -18.34
C ASN D 104 -10.71 29.77 -18.61
N TYR D 105 -9.72 30.22 -19.39
CA TYR D 105 -9.54 31.65 -19.67
C TYR D 105 -9.31 31.87 -21.15
N LEU D 106 -9.66 33.07 -21.62
CA LEU D 106 -9.36 33.52 -22.99
C LEU D 106 -8.39 34.70 -22.95
N VAL D 107 -7.31 34.59 -23.73
CA VAL D 107 -6.46 35.74 -24.07
C VAL D 107 -6.38 35.91 -25.59
N THR D 108 -6.16 37.15 -26.03
CA THR D 108 -6.03 37.46 -27.46
C THR D 108 -4.78 38.29 -27.75
N CYS D 109 -4.39 38.31 -29.02
CA CYS D 109 -3.30 39.16 -29.48
C CYS D 109 -3.45 39.39 -30.97
N ASP D 110 -3.09 40.59 -31.42
CA ASP D 110 -3.11 40.91 -32.85
C ASP D 110 -2.08 40.09 -33.61
N THR D 111 -0.94 39.84 -32.98
CA THR D 111 0.12 39.03 -33.54
C THR D 111 0.36 37.82 -32.65
N ILE D 112 1.09 36.83 -33.15
CA ILE D 112 1.34 35.61 -32.40
C ILE D 112 2.30 35.81 -31.21
N ASP D 113 3.24 36.74 -31.34
CA ASP D 113 4.31 36.91 -30.35
C ASP D 113 4.24 38.25 -29.63
N GLY D 114 3.10 38.92 -29.73
CA GLY D 114 2.92 40.22 -29.09
C GLY D 114 2.76 40.10 -27.58
N ALA D 115 2.18 41.13 -26.98
CA ALA D 115 1.79 41.07 -25.58
C ALA D 115 0.31 40.72 -25.56
N TRP D 116 0.02 39.50 -25.16
CA TRP D 116 -1.34 39.01 -25.12
C TRP D 116 -2.13 39.71 -24.04
N SER D 117 -3.44 39.78 -24.21
CA SER D 117 -4.33 40.44 -23.23
C SER D 117 -4.27 39.77 -21.85
N ASP D 118 -4.80 40.47 -20.85
CA ASP D 118 -5.09 39.83 -19.58
C ASP D 118 -6.31 38.95 -19.77
N PRO D 119 -6.39 37.83 -19.03
CA PRO D 119 -7.41 36.82 -19.27
C PRO D 119 -8.84 37.28 -19.03
N ILE D 120 -9.72 36.83 -19.90
CA ILE D 120 -11.16 36.87 -19.69
C ILE D 120 -11.56 35.50 -19.14
N TYR D 121 -12.17 35.49 -17.96
CA TYR D 121 -12.65 34.26 -17.36
C TYR D 121 -13.82 33.70 -18.17
N LEU D 122 -13.77 32.40 -18.46
CA LEU D 122 -14.86 31.76 -19.21
C LEU D 122 -15.77 30.91 -18.32
N ASN D 123 -15.25 29.79 -17.84
CA ASN D 123 -16.00 28.87 -16.96
C ASN D 123 -15.02 27.93 -16.23
N SER D 124 -15.55 26.99 -15.44
CA SER D 124 -14.70 26.01 -14.75
C SER D 124 -15.24 24.57 -14.90
N SER D 125 -16.19 24.36 -15.80
CA SER D 125 -16.96 23.10 -15.83
C SER D 125 -16.18 21.85 -16.27
N GLY D 126 -14.99 22.06 -16.82
CA GLY D 126 -14.08 20.99 -17.23
C GLY D 126 -12.98 21.50 -18.13
N PHE D 127 -11.95 20.69 -18.33
CA PHE D 127 -10.78 21.12 -19.09
C PHE D 127 -10.97 20.93 -20.58
N ASP D 128 -9.87 21.10 -21.33
CA ASP D 128 -9.87 21.10 -22.81
C ASP D 128 -10.86 22.10 -23.44
N PRO D 129 -10.79 23.38 -23.04
CA PRO D 129 -11.70 24.34 -23.66
C PRO D 129 -11.28 24.67 -25.09
N SER D 130 -12.25 24.93 -25.97
CA SER D 130 -11.97 25.23 -27.37
C SER D 130 -12.96 26.25 -27.90
N LEU D 131 -12.45 27.25 -28.64
CA LEU D 131 -13.31 28.31 -29.17
C LEU D 131 -13.61 28.12 -30.65
N PHE D 132 -14.89 28.00 -30.97
CA PHE D 132 -15.36 27.84 -32.34
C PHE D 132 -15.86 29.17 -32.90
N HIS D 133 -15.42 29.52 -34.11
CA HIS D 133 -15.87 30.72 -34.80
C HIS D 133 -16.79 30.31 -35.97
N ASP D 134 -18.10 30.42 -35.77
CA ASP D 134 -19.05 29.99 -36.79
C ASP D 134 -19.07 30.98 -37.97
N GLU D 135 -19.66 30.55 -39.09
CA GLU D 135 -19.67 31.34 -40.32
C GLU D 135 -20.50 32.61 -40.18
N ASP D 136 -21.52 32.56 -39.32
CA ASP D 136 -22.42 33.69 -39.09
C ASP D 136 -21.84 34.70 -38.10
N GLY D 137 -20.57 34.55 -37.76
CA GLY D 137 -19.89 35.48 -36.86
C GLY D 137 -19.94 35.09 -35.39
N ARG D 138 -20.97 34.35 -35.00
CA ARG D 138 -21.12 33.91 -33.60
C ARG D 138 -19.98 33.02 -33.11
N LYS D 139 -19.70 33.07 -31.80
CA LYS D 139 -18.59 32.33 -31.19
C LYS D 139 -19.13 31.33 -30.18
N TYR D 140 -18.53 30.14 -30.13
CA TYR D 140 -18.98 29.10 -29.21
C TYR D 140 -17.82 28.40 -28.51
N LEU D 141 -17.95 28.20 -27.19
CA LEU D 141 -16.95 27.49 -26.41
C LEU D 141 -17.43 26.06 -26.16
N VAL D 142 -16.56 25.11 -26.49
CA VAL D 142 -16.75 23.71 -26.11
C VAL D 142 -15.69 23.29 -25.10
N ASN D 143 -16.06 22.45 -24.15
CA ASN D 143 -15.10 21.83 -23.23
C ASN D 143 -15.69 20.53 -22.70
N MET D 144 -14.87 19.70 -22.06
CA MET D 144 -15.37 18.53 -21.35
C MET D 144 -16.09 18.99 -20.10
N TYR D 145 -17.04 18.18 -19.64
CA TYR D 145 -17.85 18.50 -18.47
C TYR D 145 -17.58 17.46 -17.40
N TRP D 146 -17.15 17.90 -16.22
CA TRP D 146 -16.63 17.00 -15.19
C TRP D 146 -17.69 16.53 -14.19
N ASP D 147 -17.81 15.21 -14.06
CA ASP D 147 -18.73 14.56 -13.13
C ASP D 147 -17.94 13.88 -12.00
N HIS D 148 -18.01 14.46 -10.81
CA HIS D 148 -17.24 14.03 -9.65
C HIS D 148 -17.87 12.84 -8.92
N ARG D 149 -19.11 12.51 -9.26
CA ARG D 149 -19.85 11.57 -8.43
C ARG D 149 -19.29 10.14 -8.44
N VAL D 150 -19.31 9.54 -7.27
CA VAL D 150 -18.77 8.21 -7.04
C VAL D 150 -19.39 7.14 -7.93
N ASP D 151 -20.70 7.19 -8.15
CA ASP D 151 -21.35 6.16 -8.96
C ASP D 151 -21.35 6.50 -10.47
N HIS D 152 -20.39 7.33 -10.88
CA HIS D 152 -20.38 7.89 -12.24
C HIS D 152 -19.02 7.89 -12.92
N HIS D 153 -19.03 7.81 -14.25
CA HIS D 153 -17.83 8.07 -15.04
C HIS D 153 -17.62 9.58 -15.13
N PRO D 154 -16.39 10.06 -14.81
CA PRO D 154 -16.15 11.51 -14.72
C PRO D 154 -16.35 12.31 -16.00
N PHE D 155 -16.23 11.64 -17.16
CA PHE D 155 -16.28 12.34 -18.43
C PHE D 155 -17.72 12.38 -18.98
N TYR D 156 -18.45 13.40 -18.54
CA TYR D 156 -19.90 13.53 -18.75
C TYR D 156 -20.26 13.85 -20.19
N GLY D 157 -19.26 14.20 -20.98
CA GLY D 157 -19.48 14.55 -22.37
C GLY D 157 -18.90 15.91 -22.70
N ILE D 158 -19.41 16.51 -23.77
CA ILE D 158 -18.90 17.78 -24.26
C ILE D 158 -19.99 18.81 -24.10
N VAL D 159 -19.64 19.89 -23.38
CA VAL D 159 -20.56 21.00 -23.16
C VAL D 159 -20.28 22.12 -24.17
N LEU D 160 -21.34 22.80 -24.59
CA LEU D 160 -21.23 23.91 -25.53
C LEU D 160 -21.99 25.10 -25.00
N GLN D 161 -21.40 26.28 -25.13
CA GLN D 161 -22.06 27.54 -24.79
C GLN D 161 -21.55 28.67 -25.69
N GLU D 162 -22.46 29.58 -26.06
CA GLU D 162 -22.11 30.72 -26.91
C GLU D 162 -21.34 31.76 -26.11
N TYR D 163 -20.23 32.22 -26.68
CA TYR D 163 -19.44 33.30 -26.09
C TYR D 163 -19.75 34.63 -26.77
N SER D 164 -20.11 35.63 -25.96
CA SER D 164 -20.36 36.99 -26.45
C SER D 164 -19.10 37.82 -26.39
N VAL D 165 -18.55 38.16 -27.56
CA VAL D 165 -17.35 39.01 -27.66
C VAL D 165 -17.58 40.38 -27.01
N GLU D 166 -18.77 40.95 -27.26
CA GLU D 166 -19.16 42.26 -26.72
C GLU D 166 -19.28 42.27 -25.18
N GLN D 167 -20.02 41.31 -24.63
CA GLN D 167 -20.23 41.23 -23.18
C GLN D 167 -19.03 40.61 -22.45
N LYS D 168 -18.09 40.03 -23.22
CA LYS D 168 -16.89 39.37 -22.67
C LYS D 168 -17.23 38.26 -21.67
N LYS D 169 -18.21 37.42 -22.03
CA LYS D 169 -18.67 36.34 -21.18
C LYS D 169 -19.49 35.32 -21.97
N LEU D 170 -19.62 34.11 -21.42
CA LEU D 170 -20.56 33.12 -21.95
C LEU D 170 -22.01 33.59 -21.72
N VAL D 171 -22.86 33.38 -22.72
CA VAL D 171 -24.27 33.77 -22.63
C VAL D 171 -25.18 32.58 -22.89
N GLY D 172 -26.46 32.74 -22.59
CA GLY D 172 -27.44 31.67 -22.73
C GLY D 172 -27.21 30.57 -21.72
N GLU D 173 -27.50 29.34 -22.11
CA GLU D 173 -27.44 28.19 -21.21
C GLU D 173 -26.53 27.11 -21.77
N PRO D 174 -25.64 26.54 -20.93
CA PRO D 174 -24.78 25.46 -21.43
C PRO D 174 -25.57 24.19 -21.70
N LYS D 175 -25.23 23.51 -22.80
CA LYS D 175 -25.89 22.27 -23.21
C LYS D 175 -24.86 21.20 -23.53
N ILE D 176 -25.12 19.96 -23.13
CA ILE D 176 -24.32 18.81 -23.56
C ILE D 176 -24.71 18.43 -24.99
N ILE D 177 -23.73 18.34 -25.86
CA ILE D 177 -23.98 18.09 -27.28
C ILE D 177 -23.48 16.72 -27.75
N PHE D 178 -22.70 16.06 -26.89
CA PHE D 178 -22.06 14.79 -27.23
C PHE D 178 -21.63 14.05 -25.97
N LYS D 179 -22.07 12.80 -25.83
CA LYS D 179 -21.79 11.99 -24.64
C LYS D 179 -20.56 11.10 -24.84
N GLY D 180 -20.19 10.90 -26.10
CA GLY D 180 -19.02 10.09 -26.43
C GLY D 180 -19.37 8.71 -26.95
N THR D 181 -18.34 7.94 -27.27
CA THR D 181 -18.54 6.54 -27.63
C THR D 181 -18.18 5.69 -26.41
N ASP D 182 -18.27 4.37 -26.55
CA ASP D 182 -18.04 3.47 -25.43
C ASP D 182 -16.60 3.47 -24.95
N LEU D 183 -15.69 4.08 -25.71
CA LEU D 183 -14.32 4.31 -25.25
C LEU D 183 -14.31 5.22 -24.03
N ARG D 184 -15.27 6.15 -24.00
CA ARG D 184 -15.43 7.11 -22.91
C ARG D 184 -14.16 7.94 -22.69
N ILE D 185 -14.02 8.54 -21.51
CA ILE D 185 -12.94 9.49 -21.25
C ILE D 185 -12.94 10.55 -22.36
N THR D 186 -14.15 10.96 -22.74
CA THR D 186 -14.34 11.91 -23.85
C THR D 186 -13.86 13.31 -23.47
N GLU D 187 -12.89 13.81 -24.24
CA GLU D 187 -12.24 15.10 -23.97
C GLU D 187 -11.79 15.73 -25.30
N GLY D 188 -10.94 16.76 -25.20
CA GLY D 188 -10.41 17.49 -26.36
C GLY D 188 -11.35 17.83 -27.51
N PRO D 189 -12.52 18.44 -27.20
CA PRO D 189 -13.47 18.77 -28.27
C PRO D 189 -13.02 19.91 -29.18
N HIS D 190 -13.21 19.72 -30.49
CA HIS D 190 -12.97 20.78 -31.48
C HIS D 190 -14.07 20.76 -32.53
N LEU D 191 -14.55 21.95 -32.90
CA LEU D 191 -15.63 22.06 -33.89
C LEU D 191 -15.14 22.57 -35.23
N TYR D 192 -15.63 21.95 -36.30
CA TYR D 192 -15.33 22.39 -37.66
C TYR D 192 -16.58 22.40 -38.53
N LYS D 193 -16.75 23.49 -39.27
CA LYS D 193 -17.83 23.61 -40.23
C LYS D 193 -17.27 23.21 -41.59
N ILE D 194 -17.73 22.05 -42.07
CA ILE D 194 -17.30 21.50 -43.35
C ILE D 194 -18.55 20.99 -44.06
N ASN D 195 -18.70 21.40 -45.32
CA ASN D 195 -19.91 21.13 -46.10
C ASN D 195 -21.13 21.59 -45.32
N GLY D 196 -22.21 20.80 -45.35
CA GLY D 196 -23.41 21.17 -44.63
C GLY D 196 -23.36 20.80 -43.17
N TYR D 197 -22.19 20.32 -42.71
CA TYR D 197 -22.08 19.70 -41.38
C TYR D 197 -21.23 20.48 -40.37
N TYR D 198 -21.60 20.35 -39.10
CA TYR D 198 -20.67 20.62 -37.99
C TYR D 198 -20.02 19.31 -37.60
N TYR D 199 -18.69 19.24 -37.73
CA TYR D 199 -17.92 18.09 -37.29
C TYR D 199 -17.34 18.32 -35.90
N LEU D 200 -17.62 17.38 -34.99
CA LEU D 200 -17.05 17.44 -33.65
C LEU D 200 -15.99 16.37 -33.43
N LEU D 201 -14.75 16.83 -33.31
CA LEU D 201 -13.62 15.98 -33.01
C LEU D 201 -13.46 15.92 -31.49
N THR D 202 -13.25 14.70 -30.97
CA THR D 202 -12.90 14.51 -29.55
C THR D 202 -11.71 13.56 -29.41
N ALA D 203 -11.09 13.58 -28.23
CA ALA D 203 -10.15 12.56 -27.80
C ALA D 203 -10.90 11.59 -26.88
N GLU D 204 -10.63 10.29 -27.02
CA GLU D 204 -11.27 9.29 -26.15
C GLU D 204 -10.30 8.20 -25.69
N GLY D 205 -10.72 7.47 -24.67
CA GLY D 205 -9.96 6.33 -24.16
C GLY D 205 -8.79 6.67 -23.25
N GLY D 206 -8.63 7.95 -22.93
CA GLY D 206 -7.54 8.38 -22.03
C GLY D 206 -6.19 8.50 -22.72
N THR D 207 -5.34 9.38 -22.18
CA THR D 207 -4.08 9.75 -22.84
C THR D 207 -2.95 8.73 -22.69
N ARG D 208 -3.26 7.51 -22.23
CA ARG D 208 -2.29 6.42 -22.15
C ARG D 208 -2.43 5.52 -23.39
N TYR D 209 -2.27 4.20 -23.25
CA TYR D 209 -2.21 3.32 -24.45
C TYR D 209 -3.52 3.05 -25.20
N ASN D 210 -4.64 3.38 -24.55
CA ASN D 210 -5.96 3.20 -25.14
C ASN D 210 -6.44 4.46 -25.90
N HIS D 211 -5.57 5.48 -25.97
CA HIS D 211 -5.91 6.77 -26.56
C HIS D 211 -6.45 6.67 -28.00
N ALA D 212 -7.40 7.54 -28.33
CA ALA D 212 -7.96 7.61 -29.68
C ALA D 212 -8.46 9.02 -30.01
N ALA D 213 -8.55 9.29 -31.31
CA ALA D 213 -9.28 10.46 -31.80
C ALA D 213 -10.58 9.98 -32.43
N THR D 214 -11.68 10.59 -31.99
CA THR D 214 -13.03 10.27 -32.43
C THR D 214 -13.63 11.46 -33.18
N ILE D 215 -14.40 11.18 -34.22
CA ILE D 215 -15.09 12.24 -34.95
C ILE D 215 -16.54 11.93 -35.22
N ALA D 216 -17.37 12.96 -35.11
CA ALA D 216 -18.81 12.85 -35.34
C ALA D 216 -19.28 14.07 -36.13
N ARG D 217 -20.46 13.98 -36.74
CA ARG D 217 -21.01 15.09 -37.50
C ARG D 217 -22.50 15.31 -37.23
N SER D 218 -22.93 16.55 -37.40
CA SER D 218 -24.33 16.92 -37.29
C SER D 218 -24.60 18.13 -38.16
N THR D 219 -25.87 18.35 -38.48
CA THR D 219 -26.29 19.55 -39.19
C THR D 219 -26.63 20.65 -38.18
N SER D 220 -26.88 20.24 -36.93
CA SER D 220 -27.11 21.15 -35.82
C SER D 220 -25.87 21.21 -34.94
N LEU D 221 -25.47 22.43 -34.59
CA LEU D 221 -24.39 22.66 -33.62
C LEU D 221 -24.65 21.96 -32.28
N TYR D 222 -25.92 21.67 -32.00
CA TYR D 222 -26.33 21.04 -30.74
C TYR D 222 -26.61 19.53 -30.85
N GLY D 223 -26.32 18.96 -32.02
CA GLY D 223 -26.53 17.54 -32.25
C GLY D 223 -27.96 17.17 -32.64
N PRO D 224 -28.27 15.86 -32.69
CA PRO D 224 -27.37 14.76 -32.34
C PRO D 224 -26.24 14.56 -33.34
N TYR D 225 -25.07 14.22 -32.82
CA TYR D 225 -23.92 13.93 -33.65
C TYR D 225 -23.85 12.44 -33.95
N GLU D 226 -23.77 12.09 -35.23
CA GLU D 226 -23.53 10.71 -35.64
C GLU D 226 -22.02 10.48 -35.72
N VAL D 227 -21.59 9.31 -35.26
CA VAL D 227 -20.16 8.99 -35.19
C VAL D 227 -19.67 8.39 -36.50
N HIS D 228 -18.46 8.75 -36.89
CA HIS D 228 -17.72 8.12 -37.99
C HIS D 228 -18.01 6.62 -38.06
N PRO D 229 -18.38 6.09 -39.25
CA PRO D 229 -18.74 4.68 -39.34
C PRO D 229 -17.57 3.73 -39.06
N ASP D 230 -16.35 4.22 -39.25
CA ASP D 230 -15.14 3.45 -38.98
C ASP D 230 -14.30 4.03 -37.84
N ASN D 231 -14.98 4.68 -36.88
CA ASN D 231 -14.33 5.22 -35.68
C ASN D 231 -13.57 4.11 -34.94
N PRO D 232 -12.44 4.45 -34.28
CA PRO D 232 -11.80 5.77 -34.19
C PRO D 232 -11.16 6.26 -35.48
N LEU D 233 -11.16 7.59 -35.65
CA LEU D 233 -10.42 8.23 -36.74
C LEU D 233 -8.93 7.94 -36.63
N LEU D 234 -8.42 7.89 -35.40
CA LEU D 234 -7.01 7.61 -35.13
C LEU D 234 -6.81 6.93 -33.77
N THR D 235 -5.91 5.95 -33.72
CA THR D 235 -5.51 5.27 -32.48
C THR D 235 -4.30 4.37 -32.72
N SER D 236 -3.48 4.20 -31.68
CA SER D 236 -2.42 3.19 -31.70
C SER D 236 -2.77 1.94 -30.90
N TRP D 237 -3.93 1.91 -30.26
CA TRP D 237 -4.24 0.81 -29.33
C TRP D 237 -4.12 -0.57 -29.98
N PRO D 238 -4.70 -0.77 -31.19
CA PRO D 238 -4.61 -2.11 -31.78
C PRO D 238 -3.30 -2.39 -32.52
N TYR D 239 -2.31 -1.52 -32.34
CA TYR D 239 -1.01 -1.65 -33.02
C TYR D 239 0.15 -1.64 -32.04
N PRO D 240 0.32 -2.74 -31.27
CA PRO D 240 1.28 -2.77 -30.16
C PRO D 240 2.75 -2.67 -30.57
N ARG D 241 3.03 -2.87 -31.85
CA ARG D 241 4.40 -2.83 -32.38
C ARG D 241 4.74 -1.47 -33.01
N ASN D 242 3.73 -0.64 -33.24
CA ASN D 242 3.90 0.73 -33.77
C ASN D 242 4.78 1.53 -32.84
N PRO D 243 5.88 2.12 -33.37
CA PRO D 243 6.75 2.96 -32.52
C PRO D 243 6.03 4.22 -32.01
N LEU D 244 4.97 4.63 -32.68
CA LEU D 244 4.14 5.76 -32.23
C LEU D 244 2.89 5.26 -31.49
N GLN D 245 2.93 5.36 -30.16
CA GLN D 245 1.84 4.91 -29.29
C GLN D 245 1.05 6.09 -28.71
N LYS D 246 -0.11 5.81 -28.11
CA LYS D 246 -0.91 6.83 -27.41
C LYS D 246 -1.53 7.87 -28.34
N ALA D 247 -1.70 7.54 -29.61
CA ALA D 247 -2.17 8.48 -30.62
C ALA D 247 -3.61 8.93 -30.38
N GLY D 248 -3.75 10.24 -30.12
CA GLY D 248 -5.05 10.87 -29.87
C GLY D 248 -4.84 12.33 -29.54
N HIS D 249 -5.89 12.97 -29.03
CA HIS D 249 -5.96 14.43 -28.83
C HIS D 249 -5.44 15.18 -30.06
N ALA D 250 -6.24 15.13 -31.12
CA ALA D 250 -5.85 15.64 -32.42
C ALA D 250 -6.52 16.98 -32.72
N SER D 251 -6.00 17.69 -33.72
CA SER D 251 -6.70 18.83 -34.31
C SER D 251 -6.51 18.84 -35.84
N ILE D 252 -7.52 19.32 -36.57
CA ILE D 252 -7.55 19.21 -38.03
C ILE D 252 -7.12 20.52 -38.71
N VAL D 253 -6.31 20.42 -39.76
CA VAL D 253 -5.99 21.60 -40.56
C VAL D 253 -6.33 21.40 -42.04
N HIS D 254 -7.12 22.34 -42.56
CA HIS D 254 -7.41 22.42 -43.98
C HIS D 254 -6.50 23.50 -44.56
N THR D 255 -5.51 23.07 -45.33
CA THR D 255 -4.53 23.99 -45.90
C THR D 255 -5.09 24.80 -47.07
N HIS D 256 -4.39 25.89 -47.38
CA HIS D 256 -4.72 26.76 -48.52
C HIS D 256 -4.59 26.04 -49.87
N THR D 257 -3.89 24.91 -49.87
CA THR D 257 -3.70 24.09 -51.05
C THR D 257 -4.77 22.98 -51.19
N ASP D 258 -5.87 23.15 -50.44
CA ASP D 258 -7.03 22.23 -50.42
C ASP D 258 -6.70 20.79 -50.02
N GLU D 259 -5.75 20.65 -49.10
CA GLU D 259 -5.38 19.36 -48.51
C GLU D 259 -5.77 19.36 -47.03
N TRP D 260 -5.77 18.17 -46.42
CA TRP D 260 -6.18 18.03 -45.01
C TRP D 260 -5.14 17.26 -44.20
N PHE D 261 -4.83 17.75 -43.00
CA PHE D 261 -3.86 17.11 -42.11
C PHE D 261 -4.35 17.08 -40.66
N LEU D 262 -3.82 16.11 -39.91
CA LEU D 262 -4.27 15.83 -38.55
C LEU D 262 -3.09 15.75 -37.59
N VAL D 263 -2.93 16.76 -36.74
CA VAL D 263 -1.88 16.72 -35.70
C VAL D 263 -2.43 16.06 -34.44
N HIS D 264 -1.57 15.36 -33.72
CA HIS D 264 -1.97 14.59 -32.54
C HIS D 264 -0.77 14.36 -31.65
N LEU D 265 -1.00 14.04 -30.39
CA LEU D 265 0.08 13.63 -29.50
C LEU D 265 0.34 12.14 -29.67
N THR D 266 1.54 11.73 -29.29
CA THR D 266 1.96 10.35 -29.32
C THR D 266 3.06 10.18 -28.27
N GLY D 267 3.20 8.97 -27.74
CA GLY D 267 4.33 8.64 -26.87
C GLY D 267 5.18 7.57 -27.54
N ARG D 268 6.50 7.74 -27.48
CA ARG D 268 7.44 6.77 -28.04
C ARG D 268 8.10 6.00 -26.91
N PRO D 269 7.61 4.78 -26.63
CA PRO D 269 8.21 3.96 -25.57
C PRO D 269 9.66 3.63 -25.87
N LEU D 270 10.45 3.51 -24.79
CA LEU D 270 11.81 2.99 -24.85
C LEU D 270 11.77 1.56 -25.41
N PRO D 271 12.91 1.07 -25.98
CA PRO D 271 13.02 -0.33 -26.45
C PRO D 271 12.59 -1.37 -25.41
N ARG D 272 11.84 -2.38 -25.84
CA ARG D 272 11.24 -3.38 -24.93
C ARG D 272 11.56 -4.82 -25.31
N GLU D 273 12.68 -5.05 -25.98
CA GLU D 273 13.05 -6.40 -26.45
C GLU D 273 13.09 -7.35 -25.25
N GLY D 274 12.49 -8.54 -25.42
CA GLY D 274 12.47 -9.53 -24.34
C GLY D 274 11.39 -9.31 -23.29
N GLN D 275 10.52 -8.32 -23.53
CA GLN D 275 9.36 -8.06 -22.67
C GLN D 275 8.06 -8.52 -23.34
N PRO D 276 7.10 -9.00 -22.54
CA PRO D 276 5.78 -9.35 -23.08
C PRO D 276 5.19 -8.16 -23.80
N LEU D 277 4.71 -8.38 -25.03
CA LEU D 277 4.26 -7.28 -25.89
C LEU D 277 3.12 -6.46 -25.28
N LEU D 278 2.23 -7.12 -24.55
CA LEU D 278 0.97 -6.48 -24.14
C LEU D 278 0.82 -6.25 -22.64
N GLU D 279 1.71 -6.83 -21.86
CA GLU D 279 1.63 -6.78 -20.40
C GLU D 279 1.75 -5.36 -19.89
N HIS D 280 2.80 -4.68 -20.33
CA HIS D 280 2.99 -3.25 -20.08
C HIS D 280 3.54 -2.67 -21.37
N ARG D 281 2.86 -1.69 -21.93
CA ARG D 281 3.19 -1.24 -23.29
C ARG D 281 4.30 -0.19 -23.42
N GLY D 282 4.94 0.15 -22.30
CA GLY D 282 6.21 0.88 -22.36
C GLY D 282 6.34 2.09 -21.48
N TYR D 283 7.52 2.71 -21.54
CA TYR D 283 7.87 3.87 -20.74
C TYR D 283 8.40 4.99 -21.64
N CYS D 284 7.83 6.18 -21.50
CA CYS D 284 8.11 7.28 -22.42
C CYS D 284 8.75 8.47 -21.69
N PRO D 285 10.09 8.48 -21.60
CA PRO D 285 10.82 9.56 -20.92
C PRO D 285 10.74 10.91 -21.65
N LEU D 286 10.43 10.89 -22.95
CA LEU D 286 10.25 12.12 -23.70
C LEU D 286 8.81 12.65 -23.59
N GLY D 287 8.00 11.98 -22.76
CA GLY D 287 6.60 12.37 -22.57
C GLY D 287 5.73 12.16 -23.79
N ARG D 288 4.77 13.07 -23.98
CA ARG D 288 3.89 13.05 -25.15
C ARG D 288 4.30 14.12 -26.16
N GLU D 289 4.62 13.68 -27.37
CA GLU D 289 5.18 14.54 -28.43
C GLU D 289 4.12 14.79 -29.49
N THR D 290 4.43 15.66 -30.44
CA THR D 290 3.48 16.03 -31.50
C THR D 290 3.82 15.34 -32.81
N ALA D 291 2.80 14.75 -33.43
CA ALA D 291 2.95 14.13 -34.76
C ALA D 291 1.87 14.61 -35.72
N ILE D 292 2.05 14.31 -37.00
CA ILE D 292 1.11 14.77 -38.02
C ILE D 292 0.77 13.65 -39.00
N GLN D 293 -0.48 13.62 -39.46
CA GLN D 293 -0.95 12.62 -40.42
C GLN D 293 -1.75 13.30 -41.53
N ARG D 294 -1.82 12.64 -42.70
CA ARG D 294 -2.65 13.14 -43.80
C ARG D 294 -4.07 12.62 -43.70
N LEU D 295 -5.02 13.47 -44.08
CA LEU D 295 -6.43 13.08 -44.14
C LEU D 295 -6.96 13.04 -45.57
N GLU D 296 -7.78 12.04 -45.85
CA GLU D 296 -8.49 11.93 -47.12
C GLU D 296 -9.98 11.79 -46.84
N TRP D 297 -10.80 12.02 -47.85
CA TRP D 297 -12.24 12.07 -47.64
C TRP D 297 -13.02 11.03 -48.45
N LYS D 298 -14.00 10.42 -47.79
CA LYS D 298 -14.91 9.45 -48.40
C LYS D 298 -16.29 9.62 -47.78
N ASP D 299 -17.32 9.71 -48.62
CA ASP D 299 -18.73 9.74 -48.17
C ASP D 299 -19.02 10.75 -47.04
N GLY D 300 -18.35 11.90 -47.10
CA GLY D 300 -18.51 12.94 -46.09
C GLY D 300 -17.80 12.65 -44.78
N TRP D 301 -16.79 11.79 -44.84
CA TRP D 301 -16.01 11.42 -43.64
C TRP D 301 -14.52 11.49 -43.91
N PRO D 302 -13.76 12.07 -42.97
CA PRO D 302 -12.30 12.09 -43.08
C PRO D 302 -11.67 10.77 -42.66
N TYR D 303 -10.51 10.46 -43.24
CA TYR D 303 -9.81 9.20 -42.99
C TYR D 303 -8.31 9.47 -42.91
N VAL D 304 -7.65 8.84 -41.95
CA VAL D 304 -6.21 8.90 -41.86
C VAL D 304 -5.63 8.02 -42.95
N VAL D 305 -4.93 8.66 -43.89
CA VAL D 305 -4.23 7.95 -44.95
C VAL D 305 -3.26 6.97 -44.31
N GLY D 306 -3.32 5.71 -44.74
CA GLY D 306 -2.49 4.65 -44.19
C GLY D 306 -3.14 3.90 -43.04
N GLY D 307 -4.47 3.98 -42.94
CA GLY D 307 -5.22 3.27 -41.90
C GLY D 307 -5.32 4.11 -40.63
N ASN D 308 -6.10 3.64 -39.66
CA ASN D 308 -6.37 4.46 -38.46
C ASN D 308 -5.25 4.48 -37.40
N GLY D 309 -4.16 3.77 -37.69
CA GLY D 309 -2.93 3.87 -36.90
C GLY D 309 -2.03 4.97 -37.43
N PRO D 310 -1.14 5.53 -36.59
CA PRO D 310 -0.27 6.62 -37.03
C PRO D 310 0.93 6.16 -37.84
N SER D 311 1.14 6.79 -39.00
CA SER D 311 2.30 6.52 -39.83
C SER D 311 3.50 7.29 -39.30
N LEU D 312 4.65 6.64 -39.30
CA LEU D 312 5.91 7.26 -38.89
C LEU D 312 6.36 8.37 -39.85
N GLU D 313 6.07 8.19 -41.15
CA GLU D 313 6.48 9.14 -42.19
C GLU D 313 5.29 9.45 -43.09
N ILE D 314 5.10 10.73 -43.42
CA ILE D 314 3.99 11.15 -44.28
C ILE D 314 4.44 12.09 -45.42
N ASP D 315 3.57 12.26 -46.41
CA ASP D 315 3.79 13.24 -47.47
C ASP D 315 3.35 14.63 -47.03
N GLY D 316 4.25 15.60 -47.14
CA GLY D 316 3.94 17.00 -46.82
C GLY D 316 2.99 17.64 -47.81
N PRO D 317 2.44 18.82 -47.45
CA PRO D 317 1.54 19.54 -48.37
C PRO D 317 2.29 20.05 -49.61
N SER D 318 1.55 20.34 -50.67
CA SER D 318 2.12 20.76 -51.95
C SER D 318 2.61 22.21 -51.91
N VAL D 319 3.63 22.45 -51.09
CA VAL D 319 4.26 23.77 -50.93
C VAL D 319 5.78 23.62 -50.92
N GLU D 320 6.48 24.75 -51.09
CA GLU D 320 7.94 24.78 -51.05
C GLU D 320 8.44 24.53 -49.63
N GLU D 321 9.55 23.80 -49.51
CA GLU D 321 10.19 23.58 -48.22
C GLU D 321 10.76 24.88 -47.67
N VAL D 322 10.39 25.19 -46.43
CA VAL D 322 10.89 26.35 -45.72
C VAL D 322 11.39 25.88 -44.35
N SER D 323 12.70 25.78 -44.21
CA SER D 323 13.32 25.37 -42.94
C SER D 323 13.89 26.58 -42.20
N TRP D 324 14.32 26.34 -40.95
CA TRP D 324 14.66 27.42 -40.04
C TRP D 324 16.04 27.23 -39.43
N GLU D 325 16.76 28.34 -39.24
CA GLU D 325 18.05 28.33 -38.56
C GLU D 325 17.88 27.90 -37.10
N LYS D 326 18.88 27.20 -36.57
CA LYS D 326 18.89 26.70 -35.20
C LYS D 326 18.71 27.85 -34.20
N ASP D 327 17.70 27.73 -33.33
CA ASP D 327 17.37 28.81 -32.40
C ASP D 327 17.98 28.69 -30.99
N TYR D 328 19.03 27.87 -30.87
CA TYR D 328 19.83 27.79 -29.64
C TYR D 328 21.27 27.36 -29.93
N ASP D 329 22.18 27.66 -29.00
CA ASP D 329 23.56 27.20 -29.10
C ASP D 329 23.74 25.87 -28.39
N GLU D 330 24.44 24.94 -29.02
CA GLU D 330 24.81 23.67 -28.40
C GLU D 330 25.50 23.94 -27.07
N LYS D 331 26.44 24.88 -27.10
CA LYS D 331 27.08 25.37 -25.90
C LYS D 331 26.58 26.80 -25.65
N ASP D 332 25.61 26.94 -24.75
CA ASP D 332 25.11 28.24 -24.35
C ASP D 332 26.05 28.83 -23.32
N ASP D 333 26.82 29.84 -23.71
CA ASP D 333 27.78 30.45 -22.80
C ASP D 333 27.27 31.59 -21.92
N PHE D 334 25.95 31.82 -21.98
CA PHE D 334 25.26 32.81 -21.13
C PHE D 334 25.75 34.26 -21.29
N ASP D 335 26.06 34.63 -22.52
CA ASP D 335 26.52 35.98 -22.83
C ASP D 335 25.35 36.89 -23.24
N GLY D 336 24.19 36.28 -23.52
CA GLY D 336 23.00 37.03 -23.87
C GLY D 336 22.43 37.79 -22.69
N ASP D 337 21.52 38.73 -22.97
CA ASP D 337 20.83 39.45 -21.90
C ASP D 337 19.44 38.88 -21.63
N THR D 338 19.20 37.68 -22.16
CA THR D 338 17.98 36.92 -21.90
C THR D 338 18.34 35.44 -21.88
N LEU D 339 17.59 34.64 -21.14
CA LEU D 339 17.74 33.19 -21.21
C LEU D 339 17.15 32.67 -22.51
N ASN D 340 17.85 31.73 -23.14
CA ASN D 340 17.35 31.08 -24.35
C ASN D 340 15.95 30.50 -24.11
N HIS D 341 15.06 30.69 -25.08
CA HIS D 341 13.65 30.36 -24.90
C HIS D 341 13.31 28.88 -24.73
N HIS D 342 14.32 28.01 -24.81
CA HIS D 342 14.13 26.58 -24.57
C HIS D 342 14.21 26.25 -23.08
N PHE D 343 14.72 27.21 -22.30
CA PHE D 343 14.73 27.13 -20.85
C PHE D 343 13.39 27.53 -20.25
N GLN D 344 12.95 26.76 -19.26
CA GLN D 344 11.75 27.09 -18.50
C GLN D 344 12.02 26.98 -17.00
N THR D 345 11.10 27.53 -16.21
CA THR D 345 11.19 27.46 -14.76
C THR D 345 9.90 26.84 -14.21
N LEU D 346 9.94 26.43 -12.95
CA LEU D 346 8.80 25.77 -12.32
C LEU D 346 7.78 26.76 -11.74
N ARG D 347 6.60 26.76 -12.36
CA ARG D 347 5.37 27.40 -11.84
C ARG D 347 5.35 28.91 -11.89
N ILE D 348 6.48 29.52 -11.60
CA ILE D 348 6.59 30.96 -11.49
C ILE D 348 7.75 31.52 -12.32
N PRO D 349 7.66 32.80 -12.71
CA PRO D 349 8.83 33.44 -13.27
C PRO D 349 9.86 33.69 -12.17
N LEU D 350 11.14 33.57 -12.49
CA LEU D 350 12.17 33.90 -11.52
C LEU D 350 12.74 35.27 -11.87
N GLY D 351 12.62 36.22 -10.94
CA GLY D 351 13.13 37.58 -11.16
C GLY D 351 14.64 37.63 -10.94
N GLU D 352 15.22 38.83 -11.11
CA GLU D 352 16.67 39.04 -10.95
C GLU D 352 17.23 38.62 -9.58
N ASP D 353 16.37 38.56 -8.58
CA ASP D 353 16.74 38.16 -7.23
C ASP D 353 16.95 36.65 -7.08
N ILE D 354 16.54 35.89 -8.09
CA ILE D 354 16.68 34.44 -8.06
C ILE D 354 17.53 33.94 -9.24
N ALA D 355 17.15 34.33 -10.46
CA ALA D 355 17.93 33.98 -11.65
C ALA D 355 18.42 35.26 -12.31
N THR D 356 19.73 35.34 -12.56
CA THR D 356 20.28 36.55 -13.19
C THR D 356 21.49 36.32 -14.11
N LEU D 357 21.40 36.92 -15.29
CA LEU D 357 22.50 36.94 -16.24
C LEU D 357 23.32 38.24 -16.10
N LYS D 358 22.87 39.10 -15.20
CA LYS D 358 23.42 40.46 -15.04
C LYS D 358 24.47 40.55 -13.95
N ALA D 359 24.30 39.80 -12.86
CA ALA D 359 25.20 39.88 -11.70
C ALA D 359 26.66 39.61 -12.06
N ARG D 360 26.86 38.66 -12.96
CA ARG D 360 28.19 38.25 -13.41
C ARG D 360 28.07 37.95 -14.90
N PRO D 361 28.53 38.89 -15.76
CA PRO D 361 28.42 38.67 -17.19
C PRO D 361 29.04 37.33 -17.60
N GLY D 362 28.41 36.66 -18.56
CA GLY D 362 28.87 35.36 -19.01
C GLY D 362 28.42 34.20 -18.11
N HIS D 363 27.66 34.51 -17.06
CA HIS D 363 27.19 33.49 -16.11
C HIS D 363 25.71 33.64 -15.79
N LEU D 364 25.02 32.50 -15.69
CA LEU D 364 23.68 32.50 -15.13
C LEU D 364 23.87 32.27 -13.65
N ARG D 365 23.44 33.23 -12.84
CA ARG D 365 23.54 33.12 -11.39
C ARG D 365 22.19 32.68 -10.84
N LEU D 366 22.21 31.63 -10.04
CA LEU D 366 21.02 31.12 -9.38
C LEU D 366 21.20 31.23 -7.88
N TYR D 367 20.47 32.16 -7.28
CA TYR D 367 20.43 32.28 -5.83
C TYR D 367 19.56 31.17 -5.25
N GLY D 368 20.13 30.40 -4.32
CA GLY D 368 19.50 29.18 -3.79
C GLY D 368 18.17 29.42 -3.11
N ARG D 369 17.15 28.68 -3.53
CA ARG D 369 15.86 28.73 -2.83
C ARG D 369 15.52 27.37 -2.18
N GLU D 370 14.29 26.91 -2.39
CA GLU D 370 13.82 25.69 -1.74
C GLU D 370 14.30 24.41 -2.44
N SER D 371 14.01 23.26 -1.82
CA SER D 371 14.46 21.96 -2.30
C SER D 371 13.75 21.55 -3.59
N LEU D 372 14.28 20.48 -4.21
CA LEU D 372 13.72 19.91 -5.42
C LEU D 372 12.33 19.29 -5.20
N THR D 373 11.89 19.22 -3.95
CA THR D 373 10.55 18.66 -3.66
C THR D 373 9.49 19.74 -3.44
N SER D 374 9.85 21.01 -3.64
CA SER D 374 8.93 22.14 -3.37
C SER D 374 8.11 22.59 -4.59
N ARG D 375 6.81 22.74 -4.39
CA ARG D 375 5.90 23.19 -5.45
C ARG D 375 5.76 24.71 -5.41
N PHE D 376 6.73 25.38 -4.79
CA PHE D 376 6.60 26.81 -4.54
C PHE D 376 7.71 27.59 -5.22
N THR D 377 8.84 27.78 -4.56
CA THR D 377 9.95 28.55 -5.14
C THR D 377 11.27 27.77 -5.24
N GLN D 378 11.58 27.33 -6.45
CA GLN D 378 12.85 26.67 -6.75
C GLN D 378 13.69 27.52 -7.70
N ALA D 379 14.97 27.70 -7.35
CA ALA D 379 15.93 28.29 -8.26
C ALA D 379 16.39 27.18 -9.19
N PHE D 380 15.64 26.98 -10.27
CA PHE D 380 15.82 25.86 -11.18
C PHE D 380 15.50 26.31 -12.59
N VAL D 381 16.44 26.13 -13.50
CA VAL D 381 16.28 26.52 -14.90
C VAL D 381 16.57 25.27 -15.76
N ALA D 382 15.62 24.88 -16.59
CA ALA D 382 15.68 23.57 -17.24
C ALA D 382 15.13 23.54 -18.66
N ARG D 383 15.61 22.58 -19.44
CA ARG D 383 15.17 22.37 -20.81
C ARG D 383 14.74 20.91 -21.00
N ARG D 384 13.87 20.67 -21.98
CA ARG D 384 13.34 19.34 -22.27
C ARG D 384 14.39 18.36 -22.79
N TRP D 385 14.27 17.10 -22.40
CA TRP D 385 14.85 15.99 -23.15
C TRP D 385 14.08 16.01 -24.47
N GLN D 386 14.80 16.06 -25.59
CA GLN D 386 14.13 16.08 -26.89
C GLN D 386 14.61 14.96 -27.82
N HIS D 387 15.58 14.18 -27.31
CA HIS D 387 16.14 13.02 -28.00
C HIS D 387 16.37 11.86 -27.02
N PHE D 388 16.38 10.64 -27.53
CA PHE D 388 16.67 9.46 -26.70
C PHE D 388 18.16 9.35 -26.35
N HIS D 389 18.99 9.91 -27.22
CA HIS D 389 20.45 9.83 -27.10
C HIS D 389 21.04 11.24 -27.15
N PHE D 390 21.53 11.72 -26.01
CA PHE D 390 22.07 13.07 -25.93
C PHE D 390 23.08 13.25 -24.80
N VAL D 391 23.80 14.38 -24.85
CA VAL D 391 24.72 14.76 -23.79
C VAL D 391 24.34 16.16 -23.31
N ALA D 392 24.39 16.33 -21.99
CA ALA D 392 24.09 17.60 -21.34
C ALA D 392 25.19 17.91 -20.34
N GLU D 393 25.57 19.18 -20.27
CA GLU D 393 26.78 19.55 -19.53
C GLU D 393 26.70 20.98 -18.99
N THR D 394 27.22 21.17 -17.78
CA THR D 394 27.32 22.51 -17.18
C THR D 394 28.64 22.73 -16.42
N LYS D 395 29.04 23.99 -16.31
CA LYS D 395 30.25 24.41 -15.59
C LYS D 395 29.86 25.38 -14.48
N VAL D 396 30.08 25.00 -13.23
CA VAL D 396 29.56 25.76 -12.09
C VAL D 396 30.60 26.03 -11.01
N SER D 397 30.60 27.25 -10.47
CA SER D 397 31.35 27.58 -9.26
C SER D 397 30.40 27.81 -8.10
N PHE D 398 30.65 27.10 -7.00
CA PHE D 398 29.75 27.07 -5.85
C PHE D 398 30.53 26.72 -4.59
N ARG D 399 30.31 27.49 -3.53
CA ARG D 399 30.98 27.24 -2.25
C ARG D 399 29.97 27.14 -1.10
N PRO D 400 29.37 25.95 -0.92
CA PRO D 400 28.39 25.76 0.15
C PRO D 400 29.06 25.68 1.52
N THR D 401 28.40 26.24 2.53
CA THR D 401 28.98 26.33 3.87
C THR D 401 28.25 25.41 4.83
N THR D 402 27.26 24.71 4.30
CA THR D 402 26.37 23.86 5.07
C THR D 402 25.71 22.83 4.17
N PHE D 403 25.39 21.68 4.73
CA PHE D 403 24.72 20.60 3.99
C PHE D 403 23.36 21.03 3.43
N GLN D 404 22.82 22.15 3.93
CA GLN D 404 21.50 22.68 3.50
C GLN D 404 21.56 23.39 2.15
N GLN D 405 22.78 23.56 1.64
CA GLN D 405 23.00 24.21 0.37
C GLN D 405 23.47 23.20 -0.66
N SER D 406 23.03 23.37 -1.90
CA SER D 406 23.45 22.49 -2.98
C SER D 406 23.34 23.19 -4.33
N ALA D 407 24.02 22.66 -5.32
CA ALA D 407 23.88 23.14 -6.69
C ALA D 407 24.36 22.04 -7.62
N GLY D 408 23.62 21.82 -8.71
CA GLY D 408 23.96 20.73 -9.60
C GLY D 408 23.24 20.68 -10.91
N LEU D 409 23.47 19.59 -11.62
CA LEU D 409 22.79 19.25 -12.85
C LEU D 409 21.71 18.25 -12.48
N VAL D 410 20.48 18.54 -12.89
CA VAL D 410 19.34 17.74 -12.49
C VAL D 410 18.65 17.12 -13.70
N ASN D 411 18.29 15.85 -13.57
CA ASN D 411 17.37 15.27 -14.50
C ASN D 411 16.09 15.08 -13.73
N TYR D 412 15.02 15.66 -14.25
CA TYR D 412 13.87 15.99 -13.41
C TYR D 412 12.58 15.67 -14.13
N TYR D 413 11.71 14.91 -13.48
CA TYR D 413 10.36 14.73 -13.99
C TYR D 413 9.37 15.59 -13.19
N ASN D 414 9.28 15.35 -11.89
CA ASN D 414 8.47 16.19 -10.99
C ASN D 414 9.07 16.29 -9.60
N THR D 415 8.37 16.90 -8.65
CA THR D 415 8.93 17.19 -7.32
C THR D 415 9.33 15.95 -6.53
N GLN D 416 8.70 14.82 -6.85
CA GLN D 416 8.98 13.56 -6.15
C GLN D 416 9.80 12.59 -6.99
N ASN D 417 10.14 13.01 -8.21
CA ASN D 417 10.84 12.14 -9.17
C ASN D 417 11.92 12.84 -9.96
N TRP D 418 13.16 12.63 -9.54
CA TRP D 418 14.32 13.31 -10.12
C TRP D 418 15.65 12.67 -9.66
N THR D 419 16.73 12.99 -10.38
CA THR D 419 18.08 12.59 -9.99
C THR D 419 19.01 13.77 -10.24
N THR D 420 20.07 13.88 -9.45
CA THR D 420 21.04 14.97 -9.62
C THR D 420 22.47 14.63 -9.22
N LEU D 421 23.40 15.23 -9.95
CA LEU D 421 24.80 15.25 -9.58
C LEU D 421 25.04 16.66 -9.03
N GLN D 422 25.20 16.78 -7.72
CA GLN D 422 25.27 18.10 -7.08
C GLN D 422 26.47 18.30 -6.15
N ILE D 423 26.90 19.56 -6.07
CA ILE D 423 27.90 20.01 -5.10
C ILE D 423 27.20 20.44 -3.83
N THR D 424 27.63 19.89 -2.70
CA THR D 424 27.13 20.30 -1.39
C THR D 424 28.30 20.28 -0.39
N TRP D 425 27.99 20.35 0.91
CA TRP D 425 29.01 20.45 1.96
C TRP D 425 28.81 19.35 3.00
N HIS D 426 29.93 18.83 3.51
CA HIS D 426 29.93 17.75 4.50
C HIS D 426 30.90 18.10 5.64
N GLU D 427 30.48 17.86 6.88
CA GLU D 427 31.24 18.22 8.08
C GLU D 427 32.72 17.85 8.04
N GLU D 428 33.01 16.63 7.59
CA GLU D 428 34.37 16.11 7.56
C GLU D 428 35.07 16.43 6.24
N LYS D 429 34.40 16.09 5.15
CA LYS D 429 35.01 16.14 3.82
C LYS D 429 34.93 17.52 3.14
N GLY D 430 34.28 18.46 3.82
CA GLY D 430 34.09 19.81 3.28
C GLY D 430 33.18 19.81 2.07
N ARG D 431 33.56 20.58 1.06
CA ARG D 431 32.81 20.74 -0.18
C ARG D 431 32.94 19.47 -1.06
N ILE D 432 31.81 18.81 -1.30
CA ILE D 432 31.78 17.49 -1.96
C ILE D 432 30.92 17.41 -3.23
N LEU D 433 31.13 16.34 -4.00
CA LEU D 433 30.23 15.94 -5.07
C LEU D 433 29.49 14.67 -4.67
N GLU D 434 28.19 14.65 -4.97
CA GLU D 434 27.37 13.49 -4.63
C GLU D 434 26.26 13.30 -5.65
N LEU D 435 25.74 12.08 -5.69
CA LEU D 435 24.51 11.80 -6.42
C LEU D 435 23.33 11.76 -5.43
N MET D 436 22.18 12.20 -5.93
CA MET D 436 20.95 12.12 -5.16
C MET D 436 19.79 11.81 -6.11
N THR D 437 18.93 10.89 -5.69
CA THR D 437 17.78 10.51 -6.48
C THR D 437 16.52 10.62 -5.65
N CYS D 438 15.40 10.92 -6.29
CA CYS D 438 14.11 10.92 -5.62
C CYS D 438 13.17 10.09 -6.45
N ASP D 439 12.61 9.05 -5.84
CA ASP D 439 11.65 8.16 -6.49
C ASP D 439 10.40 8.10 -5.63
N HIS D 440 9.32 8.69 -6.16
CA HIS D 440 8.07 8.80 -5.41
C HIS D 440 8.27 9.29 -3.97
N LEU D 441 9.11 10.33 -3.84
CA LEU D 441 9.41 11.02 -2.58
C LEU D 441 10.50 10.32 -1.75
N VAL D 442 10.82 9.09 -2.11
CA VAL D 442 11.85 8.33 -1.42
C VAL D 442 13.21 8.71 -2.00
N VAL D 443 14.09 9.15 -1.12
CA VAL D 443 15.39 9.70 -1.51
C VAL D 443 16.50 8.70 -1.21
N ASP D 444 17.46 8.63 -2.13
CA ASP D 444 18.67 7.82 -1.96
C ASP D 444 19.91 8.65 -2.25
N GLN D 445 20.99 8.35 -1.54
CA GLN D 445 22.30 8.93 -1.82
C GLN D 445 23.25 7.78 -2.13
N PRO D 446 23.39 7.44 -3.42
CA PRO D 446 24.11 6.22 -3.82
C PRO D 446 25.63 6.28 -3.64
N LEU D 447 26.19 7.49 -3.63
CA LEU D 447 27.61 7.71 -3.34
C LEU D 447 27.89 7.88 -1.85
N ARG D 448 26.89 7.56 -1.03
CA ARG D 448 26.95 7.55 0.42
C ARG D 448 28.31 7.10 0.97
N GLY D 449 28.95 7.96 1.76
CA GLY D 449 30.21 7.63 2.43
C GLY D 449 31.40 7.47 1.50
N ARG D 450 31.21 7.89 0.25
CA ARG D 450 32.15 7.65 -0.82
C ARG D 450 32.10 8.84 -1.79
N GLU D 451 31.68 9.99 -1.26
CA GLU D 451 31.51 11.22 -2.05
C GLU D 451 32.83 11.76 -2.59
N ILE D 452 32.75 12.46 -3.72
CA ILE D 452 33.94 13.07 -4.33
C ILE D 452 34.30 14.36 -3.58
N VAL D 453 35.50 14.38 -3.01
CA VAL D 453 36.01 15.60 -2.37
C VAL D 453 36.45 16.59 -3.43
N VAL D 454 35.89 17.80 -3.38
CA VAL D 454 36.31 18.87 -4.28
C VAL D 454 37.45 19.64 -3.62
N PRO D 455 38.62 19.72 -4.29
CA PRO D 455 39.79 20.41 -3.78
C PRO D 455 39.54 21.92 -3.62
N ASP D 456 40.04 22.47 -2.52
CA ASP D 456 39.89 23.89 -2.19
C ASP D 456 40.26 24.84 -3.34
N ASP D 457 41.18 24.40 -4.20
CA ASP D 457 41.69 25.27 -5.29
C ASP D 457 40.92 25.17 -6.60
N ILE D 458 39.89 24.33 -6.65
CA ILE D 458 39.03 24.22 -7.84
C ILE D 458 37.92 25.27 -7.78
N GLU D 459 37.88 26.13 -8.79
CA GLU D 459 36.86 27.16 -8.90
C GLU D 459 35.59 26.62 -9.56
N TYR D 460 35.75 26.02 -10.74
CA TYR D 460 34.61 25.48 -11.49
C TYR D 460 34.58 23.96 -11.48
N VAL D 461 33.45 23.40 -11.06
CA VAL D 461 33.20 21.98 -11.24
C VAL D 461 32.41 21.79 -12.53
N TYR D 462 32.80 20.79 -13.32
CA TYR D 462 32.14 20.49 -14.59
C TYR D 462 31.23 19.29 -14.35
N LEU D 463 29.97 19.39 -14.78
CA LEU D 463 28.98 18.33 -14.53
C LEU D 463 28.31 17.89 -15.83
N ARG D 464 28.26 16.57 -16.05
CA ARG D 464 27.76 16.02 -17.31
C ARG D 464 26.80 14.85 -17.10
N VAL D 465 25.85 14.72 -18.02
CA VAL D 465 25.02 13.53 -18.10
C VAL D 465 24.98 13.05 -19.54
N THR D 466 25.20 11.74 -19.73
CA THR D 466 25.14 11.17 -21.06
C THR D 466 24.00 10.17 -21.10
N VAL D 467 23.00 10.48 -21.93
CA VAL D 467 21.79 9.68 -21.99
C VAL D 467 21.83 8.76 -23.19
N GLN D 468 21.65 7.48 -22.93
CA GLN D 468 21.67 6.46 -23.98
C GLN D 468 20.41 5.62 -23.92
N ALA D 469 19.32 6.19 -24.45
CA ALA D 469 18.00 5.54 -24.48
C ALA D 469 17.57 5.04 -23.10
N THR D 470 17.81 3.76 -22.81
CA THR D 470 17.30 3.14 -21.59
C THR D 470 18.04 3.54 -20.32
N THR D 471 19.30 3.93 -20.46
CA THR D 471 20.14 4.22 -19.30
C THR D 471 20.87 5.54 -19.44
N TYR D 472 21.32 6.08 -18.32
CA TYR D 472 22.18 7.25 -18.32
C TYR D 472 23.14 7.24 -17.16
N LYS D 473 24.20 8.05 -17.29
CA LYS D 473 25.29 8.08 -16.33
C LYS D 473 25.77 9.51 -16.16
N TYR D 474 26.13 9.84 -14.92
CA TYR D 474 26.71 11.14 -14.61
C TYR D 474 28.23 11.05 -14.57
N SER D 475 28.88 12.14 -14.96
CA SER D 475 30.33 12.26 -14.90
C SER D 475 30.72 13.70 -14.57
N TYR D 476 31.98 13.88 -14.15
CA TYR D 476 32.47 15.19 -13.71
C TYR D 476 33.91 15.45 -14.18
N SER D 477 34.32 16.72 -14.11
CA SER D 477 35.70 17.12 -14.37
C SER D 477 36.05 18.33 -13.53
N PHE D 478 37.34 18.47 -13.20
CA PHE D 478 37.80 19.65 -12.47
C PHE D 478 38.61 20.58 -13.38
N ASP D 479 38.68 20.26 -14.66
CA ASP D 479 39.51 21.01 -15.62
C ASP D 479 38.86 21.18 -16.99
N GLY D 480 37.83 20.38 -17.27
CA GLY D 480 37.09 20.47 -18.53
C GLY D 480 37.52 19.54 -19.63
N MET D 481 38.58 18.78 -19.37
CA MET D 481 39.19 17.92 -20.39
C MET D 481 39.26 16.46 -19.96
N ASN D 482 39.53 16.23 -18.68
CA ASN D 482 39.61 14.88 -18.12
C ASN D 482 38.39 14.55 -17.27
N TRP D 483 37.57 13.61 -17.75
CA TRP D 483 36.30 13.30 -17.10
C TRP D 483 36.31 11.95 -16.38
N ILE D 484 35.61 11.89 -15.24
CA ILE D 484 35.49 10.69 -14.45
C ILE D 484 34.02 10.27 -14.28
N ASP D 485 33.70 9.05 -14.69
CA ASP D 485 32.37 8.48 -14.48
C ASP D 485 32.10 8.27 -13.01
N LEU D 486 30.86 8.52 -12.61
CA LEU D 486 30.40 8.16 -11.27
C LEU D 486 29.75 6.78 -11.38
N PRO D 487 30.14 5.84 -10.50
CA PRO D 487 29.83 4.42 -10.67
C PRO D 487 28.37 4.02 -10.43
N VAL D 488 27.44 4.75 -11.05
CA VAL D 488 26.03 4.44 -10.93
C VAL D 488 25.33 4.55 -12.28
N THR D 489 24.67 3.48 -12.70
CA THR D 489 23.87 3.49 -13.92
C THR D 489 22.42 3.80 -13.55
N PHE D 490 21.88 4.84 -14.18
CA PHE D 490 20.50 5.24 -13.91
C PHE D 490 19.57 4.81 -15.03
N GLU D 491 18.30 4.66 -14.72
CA GLU D 491 17.34 4.16 -15.70
C GLU D 491 16.38 5.25 -16.13
N SER D 492 16.37 5.51 -17.43
CA SER D 492 15.54 6.55 -18.02
C SER D 492 14.03 6.35 -17.82
N TYR D 493 13.60 5.10 -17.64
CA TYR D 493 12.16 4.81 -17.47
C TYR D 493 11.58 5.42 -16.18
N LYS D 494 12.46 5.65 -15.20
CA LYS D 494 12.06 6.31 -13.94
C LYS D 494 11.78 7.82 -14.08
N LEU D 495 12.06 8.38 -15.25
CA LEU D 495 11.75 9.78 -15.58
C LEU D 495 10.70 9.87 -16.68
N SER D 496 9.75 8.92 -16.67
CA SER D 496 8.74 8.84 -17.71
C SER D 496 7.33 8.97 -17.13
N ASP D 497 6.40 9.42 -17.97
CA ASP D 497 4.97 9.50 -17.63
C ASP D 497 4.48 8.21 -16.99
N ASP D 498 4.78 7.10 -17.67
CA ASP D 498 4.26 5.77 -17.35
C ASP D 498 4.71 5.24 -15.99
N TYR D 499 5.86 5.69 -15.52
CA TYR D 499 6.37 5.24 -14.22
C TYR D 499 5.66 5.87 -13.02
N ILE D 500 5.07 7.05 -13.22
CA ILE D 500 4.47 7.79 -12.11
C ILE D 500 3.18 7.16 -11.58
N LYS D 501 3.16 6.84 -10.29
CA LYS D 501 2.03 6.13 -9.69
C LYS D 501 0.74 6.95 -9.50
N SER D 502 0.84 8.28 -9.51
CA SER D 502 -0.36 9.14 -9.38
C SER D 502 -1.22 9.20 -10.65
N ARG D 503 -0.64 8.83 -11.79
CA ARG D 503 -1.30 8.99 -13.10
C ARG D 503 -1.60 10.46 -13.50
N ALA D 504 -1.23 11.40 -12.65
CA ALA D 504 -1.17 12.81 -13.05
C ALA D 504 0.27 13.01 -13.46
N ALA D 505 0.57 12.63 -14.69
CA ALA D 505 1.93 12.52 -15.21
C ALA D 505 1.87 12.89 -16.68
N PHE D 506 1.91 14.20 -16.95
CA PHE D 506 1.51 14.72 -18.26
C PHE D 506 2.58 15.54 -18.92
N THR D 507 3.78 15.47 -18.37
CA THR D 507 4.88 16.32 -18.82
C THR D 507 5.95 15.51 -19.59
N GLY D 508 7.09 15.24 -18.96
CA GLY D 508 8.25 14.64 -19.63
C GLY D 508 9.54 15.03 -18.92
N ALA D 509 10.65 14.35 -19.24
CA ALA D 509 11.92 14.65 -18.57
C ALA D 509 12.53 15.98 -19.05
N PHE D 510 13.03 16.73 -18.08
CA PHE D 510 13.80 17.95 -18.30
C PHE D 510 15.22 17.73 -17.77
N VAL D 511 16.18 18.49 -18.30
CA VAL D 511 17.52 18.55 -17.75
C VAL D 511 17.88 20.01 -17.47
N GLY D 512 18.40 20.30 -16.29
CA GLY D 512 18.66 21.68 -15.92
C GLY D 512 19.59 21.97 -14.77
N MET D 513 19.68 23.24 -14.44
CA MET D 513 20.60 23.72 -13.42
C MET D 513 19.80 24.16 -12.21
N HIS D 514 20.21 23.69 -11.04
CA HIS D 514 19.51 23.95 -9.80
C HIS D 514 20.46 24.53 -8.75
N CYS D 515 19.93 25.35 -7.84
CA CYS D 515 20.65 25.77 -6.64
C CYS D 515 19.66 25.86 -5.48
N ARG D 516 19.99 25.19 -4.38
CA ARG D 516 19.19 25.20 -3.18
C ARG D 516 19.97 25.90 -2.07
N ASP D 517 19.28 26.73 -1.29
CA ASP D 517 19.83 27.23 -0.05
C ASP D 517 18.82 27.11 1.09
N GLY D 518 18.84 25.97 1.76
CA GLY D 518 17.91 25.69 2.86
C GLY D 518 18.17 26.44 4.15
N SER D 519 19.32 27.10 4.26
CA SER D 519 19.61 27.91 5.45
C SER D 519 19.06 29.32 5.28
N GLY D 520 18.87 29.73 4.02
CA GLY D 520 18.29 31.03 3.71
C GLY D 520 19.27 32.17 3.78
N GLN D 521 20.54 31.85 3.55
CA GLN D 521 21.63 32.83 3.59
C GLN D 521 21.91 33.43 2.20
N ASN D 522 21.02 33.14 1.25
CA ASN D 522 21.08 33.66 -0.11
C ASN D 522 22.35 33.27 -0.89
N ASN D 523 22.94 32.12 -0.53
CA ASN D 523 24.11 31.61 -1.24
C ASN D 523 23.73 31.20 -2.66
N TYR D 524 24.62 31.43 -3.60
CA TYR D 524 24.33 31.25 -5.03
C TYR D 524 25.38 30.42 -5.73
N ALA D 525 25.02 29.95 -6.93
CA ALA D 525 25.95 29.30 -7.82
C ALA D 525 25.98 30.03 -9.15
N ASP D 526 27.18 30.12 -9.72
CA ASP D 526 27.36 30.72 -11.03
C ASP D 526 27.56 29.63 -12.07
N PHE D 527 26.71 29.61 -13.08
CA PHE D 527 26.80 28.65 -14.18
C PHE D 527 27.37 29.31 -15.43
N ASP D 528 28.56 28.89 -15.84
CA ASP D 528 29.27 29.55 -16.94
C ASP D 528 28.70 29.18 -18.30
N TYR D 529 28.32 27.92 -18.49
CA TYR D 529 27.60 27.53 -19.69
C TYR D 529 26.64 26.36 -19.44
N PHE D 530 25.73 26.17 -20.39
CA PHE D 530 24.90 24.98 -20.43
C PHE D 530 24.92 24.40 -21.83
N LEU D 531 25.33 23.13 -21.92
CA LEU D 531 25.47 22.45 -23.21
C LEU D 531 24.43 21.34 -23.34
N TYR D 532 23.74 21.32 -24.48
CA TYR D 532 22.84 20.24 -24.84
C TYR D 532 23.12 19.85 -26.28
N LYS D 533 23.51 18.59 -26.47
CA LYS D 533 23.93 18.08 -27.76
C LYS D 533 23.41 16.67 -27.98
N GLU D 534 22.64 16.50 -29.06
CA GLU D 534 22.18 15.19 -29.49
C GLU D 534 23.35 14.35 -29.99
N LEU D 535 23.31 13.06 -29.68
CA LEU D 535 24.34 12.13 -30.08
C LEU D 535 23.78 11.05 -31.01
CA CA E . -29.67 36.13 9.85
O1 MES F . -10.42 46.28 19.91
C2 MES F . -11.69 45.63 20.12
C3 MES F . -11.54 44.13 19.86
N4 MES F . -10.70 43.89 18.67
C5 MES F . -9.69 44.83 18.15
C6 MES F . -10.00 46.28 18.56
C7 MES F . -10.90 42.60 17.98
C8 MES F . -9.60 41.81 17.90
S MES F . -9.81 40.36 16.80
O1S MES F . -8.57 39.57 16.46
O2S MES F . -11.22 39.84 16.66
O3S MES F . -9.82 39.53 18.04
C1 GOL G . 4.66 34.27 4.02
O1 GOL G . 3.72 33.55 3.25
C2 GOL G . 5.34 35.33 3.17
O2 GOL G . 4.83 35.48 1.86
C3 GOL G . 5.45 36.66 3.91
O3 GOL G . 5.81 37.70 3.01
CA CA H . -34.13 -33.22 3.52
O1 MES I . -14.16 -42.87 -9.07
C2 MES I . -14.69 -42.08 -7.97
C3 MES I . -15.53 -40.89 -8.46
N4 MES I . -15.49 -40.85 -9.95
C5 MES I . -14.22 -40.99 -10.67
C6 MES I . -13.36 -42.09 -10.00
C7 MES I . -16.74 -40.67 -10.70
C8 MES I . -17.23 -39.22 -10.62
S MES I . -18.73 -38.96 -11.66
O1S MES I . -19.84 -40.08 -11.69
O2S MES I . -19.11 -37.52 -11.99
O3S MES I . -19.39 -38.63 -10.28
C1 GOL J . 0.25 -34.61 -4.73
O1 GOL J . -0.28 -33.85 -3.67
C2 GOL J . 1.24 -35.64 -4.16
O2 GOL J . 0.89 -35.94 -2.82
C3 GOL J . 1.22 -36.88 -5.06
O3 GOL J . 1.65 -38.01 -4.35
CA CA K . 33.30 -33.95 6.25
C1 GOL L . -2.23 -33.64 15.62
O1 GOL L . -1.98 -35.03 15.74
C2 GOL L . -1.34 -33.05 14.53
O2 GOL L . -2.00 -33.13 13.29
C3 GOL L . -1.03 -31.59 14.84
O3 GOL L . -0.17 -31.12 13.83
CA CA M . 29.87 31.86 -19.98
O1 MES N . 6.81 37.06 -24.59
C2 MES N . 6.80 37.86 -25.80
C3 MES N . 7.31 37.03 -26.99
N4 MES N . 8.13 35.90 -26.50
C5 MES N . 8.94 36.00 -25.28
C6 MES N . 8.14 36.71 -24.16
C7 MES N . 8.14 34.64 -27.26
C8 MES N . 9.11 34.74 -28.46
S MES N . 10.24 33.30 -28.69
O1S MES N . 10.87 33.83 -27.42
O2S MES N . 8.96 32.55 -28.93
O3S MES N . 10.41 32.05 -27.89
C1 GOL O . -5.61 33.93 -14.14
O1 GOL O . -5.63 35.29 -13.77
C2 GOL O . -4.44 33.26 -13.41
O2 GOL O . -4.59 33.45 -12.02
C3 GOL O . -4.43 31.76 -13.71
O3 GOL O . -3.38 31.18 -12.99
#